data_8JPR
#
_entry.id   8JPR
#
_cell.length_a   1.00
_cell.length_b   1.00
_cell.length_c   1.00
_cell.angle_alpha   90.00
_cell.angle_beta   90.00
_cell.angle_gamma   90.00
#
_symmetry.space_group_name_H-M   'P 1'
#
loop_
_entity.id
_entity.type
_entity.pdbx_description
1 polymer 'H(+)/Cl(-) exchange transporter 6'
2 non-polymer 'CHLORIDE ION'
3 non-polymer 'MAGNESIUM ION'
4 non-polymer "ADENOSINE-5'-TRIPHOSPHATE"
#
_entity_poly.entity_id   1
_entity_poly.type   'polypeptide(L)'
_entity_poly.pdbx_seq_one_letter_code
;MAGCRGSLCCCCRWCCCCGERETRTPEELTILGETQEEEDEILPRKDYESLDYDRCINDPYLEVLETMDNKKGRRYEAVK
WMVVFAIGVCTGLVGLFVDFFVRLFTQLKFGVVQTSVEECSQKGCLALSLLELLGFNLTFVFLASLLVLIEPVAAGSGIP
EVKCYLNGVKVPGIVRLRTLLCKVLGVLFSVAGGLFVEKEGPMIHSGSVVGAGLPQFQSISLRKIQFNFPYFRSDRDKRD
FVSAGAAAGVAAAFGAPIGGTLFSLEEGSSFWNQGLTWKVLFCSMSATFTLNFFRSGIQFGSWGSFQLPGLLNFGEFKCS
DSDKKCHLWTAMDLGFFVVMGVIGGLLGATFNCLNKRLAKYRMRNVHPKPKLVRVLESLLVSLVTTVVVFVASMVLGECR
QMSSSSQIGNDSFQLQVTEDVNSSIKTFFCPNDTYNDMATLFFNPQESAILQLFHQDGTFSPVTLALFFVLYFLLACWTY
GISVPSGLFVPSLLCGAAFGRLVANVLKSYIGLGHIYSGTFALIGAAAFLGGVVRMTISLTVILIESTNEITCGLPIMVT
LMVAKWTGDFFNKGIYDIHVGLRGVPLLEWETEVEMDKLRASDIMEPNLTYVYPHTRIQSLVSILRTTVHHAFPVVTENR
GNEKEFMKGNQLISNNIKFKKSSILTRAGEQRKRSQSMKSYPSSELRNMCDEHIASEEPAEKEDLLQQMLERRYTPYPNL
YPDQSPSEDWTMEERFRPLTFHGLILRSQLVTLLVRGVCYSESQSSASQPRLSYAEMAEDYPRYPDIHDLDLTLLNPRMI
VDVTPYMNPSPFTVSPNTHVSQVFNLFRTMGLRHLPVVNAVGEIVGIITRHNLTYEFLQARLRQHYQTI
;
_entity_poly.pdbx_strand_id   A,B
#
loop_
_chem_comp.id
_chem_comp.type
_chem_comp.name
_chem_comp.formula
ATP non-polymer ADENOSINE-5'-TRIPHOSPHATE 'C10 H16 N5 O13 P3'
CL non-polymer 'CHLORIDE ION' 'Cl -1'
MG non-polymer 'MAGNESIUM ION' 'Mg 2'
#
# COMPACT_ATOMS: atom_id res chain seq x y z
N LYS A 46 11.12 25.61 18.57
CA LYS A 46 11.84 25.21 17.36
C LYS A 46 10.90 25.21 16.15
N ASP A 47 11.40 25.71 15.02
CA ASP A 47 10.61 25.84 13.81
C ASP A 47 11.15 24.91 12.73
N TYR A 48 10.24 24.30 11.98
CA TYR A 48 10.58 23.39 10.90
C TYR A 48 9.79 23.78 9.65
N GLU A 49 10.38 23.51 8.48
CA GLU A 49 9.79 23.86 7.21
C GLU A 49 9.44 22.60 6.44
N SER A 50 8.18 22.48 6.01
CA SER A 50 7.72 21.29 5.32
C SER A 50 8.32 21.20 3.92
N LEU A 51 8.05 20.07 3.28
CA LEU A 51 8.52 19.85 1.91
C LEU A 51 7.56 20.48 0.91
N ASP A 52 8.11 20.88 -0.23
CA ASP A 52 7.32 21.38 -1.36
C ASP A 52 6.95 20.24 -2.30
N TYR A 53 6.24 19.26 -1.74
CA TYR A 53 5.91 18.06 -2.51
C TYR A 53 4.94 18.37 -3.65
N ASP A 54 3.97 19.24 -3.41
CA ASP A 54 2.97 19.53 -4.43
C ASP A 54 3.62 20.12 -5.67
N ARG A 55 3.24 19.59 -6.83
CA ARG A 55 3.83 20.03 -8.09
C ARG A 55 3.28 21.41 -8.47
N CYS A 56 4.17 22.32 -8.84
CA CYS A 56 3.81 23.64 -9.29
C CYS A 56 3.92 23.69 -10.82
N ILE A 57 2.78 23.85 -11.49
CA ILE A 57 2.72 23.87 -12.94
C ILE A 57 2.49 25.32 -13.36
N ASN A 58 3.49 25.92 -14.00
CA ASN A 58 3.43 27.32 -14.42
C ASN A 58 3.95 27.41 -15.85
N ASP A 59 4.18 28.64 -16.31
CA ASP A 59 4.53 28.85 -17.71
C ASP A 59 5.84 28.19 -18.12
N PRO A 60 6.96 28.31 -17.39
CA PRO A 60 8.15 27.56 -17.79
C PRO A 60 7.93 26.06 -17.81
N TYR A 61 7.18 25.53 -16.83
CA TYR A 61 6.87 24.11 -16.82
C TYR A 61 6.04 23.73 -18.04
N LEU A 62 5.10 24.59 -18.44
CA LEU A 62 4.30 24.31 -19.63
C LEU A 62 5.16 24.32 -20.89
N GLU A 63 6.12 25.25 -20.96
CA GLU A 63 7.02 25.26 -22.11
C GLU A 63 7.86 23.99 -22.18
N VAL A 64 8.38 23.54 -21.03
CA VAL A 64 9.14 22.29 -20.99
C VAL A 64 8.26 21.12 -21.41
N LEU A 65 7.01 21.10 -20.93
CA LEU A 65 6.08 20.04 -21.31
C LEU A 65 5.83 20.04 -22.81
N GLU A 66 5.68 21.23 -23.40
CA GLU A 66 5.49 21.33 -24.84
C GLU A 66 6.71 20.80 -25.59
N THR A 67 7.91 21.09 -25.09
CA THR A 67 9.11 20.55 -25.73
C THR A 67 9.17 19.03 -25.62
N MET A 68 8.78 18.48 -24.46
CA MET A 68 8.89 17.05 -24.21
C MET A 68 7.88 16.23 -24.99
N ASP A 69 8.35 15.16 -25.63
CA ASP A 69 7.52 14.22 -26.38
C ASP A 69 7.55 12.85 -25.69
N ASN A 70 6.93 11.87 -26.33
CA ASN A 70 6.80 10.54 -25.73
C ASN A 70 8.16 9.86 -25.57
N LYS A 71 9.03 9.96 -26.58
CA LYS A 71 10.33 9.29 -26.53
C LYS A 71 11.17 9.84 -25.38
N LYS A 72 11.16 11.16 -25.19
CA LYS A 72 11.88 11.75 -24.08
C LYS A 72 11.32 11.27 -22.74
N GLY A 73 10.00 11.10 -22.66
CA GLY A 73 9.42 10.57 -21.43
C GLY A 73 9.86 9.15 -21.15
N ARG A 74 9.92 8.31 -22.19
CA ARG A 74 10.40 6.94 -21.99
C ARG A 74 11.85 6.92 -21.56
N ARG A 75 12.69 7.77 -22.15
CA ARG A 75 14.08 7.87 -21.73
C ARG A 75 14.19 8.33 -20.29
N TYR A 76 13.36 9.30 -19.90
CA TYR A 76 13.35 9.78 -18.51
C TYR A 76 12.98 8.66 -17.55
N GLU A 77 11.98 7.86 -17.91
CA GLU A 77 11.56 6.77 -17.03
C GLU A 77 12.65 5.70 -16.92
N ALA A 78 13.35 5.42 -18.03
CA ALA A 78 14.48 4.49 -17.97
C ALA A 78 15.59 5.00 -17.06
N VAL A 79 15.91 6.30 -17.16
CA VAL A 79 16.92 6.88 -16.30
C VAL A 79 16.48 6.80 -14.83
N LYS A 80 15.19 6.98 -14.58
CA LYS A 80 14.68 6.83 -13.22
C LYS A 80 14.90 5.41 -12.71
N TRP A 81 14.63 4.41 -13.56
CA TRP A 81 14.88 3.03 -13.15
C TRP A 81 16.36 2.80 -12.83
N MET A 82 17.25 3.35 -13.66
CA MET A 82 18.69 3.22 -13.42
C MET A 82 19.08 3.85 -12.08
N VAL A 83 18.53 5.03 -11.79
CA VAL A 83 18.84 5.69 -10.52
C VAL A 83 18.36 4.86 -9.34
N VAL A 84 17.16 4.27 -9.46
CA VAL A 84 16.65 3.43 -8.37
C VAL A 84 17.56 2.23 -8.14
N PHE A 85 18.00 1.58 -9.22
CA PHE A 85 18.90 0.45 -9.09
C PHE A 85 20.22 0.85 -8.43
N ALA A 86 20.77 2.01 -8.83
CA ALA A 86 22.01 2.48 -8.24
C ALA A 86 21.83 2.75 -6.74
N ILE A 87 20.70 3.34 -6.36
CA ILE A 87 20.43 3.59 -4.95
C ILE A 87 20.40 2.29 -4.16
N GLY A 88 19.73 1.27 -4.70
CA GLY A 88 19.68 -0.01 -4.02
C GLY A 88 21.06 -0.64 -3.86
N VAL A 89 21.86 -0.60 -4.93
CA VAL A 89 23.20 -1.18 -4.86
C VAL A 89 24.06 -0.45 -3.84
N CYS A 90 23.97 0.88 -3.81
CA CYS A 90 24.77 1.64 -2.85
C CYS A 90 24.35 1.35 -1.42
N THR A 91 23.05 1.20 -1.17
CA THR A 91 22.61 0.85 0.17
C THR A 91 23.13 -0.53 0.57
N GLY A 92 23.08 -1.49 -0.35
CA GLY A 92 23.64 -2.80 -0.07
C GLY A 92 25.13 -2.76 0.25
N LEU A 93 25.87 -1.96 -0.50
CA LEU A 93 27.30 -1.83 -0.24
C LEU A 93 27.60 -1.17 1.10
N VAL A 94 26.79 -0.17 1.49
CA VAL A 94 26.95 0.43 2.81
C VAL A 94 26.70 -0.61 3.90
N GLY A 95 25.65 -1.41 3.74
CA GLY A 95 25.39 -2.47 4.71
C GLY A 95 26.53 -3.46 4.81
N LEU A 96 27.12 -3.83 3.66
CA LEU A 96 28.27 -4.72 3.65
C LEU A 96 29.44 -4.10 4.40
N PHE A 97 29.71 -2.81 4.15
CA PHE A 97 30.78 -2.11 4.86
C PHE A 97 30.59 -2.20 6.37
N VAL A 98 29.39 -1.84 6.84
CA VAL A 98 29.13 -1.82 8.27
C VAL A 98 29.28 -3.22 8.86
N ASP A 99 28.69 -4.23 8.22
CA ASP A 99 28.77 -5.58 8.75
C ASP A 99 30.21 -6.07 8.82
N PHE A 100 30.98 -5.86 7.74
CA PHE A 100 32.34 -6.39 7.69
C PHE A 100 33.22 -5.76 8.77
N PHE A 101 33.21 -4.43 8.90
CA PHE A 101 34.05 -3.86 9.96
C PHE A 101 33.54 -4.12 11.36
N VAL A 102 32.22 -4.20 11.57
CA VAL A 102 31.72 -4.57 12.90
C VAL A 102 32.23 -5.94 13.29
N ARG A 103 32.11 -6.92 12.38
CA ARG A 103 32.61 -8.26 12.66
C ARG A 103 34.12 -8.27 12.89
N LEU A 104 34.89 -7.56 12.06
CA LEU A 104 36.34 -7.56 12.24
C LEU A 104 36.73 -7.01 13.61
N PHE A 105 36.21 -5.84 13.97
CA PHE A 105 36.58 -5.23 15.25
C PHE A 105 36.12 -6.08 16.43
N THR A 106 34.89 -6.60 16.37
CA THR A 106 34.38 -7.42 17.47
C THR A 106 35.21 -8.68 17.64
N GLN A 107 35.53 -9.36 16.54
CA GLN A 107 36.32 -10.57 16.64
C GLN A 107 37.73 -10.29 17.16
N LEU A 108 38.34 -9.19 16.73
CA LEU A 108 39.66 -8.84 17.22
C LEU A 108 39.66 -8.61 18.72
N LYS A 109 38.75 -7.74 19.20
CA LYS A 109 38.74 -7.43 20.62
C LYS A 109 38.38 -8.66 21.46
N PHE A 110 37.45 -9.49 20.98
CA PHE A 110 37.10 -10.69 21.74
C PHE A 110 38.19 -11.75 21.72
N GLY A 111 38.97 -11.85 20.64
CA GLY A 111 40.12 -12.75 20.67
C GLY A 111 41.16 -12.29 21.67
N VAL A 112 41.44 -10.98 21.71
CA VAL A 112 42.39 -10.47 22.69
C VAL A 112 41.89 -10.73 24.11
N VAL A 113 40.60 -10.47 24.34
CA VAL A 113 40.03 -10.73 25.67
C VAL A 113 40.08 -12.21 26.01
N GLN A 114 39.84 -13.07 25.01
CA GLN A 114 39.90 -14.51 25.25
C GLN A 114 41.28 -14.95 25.70
N THR A 115 42.32 -14.51 24.99
CA THR A 115 43.69 -14.87 25.38
C THR A 115 44.01 -14.31 26.77
N SER A 116 43.63 -13.06 27.03
CA SER A 116 43.92 -12.45 28.32
C SER A 116 43.23 -13.21 29.45
N VAL A 117 41.96 -13.61 29.25
CA VAL A 117 41.25 -14.37 30.27
C VAL A 117 41.90 -15.72 30.48
N GLU A 118 42.28 -16.40 29.39
CA GLU A 118 42.90 -17.71 29.52
C GLU A 118 44.18 -17.64 30.34
N GLU A 119 45.02 -16.63 30.09
CA GLU A 119 46.25 -16.52 30.86
C GLU A 119 45.98 -16.07 32.31
N CYS A 120 45.13 -15.06 32.48
CA CYS A 120 44.95 -14.44 33.79
C CYS A 120 44.15 -15.32 34.75
N SER A 121 43.26 -16.18 34.25
CA SER A 121 42.57 -17.11 35.13
C SER A 121 43.53 -18.16 35.69
N GLN A 122 44.45 -18.66 34.85
CA GLN A 122 45.49 -19.54 35.35
C GLN A 122 46.37 -18.82 36.36
N LYS A 123 46.73 -17.56 36.07
CA LYS A 123 47.44 -16.78 37.08
C LYS A 123 46.54 -16.43 38.26
N GLY A 124 45.23 -16.29 38.00
CA GLY A 124 44.29 -15.91 39.04
C GLY A 124 44.07 -14.42 39.18
N CYS A 125 44.70 -13.60 38.33
CA CYS A 125 44.58 -12.15 38.46
C CYS A 125 43.17 -11.66 38.13
N LEU A 126 42.58 -12.15 37.05
CA LEU A 126 41.19 -11.85 36.67
C LEU A 126 40.92 -10.34 36.63
N ALA A 127 41.97 -9.56 36.36
CA ALA A 127 41.82 -8.11 36.37
C ALA A 127 42.32 -7.46 35.08
N LEU A 128 43.40 -7.99 34.51
CA LEU A 128 43.99 -7.39 33.32
C LEU A 128 43.05 -7.52 32.12
N SER A 129 42.32 -8.63 32.03
CA SER A 129 41.34 -8.79 30.97
C SER A 129 40.25 -7.72 31.06
N LEU A 130 39.81 -7.41 32.28
CA LEU A 130 38.85 -6.33 32.46
C LEU A 130 39.42 -5.01 31.98
N LEU A 131 40.70 -4.75 32.27
CA LEU A 131 41.31 -3.50 31.84
C LEU A 131 41.38 -3.42 30.32
N GLU A 132 41.75 -4.51 29.65
CA GLU A 132 41.81 -4.48 28.19
C GLU A 132 40.44 -4.32 27.57
N LEU A 133 39.44 -5.02 28.11
CA LEU A 133 38.07 -4.88 27.60
C LEU A 133 37.58 -3.45 27.80
N LEU A 134 37.88 -2.85 28.95
CA LEU A 134 37.50 -1.47 29.20
C LEU A 134 38.19 -0.53 28.23
N GLY A 135 39.49 -0.77 27.97
CA GLY A 135 40.19 0.08 27.01
C GLY A 135 39.55 0.03 25.63
N PHE A 136 39.29 -1.18 25.13
CA PHE A 136 38.62 -1.32 23.84
C PHE A 136 37.25 -0.64 23.81
N ASN A 137 36.40 -0.92 24.80
CA ASN A 137 35.04 -0.37 24.83
C ASN A 137 35.05 1.14 24.94
N LEU A 138 35.84 1.70 25.86
CA LEU A 138 35.88 3.14 26.02
C LEU A 138 36.45 3.84 24.79
N THR A 139 37.50 3.28 24.17
CA THR A 139 38.02 3.89 22.96
C THR A 139 36.99 3.91 21.85
N PHE A 140 36.29 2.77 21.66
CA PHE A 140 35.29 2.72 20.60
C PHE A 140 34.14 3.67 20.87
N VAL A 141 33.67 3.75 22.12
CA VAL A 141 32.56 4.63 22.44
C VAL A 141 32.96 6.10 22.31
N PHE A 142 34.19 6.43 22.70
CA PHE A 142 34.67 7.80 22.53
C PHE A 142 34.74 8.19 21.06
N LEU A 143 35.26 7.29 20.22
CA LEU A 143 35.31 7.57 18.79
C LEU A 143 33.92 7.66 18.19
N ALA A 144 32.96 6.90 18.71
CA ALA A 144 31.59 6.99 18.22
C ALA A 144 30.88 8.26 18.68
N SER A 145 31.20 8.76 19.87
CA SER A 145 30.55 9.97 20.39
C SER A 145 31.14 11.25 19.82
N LEU A 146 32.44 11.25 19.47
CA LEU A 146 32.99 12.43 18.82
C LEU A 146 32.31 12.70 17.48
N LEU A 147 32.04 11.64 16.72
CA LEU A 147 31.38 11.78 15.42
C LEU A 147 29.95 12.26 15.54
N VAL A 148 29.33 12.12 16.71
CA VAL A 148 27.97 12.60 16.91
C VAL A 148 28.02 14.04 17.41
N LEU A 149 29.07 14.36 18.17
CA LEU A 149 29.31 15.77 18.48
C LEU A 149 29.59 16.58 17.22
N ILE A 150 30.19 15.95 16.21
CA ILE A 150 30.38 16.64 14.94
C ILE A 150 29.03 16.89 14.26
N GLU A 151 28.19 15.86 14.18
CA GLU A 151 26.88 15.96 13.55
C GLU A 151 25.80 15.56 14.56
N PRO A 152 25.13 16.52 15.19
CA PRO A 152 24.19 16.17 16.28
C PRO A 152 23.04 15.27 15.85
N VAL A 153 22.56 15.39 14.60
CA VAL A 153 21.40 14.62 14.18
C VAL A 153 21.69 13.13 13.98
N ALA A 154 22.95 12.72 14.11
CA ALA A 154 23.28 11.31 13.99
C ALA A 154 22.96 10.53 15.26
N ALA A 155 22.64 11.22 16.35
CA ALA A 155 22.37 10.54 17.62
C ALA A 155 21.10 9.72 17.54
N GLY A 156 21.16 8.51 18.09
CA GLY A 156 20.00 7.65 18.17
C GLY A 156 19.65 6.99 16.85
N SER A 157 18.57 6.23 16.88
CA SER A 157 18.08 5.58 15.68
C SER A 157 17.58 6.61 14.68
N GLY A 158 17.68 6.25 13.39
CA GLY A 158 17.26 7.18 12.35
C GLY A 158 15.77 7.22 12.09
N ILE A 159 15.02 6.24 12.62
CA ILE A 159 13.58 6.18 12.35
C ILE A 159 12.86 7.43 12.83
N PRO A 160 13.12 7.98 14.03
CA PRO A 160 12.46 9.24 14.40
C PRO A 160 12.73 10.37 13.42
N GLU A 161 13.89 10.40 12.79
CA GLU A 161 14.23 11.43 11.81
C GLU A 161 13.82 11.05 10.39
N VAL A 162 13.37 9.82 10.18
CA VAL A 162 12.84 9.41 8.88
C VAL A 162 11.32 9.45 8.84
N LYS A 163 10.64 9.13 9.95
CA LYS A 163 9.19 9.30 10.01
C LYS A 163 8.78 10.74 9.77
N CYS A 164 9.64 11.69 10.12
CA CYS A 164 9.35 13.11 9.90
C CYS A 164 9.63 13.55 8.47
N TYR A 165 10.74 13.11 7.89
CA TYR A 165 11.04 13.48 6.50
C TYR A 165 10.01 12.88 5.54
N LEU A 166 9.63 11.62 5.76
CA LEU A 166 8.58 11.04 4.94
C LEU A 166 7.24 11.74 5.17
N ASN A 167 7.04 12.27 6.38
CA ASN A 167 5.92 13.18 6.62
C ASN A 167 6.13 14.55 6.00
N GLY A 168 7.35 14.87 5.58
CA GLY A 168 7.64 16.15 4.99
C GLY A 168 7.80 17.25 6.03
N VAL A 169 8.76 17.09 6.95
CA VAL A 169 8.97 18.10 7.98
C VAL A 169 10.35 18.73 7.78
N LYS A 170 11.26 17.99 7.14
CA LYS A 170 12.61 18.46 6.85
C LYS A 170 13.34 18.90 8.12
N VAL A 171 13.56 17.92 9.00
CA VAL A 171 14.43 18.19 10.16
C VAL A 171 15.82 18.56 9.64
N PRO A 172 16.42 19.65 10.09
CA PRO A 172 17.70 20.08 9.50
C PRO A 172 18.80 19.05 9.72
N GLY A 173 19.38 18.59 8.61
CA GLY A 173 20.50 17.69 8.65
C GLY A 173 20.18 16.22 8.44
N ILE A 174 18.95 15.88 8.06
CA ILE A 174 18.61 14.47 7.81
C ILE A 174 19.46 13.93 6.67
N VAL A 175 19.33 14.52 5.49
CA VAL A 175 19.94 13.99 4.27
C VAL A 175 21.14 14.89 3.95
N ARG A 176 22.33 14.38 4.27
CA ARG A 176 23.56 15.11 4.04
C ARG A 176 24.71 14.10 4.05
N LEU A 177 25.75 14.41 3.28
CA LEU A 177 26.90 13.51 3.19
C LEU A 177 27.59 13.35 4.54
N ARG A 178 27.77 14.45 5.26
CA ARG A 178 28.44 14.38 6.56
C ARG A 178 27.64 13.56 7.55
N THR A 179 26.30 13.69 7.53
CA THR A 179 25.47 12.87 8.41
C THR A 179 25.63 11.39 8.08
N LEU A 180 25.65 11.04 6.80
CA LEU A 180 25.85 9.65 6.41
C LEU A 180 27.20 9.13 6.89
N LEU A 181 28.27 9.89 6.66
CA LEU A 181 29.60 9.45 7.09
C LEU A 181 29.65 9.28 8.61
N CYS A 182 29.15 10.27 9.34
CA CYS A 182 29.16 10.20 10.79
C CYS A 182 28.36 9.03 11.33
N LYS A 183 27.15 8.78 10.83
CA LYS A 183 26.35 7.65 11.28
C LYS A 183 26.96 6.31 10.92
N VAL A 184 27.46 6.15 9.69
CA VAL A 184 28.04 4.87 9.28
C VAL A 184 29.28 4.57 10.09
N LEU A 185 30.15 5.56 10.27
CA LEU A 185 31.38 5.31 11.03
C LEU A 185 31.15 5.33 12.53
N GLY A 186 29.98 5.79 13.00
CA GLY A 186 29.69 5.71 14.41
C GLY A 186 28.99 4.43 14.81
N VAL A 187 28.25 3.82 13.88
CA VAL A 187 27.59 2.55 14.19
C VAL A 187 28.62 1.47 14.47
N LEU A 188 29.64 1.37 13.61
CA LEU A 188 30.65 0.32 13.77
C LEU A 188 31.60 0.60 14.92
N PHE A 189 31.57 1.80 15.50
CA PHE A 189 32.34 2.09 16.70
C PHE A 189 31.49 2.07 17.96
N SER A 190 30.17 2.08 17.82
CA SER A 190 29.26 1.97 18.95
C SER A 190 28.86 0.52 19.24
N VAL A 191 28.41 -0.22 18.22
CA VAL A 191 28.01 -1.60 18.47
C VAL A 191 29.22 -2.47 18.77
N ALA A 192 30.40 -2.08 18.27
CA ALA A 192 31.62 -2.81 18.59
C ALA A 192 32.10 -2.55 20.01
N GLY A 193 31.56 -1.55 20.70
CA GLY A 193 31.91 -1.24 22.06
C GLY A 193 31.06 -1.91 23.11
N GLY A 194 30.20 -2.86 22.73
CA GLY A 194 29.35 -3.55 23.68
C GLY A 194 28.36 -2.64 24.37
N LEU A 195 27.68 -1.79 23.61
CA LEU A 195 26.76 -0.80 24.15
C LEU A 195 25.31 -1.28 24.14
N PHE A 196 25.07 -2.55 23.83
CA PHE A 196 23.71 -3.11 23.75
C PHE A 196 22.86 -2.31 22.75
N VAL A 197 23.44 -2.03 21.59
CA VAL A 197 22.75 -1.31 20.52
C VAL A 197 22.73 -2.19 19.29
N GLU A 198 22.15 -1.67 18.20
CA GLU A 198 21.95 -2.45 16.99
C GLU A 198 22.52 -1.72 15.79
N LYS A 199 22.44 -2.40 14.64
CA LYS A 199 22.88 -1.83 13.37
C LYS A 199 21.76 -1.67 12.37
N GLU A 200 20.63 -2.37 12.54
CA GLU A 200 19.56 -2.33 11.57
C GLU A 200 18.70 -1.07 11.67
N GLY A 201 18.79 -0.34 12.77
CA GLY A 201 18.11 0.92 12.91
C GLY A 201 18.69 2.00 12.03
N PRO A 202 19.98 2.32 12.24
CA PRO A 202 20.62 3.35 11.42
C PRO A 202 20.72 3.00 9.94
N MET A 203 20.53 1.74 9.56
CA MET A 203 20.55 1.39 8.14
C MET A 203 19.43 2.07 7.37
N ILE A 204 18.28 2.28 8.02
CA ILE A 204 17.18 2.98 7.36
C ILE A 204 17.57 4.42 7.06
N HIS A 205 18.17 5.10 8.03
CA HIS A 205 18.62 6.47 7.80
C HIS A 205 19.71 6.54 6.75
N SER A 206 20.64 5.58 6.77
CA SER A 206 21.70 5.56 5.76
C SER A 206 21.12 5.35 4.36
N GLY A 207 20.17 4.44 4.21
CA GLY A 207 19.50 4.27 2.92
C GLY A 207 18.75 5.50 2.48
N SER A 208 18.09 6.19 3.42
CA SER A 208 17.39 7.42 3.08
C SER A 208 18.37 8.49 2.59
N VAL A 209 19.51 8.63 3.26
CA VAL A 209 20.50 9.61 2.83
C VAL A 209 21.03 9.26 1.45
N VAL A 210 21.33 7.98 1.21
CA VAL A 210 21.82 7.56 -0.11
C VAL A 210 20.78 7.83 -1.19
N GLY A 211 19.51 7.54 -0.89
CA GLY A 211 18.47 7.76 -1.88
C GLY A 211 18.20 9.22 -2.14
N ALA A 212 18.46 10.08 -1.16
CA ALA A 212 18.34 11.52 -1.40
C ALA A 212 19.53 12.05 -2.18
N GLY A 213 20.71 11.47 -1.97
CA GLY A 213 21.92 11.99 -2.58
C GLY A 213 22.19 11.55 -4.00
N LEU A 214 21.92 10.27 -4.31
CA LEU A 214 22.30 9.74 -5.62
C LEU A 214 21.58 10.42 -6.79
N PRO A 215 20.26 10.62 -6.77
CA PRO A 215 19.61 11.25 -7.94
C PRO A 215 20.13 12.64 -8.26
N GLN A 216 20.53 13.42 -7.27
CA GLN A 216 21.10 14.73 -7.54
C GLN A 216 22.54 14.57 -8.03
N PHE A 217 22.79 14.98 -9.26
CA PHE A 217 24.13 14.83 -9.85
C PHE A 217 25.02 15.99 -9.45
N TYR A 231 17.77 17.03 -14.22
CA TYR A 231 16.42 16.69 -13.78
C TYR A 231 16.44 16.14 -12.35
N PHE A 232 15.29 15.66 -11.89
CA PHE A 232 15.09 15.09 -10.55
C PHE A 232 15.34 16.10 -9.44
N ARG A 233 15.31 17.39 -9.74
CA ARG A 233 15.63 18.40 -8.73
C ARG A 233 14.51 18.54 -7.70
N SER A 234 13.26 18.61 -8.16
CA SER A 234 12.16 18.99 -7.28
C SER A 234 11.98 17.98 -6.15
N ASP A 235 11.45 18.49 -5.02
CA ASP A 235 11.16 17.63 -3.87
C ASP A 235 10.14 16.56 -4.18
N ARG A 236 9.32 16.75 -5.21
CA ARG A 236 8.38 15.71 -5.64
C ARG A 236 9.11 14.42 -5.98
N ASP A 237 10.33 14.53 -6.50
CA ASP A 237 11.16 13.37 -6.78
C ASP A 237 12.03 12.97 -5.59
N LYS A 238 12.49 13.96 -4.82
CA LYS A 238 13.34 13.65 -3.66
C LYS A 238 12.60 12.82 -2.63
N ARG A 239 11.33 13.14 -2.37
CA ARG A 239 10.57 12.37 -1.39
C ARG A 239 10.39 10.92 -1.86
N ASP A 240 10.11 10.73 -3.14
CA ASP A 240 9.99 9.37 -3.68
C ASP A 240 11.32 8.62 -3.57
N PHE A 241 12.43 9.31 -3.86
CA PHE A 241 13.73 8.65 -3.80
C PHE A 241 14.13 8.31 -2.37
N VAL A 242 13.78 9.16 -1.39
CA VAL A 242 14.05 8.79 -0.01
C VAL A 242 13.11 7.69 0.47
N SER A 243 11.90 7.61 -0.07
CA SER A 243 11.05 6.44 0.21
C SER A 243 11.72 5.17 -0.29
N ALA A 244 12.24 5.20 -1.51
CA ALA A 244 12.96 4.04 -2.05
C ALA A 244 14.19 3.73 -1.21
N GLY A 245 14.92 4.76 -0.78
CA GLY A 245 16.10 4.54 0.03
C GLY A 245 15.78 3.92 1.38
N ALA A 246 14.70 4.38 2.02
CA ALA A 246 14.28 3.79 3.29
C ALA A 246 13.84 2.34 3.09
N ALA A 247 13.13 2.05 2.01
CA ALA A 247 12.76 0.66 1.72
C ALA A 247 13.99 -0.21 1.53
N ALA A 248 14.98 0.30 0.79
CA ALA A 248 16.21 -0.46 0.59
C ALA A 248 16.96 -0.66 1.90
N GLY A 249 16.96 0.36 2.76
CA GLY A 249 17.61 0.22 4.05
C GLY A 249 16.96 -0.83 4.92
N VAL A 250 15.63 -0.85 4.96
CA VAL A 250 14.93 -1.88 5.73
C VAL A 250 15.20 -3.26 5.15
N ALA A 251 15.19 -3.38 3.82
CA ALA A 251 15.43 -4.67 3.18
C ALA A 251 16.83 -5.19 3.49
N ALA A 252 17.84 -4.31 3.41
CA ALA A 252 19.20 -4.72 3.71
C ALA A 252 19.36 -5.04 5.19
N ALA A 253 18.65 -4.31 6.05
CA ALA A 253 18.78 -4.51 7.48
C ALA A 253 18.19 -5.85 7.91
N PHE A 254 16.97 -6.16 7.48
CA PHE A 254 16.25 -7.31 8.00
C PHE A 254 16.08 -8.44 6.99
N GLY A 255 16.46 -8.23 5.74
CA GLY A 255 16.25 -9.25 4.72
C GLY A 255 14.85 -9.32 4.18
N ALA A 256 14.00 -8.34 4.48
CA ALA A 256 12.62 -8.33 4.02
C ALA A 256 12.40 -7.16 3.07
N PRO A 257 12.36 -7.39 1.75
CA PRO A 257 12.12 -6.29 0.81
C PRO A 257 10.67 -5.80 0.84
N ILE A 258 9.73 -6.74 0.94
CA ILE A 258 8.32 -6.38 1.01
C ILE A 258 8.03 -5.63 2.31
N GLY A 259 8.68 -6.04 3.40
CA GLY A 259 8.58 -5.27 4.63
C GLY A 259 9.07 -3.84 4.45
N GLY A 260 10.16 -3.68 3.70
CA GLY A 260 10.68 -2.33 3.46
C GLY A 260 9.74 -1.48 2.63
N THR A 261 9.19 -2.04 1.55
CA THR A 261 8.28 -1.24 0.73
C THR A 261 6.99 -0.92 1.48
N LEU A 262 6.52 -1.84 2.32
CA LEU A 262 5.35 -1.54 3.14
C LEU A 262 5.66 -0.51 4.23
N PHE A 263 6.86 -0.52 4.78
CA PHE A 263 7.27 0.54 5.70
C PHE A 263 7.28 1.90 5.01
N SER A 264 7.82 1.95 3.80
CA SER A 264 7.84 3.20 3.05
C SER A 264 6.43 3.68 2.74
N LEU A 265 5.54 2.76 2.36
CA LEU A 265 4.15 3.14 2.13
C LEU A 265 3.46 3.62 3.39
N GLU A 266 3.70 2.95 4.52
CA GLU A 266 3.01 3.27 5.76
C GLU A 266 3.47 4.59 6.36
N GLU A 267 4.77 4.89 6.31
CA GLU A 267 5.26 6.12 6.89
C GLU A 267 4.98 7.32 6.00
N GLY A 268 5.40 7.25 4.73
CA GLY A 268 5.09 8.30 3.79
C GLY A 268 3.70 8.16 3.22
N SER A 269 2.69 8.36 4.06
CA SER A 269 1.31 8.17 3.65
C SER A 269 0.94 9.14 2.54
N SER A 270 0.45 8.62 1.43
CA SER A 270 0.05 9.44 0.30
C SER A 270 -0.85 8.63 -0.60
N PHE A 271 -1.26 9.24 -1.71
CA PHE A 271 -2.09 8.55 -2.68
C PHE A 271 -1.33 7.37 -3.29
N TRP A 272 -2.09 6.37 -3.72
CA TRP A 272 -1.48 5.17 -4.28
C TRP A 272 -0.75 5.50 -5.57
N ASN A 273 0.50 5.08 -5.67
CA ASN A 273 1.34 5.32 -6.84
C ASN A 273 2.00 3.99 -7.21
N GLN A 274 1.37 3.26 -8.13
CA GLN A 274 1.90 1.95 -8.51
C GLN A 274 3.25 2.07 -9.18
N GLY A 275 3.42 3.08 -10.04
CA GLY A 275 4.69 3.26 -10.73
C GLY A 275 5.84 3.55 -9.79
N LEU A 276 5.53 4.02 -8.58
CA LEU A 276 6.57 4.26 -7.58
C LEU A 276 6.73 3.06 -6.65
N THR A 277 5.63 2.38 -6.32
CA THR A 277 5.73 1.20 -5.47
C THR A 277 6.52 0.10 -6.16
N TRP A 278 6.33 -0.06 -7.47
CA TRP A 278 7.12 -1.02 -8.22
C TRP A 278 8.60 -0.69 -8.14
N LYS A 279 8.96 0.59 -8.28
CA LYS A 279 10.36 0.98 -8.24
C LYS A 279 10.96 0.78 -6.85
N VAL A 280 10.21 1.11 -5.79
CA VAL A 280 10.76 0.94 -4.44
C VAL A 280 10.88 -0.54 -4.10
N LEU A 281 9.97 -1.37 -4.58
CA LEU A 281 10.13 -2.81 -4.41
C LEU A 281 11.37 -3.31 -5.13
N PHE A 282 11.62 -2.81 -6.35
CA PHE A 282 12.83 -3.18 -7.06
C PHE A 282 14.07 -2.74 -6.30
N CYS A 283 14.05 -1.53 -5.73
CA CYS A 283 15.19 -1.05 -4.97
C CYS A 283 15.45 -1.93 -3.76
N SER A 284 14.40 -2.30 -3.03
CA SER A 284 14.58 -3.16 -1.87
C SER A 284 15.13 -4.52 -2.26
N MET A 285 14.59 -5.12 -3.32
CA MET A 285 15.09 -6.43 -3.76
C MET A 285 16.54 -6.34 -4.20
N SER A 286 16.91 -5.31 -4.96
CA SER A 286 18.29 -5.16 -5.39
C SER A 286 19.23 -4.97 -4.22
N ALA A 287 18.85 -4.17 -3.22
CA ALA A 287 19.71 -3.98 -2.05
C ALA A 287 19.87 -5.28 -1.28
N THR A 288 18.77 -5.97 -0.98
CA THR A 288 18.87 -7.19 -0.19
C THR A 288 19.47 -8.36 -0.95
N PHE A 289 19.59 -8.27 -2.27
CA PHE A 289 20.23 -9.33 -3.03
C PHE A 289 21.63 -8.98 -3.51
N THR A 290 22.08 -7.73 -3.36
CA THR A 290 23.50 -7.46 -3.47
C THR A 290 24.21 -7.60 -2.13
N LEU A 291 23.56 -7.21 -1.03
CA LEU A 291 24.14 -7.48 0.29
C LEU A 291 24.27 -8.97 0.52
N ASN A 292 23.24 -9.74 0.17
CA ASN A 292 23.32 -11.20 0.26
C ASN A 292 24.46 -11.74 -0.59
N PHE A 293 24.58 -11.27 -1.83
CA PHE A 293 25.61 -11.79 -2.73
C PHE A 293 27.00 -11.54 -2.19
N PHE A 294 27.24 -10.35 -1.63
CA PHE A 294 28.57 -10.06 -1.10
C PHE A 294 28.84 -10.79 0.22
N ARG A 295 27.87 -10.80 1.14
CA ARG A 295 28.11 -11.38 2.45
C ARG A 295 28.15 -12.91 2.43
N SER A 296 27.49 -13.55 1.47
CA SER A 296 27.59 -14.99 1.31
C SER A 296 28.76 -15.39 0.43
N GLY A 297 29.42 -14.44 -0.21
CA GLY A 297 30.60 -14.71 -1.00
C GLY A 297 31.87 -14.38 -0.23
N ILE A 298 31.74 -13.62 0.84
CA ILE A 298 32.90 -13.30 1.68
C ILE A 298 33.05 -14.30 2.82
N GLN A 299 31.98 -14.56 3.56
CA GLN A 299 32.06 -15.51 4.67
C GLN A 299 32.35 -16.92 4.17
N PHE A 300 31.68 -17.34 3.11
CA PHE A 300 31.87 -18.66 2.52
C PHE A 300 32.87 -18.56 1.36
N GLY A 301 33.01 -19.65 0.62
CA GLY A 301 33.88 -19.66 -0.54
C GLY A 301 33.12 -19.48 -1.83
N SER A 302 31.89 -19.98 -1.87
CA SER A 302 31.05 -19.85 -3.06
C SER A 302 30.65 -18.39 -3.26
N TRP A 303 30.83 -17.89 -4.48
CA TRP A 303 30.52 -16.50 -4.77
C TRP A 303 29.13 -16.32 -5.35
N GLY A 304 28.74 -17.11 -6.34
CA GLY A 304 27.45 -16.95 -6.97
C GLY A 304 26.27 -17.31 -6.10
N SER A 305 26.51 -18.05 -5.02
CA SER A 305 25.41 -18.51 -4.17
C SER A 305 24.86 -17.37 -3.33
N PHE A 306 23.60 -17.51 -2.94
CA PHE A 306 22.91 -16.58 -2.05
C PHE A 306 22.48 -17.39 -0.84
N GLN A 307 23.37 -17.51 0.15
CA GLN A 307 23.15 -18.42 1.26
C GLN A 307 22.54 -17.78 2.49
N LEU A 308 22.76 -16.48 2.71
CA LEU A 308 22.28 -15.85 3.93
C LEU A 308 21.66 -14.48 3.64
N PRO A 309 20.50 -14.19 4.21
CA PRO A 309 19.87 -12.88 4.00
C PRO A 309 20.60 -11.78 4.75
N GLY A 310 20.00 -10.59 4.82
CA GLY A 310 20.63 -9.42 5.38
C GLY A 310 21.08 -9.53 6.83
N LEU A 311 21.49 -8.40 7.41
CA LEU A 311 22.25 -8.41 8.66
C LEU A 311 21.58 -9.20 9.77
N LEU A 312 20.25 -9.18 9.83
CA LEU A 312 19.50 -9.88 10.88
C LEU A 312 18.72 -11.03 10.24
N ASN A 313 19.12 -12.25 10.55
CA ASN A 313 18.43 -13.45 10.09
C ASN A 313 18.12 -14.34 11.28
N PHE A 314 16.98 -15.02 11.21
CA PHE A 314 16.54 -15.86 12.32
C PHE A 314 17.01 -17.30 12.18
N GLY A 315 17.15 -17.79 10.94
CA GLY A 315 17.60 -19.14 10.69
C GLY A 315 16.54 -19.96 9.97
N GLU A 316 16.58 -21.26 10.21
CA GLU A 316 15.64 -22.20 9.62
C GLU A 316 14.75 -22.74 10.73
N PHE A 317 13.46 -22.36 10.71
CA PHE A 317 12.51 -22.80 11.73
C PHE A 317 11.92 -24.15 11.29
N LYS A 318 12.67 -25.20 11.58
CA LYS A 318 12.25 -26.57 11.32
C LYS A 318 12.36 -27.38 12.61
N CYS A 319 11.44 -28.31 12.80
CA CYS A 319 11.51 -29.20 13.95
C CYS A 319 12.27 -30.47 13.60
N SER A 320 12.70 -31.18 14.64
CA SER A 320 13.47 -32.40 14.44
C SER A 320 12.61 -33.47 13.76
N ASP A 321 13.22 -34.18 12.82
CA ASP A 321 12.51 -35.23 12.09
C ASP A 321 12.29 -36.46 12.94
N SER A 322 12.99 -36.59 14.06
CA SER A 322 12.80 -37.75 14.93
C SER A 322 11.40 -37.80 15.51
N ASP A 323 10.87 -36.64 15.91
CA ASP A 323 9.53 -36.55 16.49
C ASP A 323 8.54 -36.16 15.40
N LYS A 324 7.73 -37.13 14.96
CA LYS A 324 6.71 -36.85 13.97
C LYS A 324 5.59 -36.00 14.56
N LYS A 325 5.25 -36.23 15.84
CA LYS A 325 4.18 -35.48 16.49
C LYS A 325 4.49 -33.99 16.58
N CYS A 326 5.76 -33.61 16.54
CA CYS A 326 6.14 -32.22 16.73
C CYS A 326 5.60 -31.33 15.61
N HIS A 327 5.19 -30.13 15.98
CA HIS A 327 4.73 -29.12 15.04
C HIS A 327 5.35 -27.78 15.40
N LEU A 328 5.39 -26.86 14.43
CA LEU A 328 5.86 -25.51 14.71
C LEU A 328 4.98 -24.84 15.76
N TRP A 329 3.66 -24.94 15.59
CA TRP A 329 2.71 -24.43 16.56
C TRP A 329 1.37 -25.10 16.31
N THR A 330 0.57 -25.19 17.36
CA THR A 330 -0.75 -25.81 17.29
C THR A 330 -1.80 -24.83 17.77
N ALA A 331 -3.07 -25.15 17.51
CA ALA A 331 -4.16 -24.26 17.90
C ALA A 331 -4.23 -24.10 19.41
N MET A 332 -4.02 -25.18 20.16
CA MET A 332 -4.07 -25.13 21.62
C MET A 332 -3.05 -24.15 22.20
N ASP A 333 -1.87 -24.03 21.59
CA ASP A 333 -0.86 -23.08 22.03
C ASP A 333 -1.24 -21.64 21.75
N LEU A 334 -2.19 -21.41 20.85
CA LEU A 334 -2.53 -20.05 20.45
C LEU A 334 -2.95 -19.20 21.65
N GLY A 335 -3.56 -19.82 22.66
CA GLY A 335 -3.91 -19.07 23.86
C GLY A 335 -2.70 -18.43 24.51
N PHE A 336 -1.62 -19.19 24.66
CA PHE A 336 -0.39 -18.60 25.21
C PHE A 336 0.06 -17.42 24.37
N PHE A 337 -0.16 -17.48 23.06
CA PHE A 337 0.34 -16.43 22.18
C PHE A 337 -0.38 -15.11 22.41
N VAL A 338 -1.50 -15.12 23.13
CA VAL A 338 -2.08 -13.83 23.50
C VAL A 338 -1.63 -13.43 24.90
N VAL A 339 -1.40 -14.40 25.78
CA VAL A 339 -0.91 -14.08 27.11
C VAL A 339 0.51 -13.54 27.05
N MET A 340 1.35 -14.12 26.19
CA MET A 340 2.65 -13.53 25.92
C MET A 340 2.51 -12.19 25.23
N GLY A 341 1.41 -11.99 24.51
CA GLY A 341 1.15 -10.69 23.89
C GLY A 341 0.88 -9.60 24.91
N VAL A 342 0.15 -9.93 25.97
CA VAL A 342 -0.16 -8.95 27.01
C VAL A 342 1.05 -8.73 27.91
N ILE A 343 1.57 -9.81 28.50
CA ILE A 343 2.67 -9.70 29.45
C ILE A 343 3.86 -9.00 28.81
N GLY A 344 4.18 -9.38 27.57
CA GLY A 344 5.21 -8.65 26.85
C GLY A 344 4.85 -7.20 26.61
N GLY A 345 3.63 -6.96 26.12
CA GLY A 345 3.22 -5.60 25.80
C GLY A 345 3.31 -4.67 27.00
N LEU A 346 2.79 -5.12 28.15
CA LEU A 346 2.95 -4.35 29.38
C LEU A 346 4.40 -3.98 29.63
N LEU A 347 5.30 -4.97 29.49
CA LEU A 347 6.72 -4.68 29.67
C LEU A 347 7.19 -3.60 28.71
N GLY A 348 6.75 -3.68 27.45
CA GLY A 348 7.08 -2.63 26.51
C GLY A 348 6.66 -1.27 27.01
N ALA A 349 5.43 -1.18 27.55
CA ALA A 349 4.98 0.08 28.12
C ALA A 349 5.92 0.53 29.24
N THR A 350 6.29 -0.39 30.11
CA THR A 350 7.26 -0.05 31.16
C THR A 350 8.53 0.50 30.56
N PHE A 351 9.02 -0.13 29.48
CA PHE A 351 10.19 0.40 28.79
C PHE A 351 9.98 1.86 28.45
N ASN A 352 8.86 2.18 27.81
CA ASN A 352 8.56 3.57 27.48
C ASN A 352 8.55 4.41 28.75
N CYS A 353 7.84 3.94 29.78
CA CYS A 353 7.70 4.72 31.00
C CYS A 353 9.05 5.05 31.62
N LEU A 354 10.07 4.23 31.35
CA LEU A 354 11.39 4.60 31.82
C LEU A 354 12.09 5.53 30.84
N ASN A 355 12.12 5.15 29.56
CA ASN A 355 12.99 5.83 28.61
C ASN A 355 12.61 7.29 28.48
N LYS A 356 11.32 7.58 28.31
CA LYS A 356 10.88 8.98 28.27
C LYS A 356 11.34 9.73 29.50
N ARG A 357 11.18 9.14 30.68
CA ARG A 357 11.57 9.83 31.91
C ARG A 357 13.06 10.14 31.91
N LEU A 358 13.86 9.33 31.23
CA LEU A 358 15.27 9.65 31.09
C LEU A 358 15.48 10.81 30.11
N ALA A 359 14.79 10.77 28.96
CA ALA A 359 15.03 11.77 27.93
C ALA A 359 14.69 13.17 28.42
N LYS A 360 13.50 13.32 29.01
CA LYS A 360 13.12 14.62 29.57
C LYS A 360 14.09 15.07 30.65
N TYR A 361 14.76 14.12 31.31
CA TYR A 361 15.82 14.50 32.23
C TYR A 361 17.00 15.10 31.49
N ARG A 362 17.49 14.41 30.45
CA ARG A 362 18.68 14.87 29.76
C ARG A 362 18.46 16.22 29.11
N MET A 363 17.36 16.37 28.38
CA MET A 363 17.02 17.65 27.75
C MET A 363 16.93 18.80 28.74
N ARG A 364 16.91 18.51 30.04
CA ARG A 364 16.88 19.56 31.04
C ARG A 364 18.15 19.64 31.88
N ASN A 365 18.99 18.60 31.86
CA ASN A 365 20.17 18.58 32.71
C ASN A 365 21.45 18.15 32.02
N VAL A 366 21.38 17.62 30.79
CA VAL A 366 22.54 17.14 30.06
C VAL A 366 22.75 17.91 28.76
N HIS A 367 21.69 18.09 27.99
CA HIS A 367 21.81 18.83 26.74
C HIS A 367 22.27 20.27 26.93
N PRO A 368 21.72 21.08 27.86
CA PRO A 368 22.22 22.45 28.02
C PRO A 368 23.48 22.50 28.87
N LYS A 369 24.50 21.76 28.44
CA LYS A 369 25.79 21.69 29.11
C LYS A 369 26.88 21.76 28.05
N PRO A 370 28.10 22.11 28.43
CA PRO A 370 29.20 22.14 27.45
C PRO A 370 29.38 20.79 26.78
N LYS A 371 29.97 20.83 25.58
CA LYS A 371 30.11 19.63 24.76
C LYS A 371 31.03 18.59 25.39
N LEU A 372 31.79 18.95 26.42
CA LEU A 372 32.54 17.93 27.17
C LEU A 372 31.57 16.92 27.79
N VAL A 373 30.49 17.41 28.39
CA VAL A 373 29.38 16.53 28.76
C VAL A 373 28.73 16.00 27.49
N ARG A 374 27.98 14.90 27.63
CA ARG A 374 27.42 14.06 26.57
C ARG A 374 28.50 13.17 25.97
N VAL A 375 29.77 13.35 26.37
CA VAL A 375 30.82 12.39 26.09
C VAL A 375 31.21 11.62 27.35
N LEU A 376 31.22 12.30 28.49
CA LEU A 376 31.43 11.62 29.77
C LEU A 376 30.28 10.68 30.09
N GLU A 377 29.05 11.04 29.72
CA GLU A 377 27.92 10.16 29.95
C GLU A 377 28.04 8.87 29.13
N SER A 378 28.46 8.98 27.87
CA SER A 378 28.65 7.80 27.05
C SER A 378 29.73 6.89 27.62
N LEU A 379 30.84 7.48 28.07
CA LEU A 379 31.89 6.68 28.71
C LEU A 379 31.39 6.03 30.00
N LEU A 380 30.58 6.73 30.78
CA LEU A 380 30.01 6.14 31.98
C LEU A 380 29.12 4.95 31.65
N VAL A 381 28.27 5.10 30.63
CA VAL A 381 27.41 3.99 30.22
C VAL A 381 28.24 2.81 29.75
N SER A 382 29.27 3.07 28.96
CA SER A 382 30.14 1.98 28.50
C SER A 382 30.83 1.29 29.65
N LEU A 383 31.35 2.06 30.62
CA LEU A 383 31.99 1.47 31.78
C LEU A 383 31.02 0.59 32.57
N VAL A 384 29.82 1.11 32.82
CA VAL A 384 28.85 0.35 33.60
C VAL A 384 28.45 -0.93 32.88
N THR A 385 28.19 -0.84 31.57
CA THR A 385 27.75 -2.03 30.85
C THR A 385 28.87 -3.06 30.74
N THR A 386 30.12 -2.61 30.56
CA THR A 386 31.23 -3.57 30.51
C THR A 386 31.42 -4.25 31.86
N VAL A 387 31.37 -3.49 32.95
CA VAL A 387 31.52 -4.08 34.27
C VAL A 387 30.39 -5.06 34.56
N VAL A 388 29.16 -4.70 34.20
CA VAL A 388 28.01 -5.57 34.43
C VAL A 388 28.17 -6.87 33.64
N VAL A 389 28.56 -6.76 32.37
CA VAL A 389 28.73 -7.95 31.54
C VAL A 389 29.80 -8.86 32.14
N PHE A 390 30.95 -8.29 32.48
CA PHE A 390 32.06 -9.09 32.98
C PHE A 390 31.70 -9.76 34.31
N VAL A 391 31.08 -9.02 35.22
CA VAL A 391 30.74 -9.58 36.53
C VAL A 391 29.65 -10.64 36.39
N ALA A 392 28.64 -10.39 35.56
CA ALA A 392 27.57 -11.36 35.37
C ALA A 392 28.09 -12.65 34.77
N SER A 393 28.96 -12.54 33.75
CA SER A 393 29.52 -13.75 33.16
C SER A 393 30.45 -14.48 34.11
N MET A 394 31.21 -13.73 34.92
CA MET A 394 32.18 -14.36 35.81
C MET A 394 31.51 -15.07 36.98
N VAL A 395 30.52 -14.42 37.60
CA VAL A 395 29.97 -14.93 38.86
C VAL A 395 28.62 -15.60 38.63
N LEU A 396 27.65 -14.83 38.12
CA LEU A 396 26.28 -15.34 38.03
C LEU A 396 26.16 -16.46 37.00
N GLY A 397 27.11 -16.54 36.06
CA GLY A 397 27.03 -17.57 35.05
C GLY A 397 27.16 -18.96 35.66
N GLU A 398 26.23 -19.84 35.30
CA GLU A 398 26.22 -21.23 35.74
C GLU A 398 26.70 -22.09 34.58
N CYS A 399 27.99 -22.35 34.52
CA CYS A 399 28.55 -23.10 33.41
C CYS A 399 28.21 -24.58 33.54
N ARG A 400 27.75 -25.17 32.46
CA ARG A 400 27.35 -26.57 32.43
C ARG A 400 28.17 -27.34 31.41
N GLN A 401 28.04 -28.66 31.44
CA GLN A 401 28.79 -29.52 30.54
C GLN A 401 28.30 -29.36 29.10
N MET A 402 29.25 -29.42 28.17
CA MET A 402 28.94 -29.26 26.74
C MET A 402 28.03 -30.39 26.25
N SER A 423 29.93 -23.46 17.17
CA SER A 423 31.24 -22.87 17.42
C SER A 423 31.14 -21.69 18.37
N SER A 424 29.93 -21.15 18.52
CA SER A 424 29.70 -20.00 19.40
C SER A 424 29.44 -20.48 20.81
N ILE A 425 30.46 -21.11 21.39
CA ILE A 425 30.41 -21.62 22.76
C ILE A 425 31.63 -21.07 23.50
N LYS A 426 31.38 -20.43 24.64
CA LYS A 426 32.43 -19.73 25.39
C LYS A 426 32.68 -20.44 26.72
N THR A 427 33.95 -20.68 27.03
CA THR A 427 34.37 -21.32 28.27
C THR A 427 35.14 -20.31 29.10
N PHE A 428 34.56 -19.88 30.21
CA PHE A 428 35.17 -18.83 31.03
C PHE A 428 35.11 -19.19 32.50
N PHE A 429 36.20 -18.94 33.21
CA PHE A 429 36.28 -18.92 34.67
C PHE A 429 35.90 -20.24 35.34
N CYS A 430 35.74 -21.33 34.60
CA CYS A 430 35.49 -22.62 35.20
C CYS A 430 36.13 -23.71 34.35
N PRO A 431 36.44 -24.88 34.94
CA PRO A 431 37.35 -25.82 34.28
C PRO A 431 36.82 -26.47 33.00
N ASN A 432 37.60 -27.40 32.47
CA ASN A 432 37.35 -27.96 31.14
C ASN A 432 36.00 -28.67 31.07
N ASP A 433 35.50 -28.80 29.84
CA ASP A 433 34.20 -29.44 29.56
C ASP A 433 33.05 -28.71 30.23
N THR A 434 33.23 -27.43 30.54
CA THR A 434 32.17 -26.61 31.09
C THR A 434 32.16 -25.27 30.36
N TYR A 435 30.97 -24.82 29.96
CA TYR A 435 30.80 -23.56 29.27
C TYR A 435 29.74 -22.73 29.99
N ASN A 436 30.01 -21.44 30.11
CA ASN A 436 29.07 -20.50 30.73
C ASN A 436 28.01 -20.11 29.71
N ASP A 437 26.75 -20.36 30.05
CA ASP A 437 25.66 -19.87 29.22
C ASP A 437 25.61 -18.34 29.21
N MET A 438 25.90 -17.71 30.35
CA MET A 438 25.94 -16.25 30.40
C MET A 438 27.00 -15.69 29.46
N ALA A 439 28.18 -16.31 29.43
CA ALA A 439 29.23 -15.86 28.53
C ALA A 439 28.81 -16.02 27.07
N THR A 440 28.16 -17.13 26.73
CA THR A 440 27.67 -17.31 25.37
C THR A 440 26.59 -16.30 25.01
N LEU A 441 25.82 -15.82 25.99
CA LEU A 441 24.85 -14.76 25.72
C LEU A 441 25.50 -13.41 25.52
N PHE A 442 26.45 -13.04 26.39
CA PHE A 442 26.99 -11.68 26.36
C PHE A 442 28.17 -11.55 25.41
N PHE A 443 29.11 -12.49 25.46
CA PHE A 443 30.35 -12.31 24.70
C PHE A 443 30.17 -12.64 23.22
N ASN A 444 29.06 -13.26 22.85
CA ASN A 444 28.75 -13.44 21.44
C ASN A 444 28.13 -12.16 20.87
N PRO A 445 28.19 -11.99 19.55
CA PRO A 445 27.47 -10.87 18.93
C PRO A 445 25.98 -10.97 19.20
N GLN A 446 25.33 -9.81 19.32
CA GLN A 446 23.92 -9.80 19.68
C GLN A 446 23.07 -10.52 18.64
N GLU A 447 23.36 -10.32 17.36
CA GLU A 447 22.66 -11.04 16.31
C GLU A 447 23.01 -12.52 16.26
N SER A 448 24.06 -12.94 16.98
CA SER A 448 24.39 -14.34 17.11
C SER A 448 23.95 -14.92 18.45
N ALA A 449 23.45 -14.08 19.35
CA ALA A 449 22.84 -14.53 20.59
C ALA A 449 21.32 -14.67 20.45
N ILE A 450 20.79 -14.41 19.27
CA ILE A 450 19.38 -14.66 18.96
C ILE A 450 19.19 -16.03 18.32
N LEU A 451 20.16 -16.46 17.51
CA LEU A 451 20.09 -17.78 16.91
C LEU A 451 20.11 -18.87 17.97
N GLN A 452 20.94 -18.72 19.00
CA GLN A 452 20.98 -19.69 20.08
C GLN A 452 19.66 -19.72 20.85
N LEU A 453 19.08 -18.55 21.10
CA LEU A 453 17.81 -18.50 21.81
C LEU A 453 16.67 -19.07 20.98
N PHE A 454 16.86 -19.17 19.66
CA PHE A 454 15.79 -19.67 18.81
C PHE A 454 15.94 -21.17 18.54
N HIS A 455 17.16 -21.67 18.42
CA HIS A 455 17.38 -23.03 17.91
C HIS A 455 18.20 -23.91 18.85
N GLN A 456 18.32 -23.55 20.13
CA GLN A 456 19.00 -24.39 21.10
C GLN A 456 18.10 -24.60 22.31
N ASP A 457 17.94 -25.84 22.71
CA ASP A 457 17.11 -26.21 23.85
C ASP A 457 17.96 -26.90 24.91
N GLY A 458 17.70 -26.56 26.17
CA GLY A 458 18.47 -27.10 27.28
C GLY A 458 19.81 -26.43 27.52
N THR A 459 20.17 -25.44 26.71
CA THR A 459 21.43 -24.74 26.87
C THR A 459 21.39 -23.73 28.01
N PHE A 460 20.18 -23.28 28.40
CA PHE A 460 20.02 -22.15 29.29
C PHE A 460 19.17 -22.52 30.48
N SER A 461 19.64 -22.19 31.68
CA SER A 461 18.87 -22.37 32.90
C SER A 461 17.90 -21.21 33.10
N PRO A 462 16.78 -21.43 33.81
CA PRO A 462 15.83 -20.33 34.02
C PRO A 462 16.42 -19.14 34.76
N VAL A 463 17.31 -19.37 35.72
CA VAL A 463 17.92 -18.27 36.45
C VAL A 463 18.75 -17.40 35.52
N THR A 464 19.52 -18.03 34.64
CA THR A 464 20.33 -17.28 33.69
C THR A 464 19.46 -16.45 32.76
N LEU A 465 18.37 -17.03 32.26
CA LEU A 465 17.48 -16.28 31.36
C LEU A 465 16.84 -15.10 32.09
N ALA A 466 16.40 -15.31 33.33
CA ALA A 466 15.79 -14.23 34.09
C ALA A 466 16.79 -13.09 34.34
N LEU A 467 18.01 -13.43 34.77
CA LEU A 467 19.00 -12.39 35.01
C LEU A 467 19.43 -11.70 33.73
N PHE A 468 19.51 -12.44 32.62
CA PHE A 468 19.82 -11.82 31.34
C PHE A 468 18.73 -10.85 30.91
N PHE A 469 17.46 -11.23 31.10
CA PHE A 469 16.38 -10.31 30.77
C PHE A 469 16.42 -9.06 31.64
N VAL A 470 16.70 -9.23 32.94
CA VAL A 470 16.74 -8.06 33.83
C VAL A 470 17.90 -7.15 33.46
N LEU A 471 19.08 -7.72 33.20
CA LEU A 471 20.28 -6.92 32.94
C LEU A 471 20.39 -6.47 31.50
N TYR A 472 19.49 -6.92 30.62
CA TYR A 472 19.45 -6.43 29.25
C TYR A 472 18.27 -5.51 29.00
N PHE A 473 17.42 -5.29 30.01
CA PHE A 473 16.27 -4.40 29.91
C PHE A 473 16.54 -3.04 30.55
N LEU A 474 17.18 -3.03 31.73
CA LEU A 474 17.54 -1.77 32.35
C LEU A 474 18.62 -1.05 31.56
N LEU A 475 19.66 -1.79 31.13
CA LEU A 475 20.76 -1.17 30.41
C LEU A 475 20.32 -0.73 29.02
N ALA A 476 19.36 -1.44 28.42
CA ALA A 476 18.80 -0.99 27.14
C ALA A 476 18.07 0.34 27.29
N CYS A 477 17.29 0.49 28.37
CA CYS A 477 16.64 1.77 28.64
C CYS A 477 17.66 2.87 28.88
N TRP A 478 18.69 2.58 29.67
CA TRP A 478 19.67 3.61 30.02
C TRP A 478 20.50 4.02 28.82
N THR A 479 20.78 3.08 27.91
CA THR A 479 21.68 3.36 26.80
C THR A 479 21.02 4.25 25.76
N TYR A 480 19.77 3.97 25.41
CA TYR A 480 19.13 4.70 24.32
C TYR A 480 18.94 6.16 24.69
N GLY A 481 19.34 7.05 23.78
CA GLY A 481 19.27 8.47 23.98
C GLY A 481 20.61 9.16 24.11
N ILE A 482 21.67 8.42 24.47
CA ILE A 482 22.98 9.05 24.59
C ILE A 482 23.54 9.36 23.21
N SER A 483 24.62 10.14 23.20
CA SER A 483 25.14 10.75 21.97
C SER A 483 25.99 9.74 21.18
N VAL A 484 25.39 8.60 20.88
CA VAL A 484 25.99 7.63 19.95
C VAL A 484 24.91 7.08 19.04
N PRO A 485 25.30 6.69 17.83
CA PRO A 485 24.35 5.98 16.95
C PRO A 485 23.92 4.68 17.60
N SER A 486 22.66 4.34 17.43
CA SER A 486 22.09 3.20 18.13
C SER A 486 20.89 2.67 17.36
N GLY A 487 20.40 1.51 17.80
CA GLY A 487 19.19 0.95 17.26
C GLY A 487 18.34 0.38 18.39
N LEU A 488 17.10 0.03 18.05
CA LEU A 488 16.19 -0.51 19.05
C LEU A 488 15.45 -1.74 18.55
N PHE A 489 15.98 -2.42 17.51
CA PHE A 489 15.36 -3.64 17.04
C PHE A 489 16.05 -4.90 17.52
N VAL A 490 17.37 -4.88 17.70
CA VAL A 490 18.07 -6.02 18.29
C VAL A 490 17.94 -6.03 19.81
N PRO A 491 18.17 -4.92 20.53
CA PRO A 491 17.99 -4.96 21.98
C PRO A 491 16.56 -5.23 22.41
N SER A 492 15.59 -5.02 21.52
CA SER A 492 14.21 -5.39 21.80
C SER A 492 13.87 -6.80 21.31
N LEU A 493 14.56 -7.29 20.28
CA LEU A 493 14.37 -8.66 19.81
C LEU A 493 15.11 -9.68 20.66
N LEU A 494 16.02 -9.24 21.51
CA LEU A 494 16.79 -10.14 22.36
C LEU A 494 16.16 -10.31 23.74
N CYS A 495 15.67 -9.22 24.35
CA CYS A 495 14.93 -9.35 25.60
C CYS A 495 13.67 -10.18 25.40
N GLY A 496 12.95 -9.94 24.29
CA GLY A 496 11.77 -10.73 24.00
C GLY A 496 12.08 -12.19 23.79
N ALA A 497 13.18 -12.48 23.07
CA ALA A 497 13.57 -13.86 22.87
C ALA A 497 13.94 -14.53 24.19
N ALA A 498 14.65 -13.82 25.07
CA ALA A 498 14.97 -14.38 26.37
C ALA A 498 13.72 -14.65 27.19
N PHE A 499 12.77 -13.72 27.17
CA PHE A 499 11.52 -13.93 27.89
C PHE A 499 10.75 -15.13 27.34
N GLY A 500 10.71 -15.27 26.01
CA GLY A 500 10.03 -16.41 25.41
C GLY A 500 10.70 -17.72 25.77
N ARG A 501 12.03 -17.76 25.75
CA ARG A 501 12.74 -18.97 26.16
C ARG A 501 12.47 -19.30 27.62
N LEU A 502 12.45 -18.28 28.49
CA LEU A 502 12.17 -18.51 29.91
C LEU A 502 10.77 -19.08 30.11
N VAL A 503 9.78 -18.49 29.44
CA VAL A 503 8.41 -18.97 29.63
C VAL A 503 8.24 -20.36 29.04
N ALA A 504 8.93 -20.65 27.93
CA ALA A 504 8.89 -22.00 27.38
C ALA A 504 9.48 -23.02 28.35
N ASN A 505 10.62 -22.69 28.95
CA ASN A 505 11.24 -23.59 29.91
C ASN A 505 10.34 -23.79 31.13
N VAL A 506 9.73 -22.72 31.62
CA VAL A 506 8.86 -22.83 32.79
C VAL A 506 7.64 -23.69 32.46
N LEU A 507 7.02 -23.47 31.30
CA LEU A 507 5.86 -24.25 30.91
C LEU A 507 6.22 -25.72 30.73
N LYS A 508 7.38 -26.01 30.12
CA LYS A 508 7.79 -27.39 29.92
C LYS A 508 8.07 -28.08 31.26
N SER A 509 8.68 -27.37 32.20
CA SER A 509 9.10 -27.99 33.44
C SER A 509 7.91 -28.18 34.39
N TYR A 510 7.28 -27.07 34.79
CA TYR A 510 6.23 -27.15 35.81
C TYR A 510 4.92 -27.68 35.26
N ILE A 511 4.37 -27.02 34.24
CA ILE A 511 3.08 -27.43 33.70
C ILE A 511 3.19 -28.82 33.08
N GLY A 512 4.33 -29.13 32.47
CA GLY A 512 4.53 -30.44 31.87
C GLY A 512 3.89 -30.63 30.51
N LEU A 513 3.37 -29.56 29.92
CA LEU A 513 2.78 -29.63 28.58
C LEU A 513 3.89 -29.96 27.59
N GLY A 514 3.83 -31.15 27.01
CA GLY A 514 4.83 -31.60 26.09
C GLY A 514 4.65 -31.03 24.70
N HIS A 515 5.60 -31.37 23.83
CA HIS A 515 5.56 -31.02 22.41
C HIS A 515 5.51 -29.51 22.20
N ILE A 516 6.19 -28.77 23.07
CA ILE A 516 6.36 -27.33 22.89
C ILE A 516 7.68 -27.09 22.17
N TYR A 517 7.60 -26.59 20.94
CA TYR A 517 8.80 -26.19 20.21
C TYR A 517 9.24 -24.82 20.72
N SER A 518 10.34 -24.80 21.48
CA SER A 518 10.74 -23.57 22.17
C SER A 518 11.13 -22.45 21.22
N GLY A 519 11.50 -22.78 19.97
CA GLY A 519 11.81 -21.73 19.02
C GLY A 519 10.61 -20.84 18.73
N THR A 520 9.42 -21.45 18.60
CA THR A 520 8.22 -20.67 18.39
C THR A 520 7.93 -19.77 19.57
N PHE A 521 8.10 -20.26 20.80
CA PHE A 521 7.86 -19.42 21.98
C PHE A 521 8.84 -18.27 22.05
N ALA A 522 10.12 -18.52 21.75
CA ALA A 522 11.10 -17.44 21.74
C ALA A 522 10.76 -16.40 20.69
N LEU A 523 10.36 -16.84 19.49
CA LEU A 523 9.98 -15.92 18.44
C LEU A 523 8.77 -15.09 18.84
N ILE A 524 7.77 -15.72 19.46
CA ILE A 524 6.58 -15.00 19.87
C ILE A 524 6.90 -14.00 20.97
N GLY A 525 7.78 -14.37 21.90
CA GLY A 525 8.21 -13.41 22.91
C GLY A 525 8.92 -12.21 22.31
N ALA A 526 9.80 -12.45 21.35
CA ALA A 526 10.50 -11.34 20.68
C ALA A 526 9.52 -10.44 19.94
N ALA A 527 8.58 -11.03 19.21
CA ALA A 527 7.58 -10.26 18.50
C ALA A 527 6.68 -9.47 19.43
N ALA A 528 6.24 -10.06 20.54
CA ALA A 528 5.46 -9.34 21.54
C ALA A 528 6.23 -8.19 22.18
N PHE A 529 7.53 -8.36 22.46
CA PHE A 529 8.31 -7.26 23.01
C PHE A 529 8.48 -6.14 21.99
N LEU A 530 8.69 -6.47 20.72
CA LEU A 530 8.73 -5.42 19.70
C LEU A 530 7.39 -4.70 19.61
N GLY A 531 6.29 -5.43 19.67
CA GLY A 531 4.99 -4.80 19.64
C GLY A 531 4.77 -3.87 20.82
N GLY A 532 5.21 -4.29 22.01
CA GLY A 532 5.09 -3.44 23.17
C GLY A 532 5.95 -2.19 23.10
N VAL A 533 7.17 -2.32 22.58
CA VAL A 533 8.09 -1.19 22.56
C VAL A 533 7.88 -0.33 21.32
N VAL A 534 8.07 -0.92 20.15
CA VAL A 534 8.02 -0.14 18.91
C VAL A 534 6.59 0.29 18.60
N ARG A 535 5.62 -0.62 18.77
CA ARG A 535 4.21 -0.35 18.50
C ARG A 535 3.98 0.04 17.04
N MET A 536 4.47 -0.79 16.13
CA MET A 536 4.17 -0.67 14.71
C MET A 536 3.36 -1.87 14.24
N THR A 537 2.64 -1.67 13.15
CA THR A 537 1.80 -2.70 12.55
C THR A 537 2.04 -2.71 11.04
N ILE A 538 1.47 -3.74 10.39
CA ILE A 538 1.56 -3.92 8.95
C ILE A 538 3.00 -4.15 8.53
N SER A 539 3.82 -3.09 8.60
CA SER A 539 5.22 -3.21 8.19
C SER A 539 5.98 -4.17 9.11
N LEU A 540 5.78 -4.04 10.43
CA LEU A 540 6.49 -4.90 11.37
C LEU A 540 6.08 -6.35 11.22
N THR A 541 4.80 -6.61 11.01
CA THR A 541 4.33 -7.98 10.84
C THR A 541 4.97 -8.62 9.61
N VAL A 542 5.01 -7.88 8.50
CA VAL A 542 5.61 -8.42 7.27
C VAL A 542 7.11 -8.62 7.46
N ILE A 543 7.78 -7.68 8.12
CA ILE A 543 9.21 -7.82 8.36
C ILE A 543 9.49 -9.09 9.17
N LEU A 544 8.74 -9.30 10.23
CA LEU A 544 8.94 -10.49 11.06
C LEU A 544 8.63 -11.76 10.27
N ILE A 545 7.54 -11.76 9.50
CA ILE A 545 7.15 -12.95 8.75
C ILE A 545 8.21 -13.34 7.74
N GLU A 546 8.75 -12.36 7.02
CA GLU A 546 9.78 -12.67 6.04
C GLU A 546 11.14 -12.92 6.67
N SER A 547 11.38 -12.44 7.88
CA SER A 547 12.61 -12.81 8.59
C SER A 547 12.57 -14.25 9.05
N THR A 548 11.40 -14.71 9.52
CA THR A 548 11.29 -16.10 9.96
C THR A 548 11.37 -17.08 8.80
N ASN A 549 11.13 -16.63 7.57
CA ASN A 549 11.15 -17.48 6.38
C ASN A 549 10.14 -18.61 6.46
N GLU A 550 9.03 -18.37 7.16
CA GLU A 550 7.95 -19.33 7.27
C GLU A 550 6.61 -18.61 7.07
N ILE A 551 5.72 -19.22 6.30
CA ILE A 551 4.40 -18.66 6.05
C ILE A 551 3.34 -19.20 7.00
N THR A 552 3.56 -20.37 7.60
CA THR A 552 2.62 -20.91 8.58
C THR A 552 2.70 -20.19 9.91
N CYS A 553 3.79 -19.48 10.17
CA CYS A 553 3.91 -18.65 11.38
C CYS A 553 3.51 -17.22 11.04
N GLY A 554 2.27 -17.08 10.60
CA GLY A 554 1.76 -15.78 10.22
C GLY A 554 0.65 -15.30 11.14
N LEU A 555 -0.13 -16.23 11.68
CA LEU A 555 -1.16 -15.89 12.65
C LEU A 555 -0.56 -15.68 14.04
N PRO A 556 0.27 -16.58 14.56
CA PRO A 556 0.82 -16.34 15.90
C PRO A 556 1.62 -15.05 16.01
N ILE A 557 2.34 -14.67 14.96
CA ILE A 557 3.09 -13.42 15.01
C ILE A 557 2.16 -12.22 14.98
N MET A 558 1.11 -12.25 14.17
CA MET A 558 0.31 -11.04 14.03
C MET A 558 -0.67 -10.86 15.17
N VAL A 559 -1.24 -11.95 15.70
CA VAL A 559 -2.23 -11.85 16.77
C VAL A 559 -1.52 -11.59 18.10
N THR A 560 -0.20 -11.54 18.09
CA THR A 560 0.52 -11.07 19.26
C THR A 560 1.04 -9.65 19.10
N LEU A 561 1.40 -9.21 17.89
CA LEU A 561 1.65 -7.80 17.66
C LEU A 561 0.40 -6.96 17.93
N MET A 562 -0.77 -7.41 17.46
CA MET A 562 -1.98 -6.61 17.68
C MET A 562 -2.34 -6.57 19.16
N VAL A 563 -2.18 -7.69 19.88
CA VAL A 563 -2.51 -7.71 21.30
C VAL A 563 -1.52 -6.86 22.09
N ALA A 564 -0.23 -6.92 21.75
CA ALA A 564 0.75 -6.08 22.42
C ALA A 564 0.48 -4.61 22.18
N LYS A 565 0.14 -4.24 20.93
CA LYS A 565 -0.17 -2.84 20.65
C LYS A 565 -1.40 -2.38 21.42
N TRP A 566 -2.45 -3.21 21.48
CA TRP A 566 -3.65 -2.80 22.19
C TRP A 566 -3.43 -2.74 23.70
N THR A 567 -2.56 -3.59 24.24
CA THR A 567 -2.30 -3.55 25.67
C THR A 567 -1.41 -2.37 26.05
N GLY A 568 -0.41 -2.09 25.23
CA GLY A 568 0.50 -0.99 25.52
C GLY A 568 0.00 0.38 25.13
N ASP A 569 -1.13 0.46 24.42
CA ASP A 569 -1.67 1.76 24.04
C ASP A 569 -2.45 2.39 25.17
N PHE A 570 -2.81 1.61 26.19
CA PHE A 570 -3.57 2.16 27.31
C PHE A 570 -2.71 3.10 28.14
N PHE A 571 -1.40 2.92 28.16
CA PHE A 571 -0.52 3.68 29.04
C PHE A 571 0.17 4.83 28.31
N ASN A 572 0.91 4.53 27.24
CA ASN A 572 1.69 5.55 26.55
C ASN A 572 2.07 5.06 25.17
N LYS A 573 2.57 5.98 24.35
CA LYS A 573 2.86 5.72 22.95
C LYS A 573 4.20 4.99 22.79
N GLY A 574 4.60 4.78 21.54
CA GLY A 574 5.82 4.07 21.25
C GLY A 574 7.06 4.95 21.40
N ILE A 575 8.22 4.30 21.20
CA ILE A 575 9.49 5.01 21.33
C ILE A 575 9.59 6.13 20.30
N TYR A 576 9.28 5.82 19.04
CA TYR A 576 9.51 6.80 17.97
C TYR A 576 8.53 7.97 18.10
N ASP A 577 7.28 7.70 18.43
CA ASP A 577 6.32 8.79 18.64
C ASP A 577 6.74 9.66 19.82
N ILE A 578 7.22 9.04 20.91
CA ILE A 578 7.68 9.80 22.06
C ILE A 578 8.85 10.70 21.68
N HIS A 579 9.81 10.15 20.95
CA HIS A 579 11.02 10.90 20.63
C HIS A 579 10.81 11.93 19.53
N VAL A 580 9.76 11.81 18.72
CA VAL A 580 9.42 12.89 17.79
C VAL A 580 8.49 13.91 18.43
N GLY A 581 7.79 13.55 19.51
CA GLY A 581 7.02 14.55 20.24
C GLY A 581 7.86 15.36 21.20
N LEU A 582 8.96 14.80 21.71
CA LEU A 582 9.82 15.55 22.60
C LEU A 582 10.55 16.67 21.86
N ARG A 583 10.97 16.41 20.62
CA ARG A 583 11.69 17.43 19.85
C ARG A 583 10.79 18.57 19.41
N GLY A 584 9.47 18.44 19.55
CA GLY A 584 8.55 19.46 19.11
C GLY A 584 8.28 19.47 17.62
N VAL A 585 8.52 18.37 16.94
CA VAL A 585 8.32 18.31 15.49
C VAL A 585 6.83 18.39 15.18
N PRO A 586 6.38 19.31 14.33
CA PRO A 586 4.97 19.34 13.92
C PRO A 586 4.65 18.15 13.05
N LEU A 587 3.89 17.21 13.60
CA LEU A 587 3.64 15.92 12.97
C LEU A 587 2.15 15.71 12.77
N LEU A 588 1.77 15.29 11.58
CA LEU A 588 0.39 14.94 11.29
C LEU A 588 0.16 13.48 11.65
N GLU A 589 -0.84 13.22 12.49
CA GLU A 589 -1.13 11.87 12.92
C GLU A 589 -1.75 11.07 11.79
N TRP A 590 -1.96 9.78 12.03
CA TRP A 590 -2.49 8.90 11.00
C TRP A 590 -3.90 9.32 10.59
N GLU A 591 -4.75 9.65 11.56
CA GLU A 591 -6.11 10.05 11.26
C GLU A 591 -6.67 10.82 12.46
N THR A 592 -7.78 11.51 12.21
CA THR A 592 -8.45 12.26 13.25
C THR A 592 -9.44 11.37 14.00
N GLU A 593 -9.91 11.87 15.14
CA GLU A 593 -10.90 11.16 15.94
C GLU A 593 -12.29 11.40 15.36
N VAL A 594 -13.32 10.87 16.02
CA VAL A 594 -14.68 11.06 15.54
C VAL A 594 -15.17 12.48 15.81
N GLU A 595 -14.69 13.09 16.90
CA GLU A 595 -15.20 14.41 17.29
C GLU A 595 -14.68 15.51 16.39
N MET A 596 -13.58 15.27 15.68
CA MET A 596 -12.97 16.33 14.87
C MET A 596 -13.88 16.76 13.73
N ASP A 597 -14.77 15.89 13.27
CA ASP A 597 -15.72 16.29 12.24
C ASP A 597 -16.70 17.35 12.74
N LYS A 598 -16.85 17.48 14.05
CA LYS A 598 -17.65 18.58 14.60
C LYS A 598 -17.02 19.91 14.25
N LEU A 599 -15.69 19.98 14.29
CA LEU A 599 -14.98 21.20 13.93
C LEU A 599 -14.99 21.39 12.41
N ARG A 600 -15.03 22.64 11.97
CA ARG A 600 -15.08 22.97 10.56
C ARG A 600 -13.76 23.58 10.12
N ALA A 601 -13.58 23.69 8.80
CA ALA A 601 -12.38 24.32 8.27
C ALA A 601 -12.38 25.83 8.49
N SER A 602 -13.52 26.40 8.87
CA SER A 602 -13.56 27.83 9.16
C SER A 602 -12.89 28.16 10.49
N ASP A 603 -12.69 27.15 11.34
CA ASP A 603 -12.15 27.39 12.68
C ASP A 603 -10.65 27.18 12.78
N ILE A 604 -10.07 26.33 11.92
CA ILE A 604 -8.64 26.06 11.97
C ILE A 604 -7.83 26.96 11.07
N MET A 605 -8.46 27.74 10.19
CA MET A 605 -7.75 28.62 9.29
C MET A 605 -7.39 29.93 9.99
N GLU A 606 -6.50 30.69 9.36
CA GLU A 606 -6.11 32.01 9.87
C GLU A 606 -6.63 33.09 8.94
N PRO A 607 -7.65 33.87 9.35
CA PRO A 607 -8.18 34.90 8.46
C PRO A 607 -7.18 35.97 8.08
N ASN A 608 -6.25 36.31 8.97
CA ASN A 608 -5.27 37.35 8.66
C ASN A 608 -4.27 36.82 7.63
N LEU A 609 -4.13 37.54 6.52
CA LEU A 609 -3.38 37.05 5.38
C LEU A 609 -2.31 38.06 4.98
N THR A 610 -1.19 37.53 4.49
CA THR A 610 -0.17 38.32 3.81
C THR A 610 -0.21 37.94 2.33
N TYR A 611 -0.61 38.89 1.50
CA TYR A 611 -0.95 38.61 0.11
C TYR A 611 -0.05 39.40 -0.83
N VAL A 612 0.04 38.93 -2.06
CA VAL A 612 0.83 39.56 -3.11
C VAL A 612 -0.08 39.83 -4.30
N TYR A 613 -0.23 41.08 -4.68
CA TYR A 613 -0.97 41.40 -5.89
C TYR A 613 -0.17 40.95 -7.11
N PRO A 614 -0.84 40.54 -8.18
CA PRO A 614 -0.16 40.48 -9.48
C PRO A 614 0.24 41.88 -9.90
N HIS A 615 1.38 41.97 -10.58
CA HIS A 615 1.99 43.26 -10.92
C HIS A 615 2.20 44.11 -9.67
N THR A 616 2.76 43.50 -8.63
CA THR A 616 3.00 44.21 -7.39
C THR A 616 4.30 45.01 -7.45
N ARG A 617 4.43 45.97 -6.54
CA ARG A 617 5.67 46.73 -6.42
C ARG A 617 6.76 45.87 -5.79
N ILE A 618 8.00 46.10 -6.22
CA ILE A 618 9.11 45.36 -5.63
C ILE A 618 9.36 45.79 -4.19
N GLN A 619 9.05 47.04 -3.86
CA GLN A 619 9.18 47.51 -2.48
C GLN A 619 8.24 46.73 -1.56
N SER A 620 7.01 46.50 -2.00
CA SER A 620 6.08 45.71 -1.20
C SER A 620 6.60 44.29 -1.00
N LEU A 621 7.17 43.70 -2.05
CA LEU A 621 7.71 42.35 -1.91
C LEU A 621 8.85 42.29 -0.91
N VAL A 622 9.81 43.21 -1.00
CA VAL A 622 10.92 43.16 -0.06
C VAL A 622 10.44 43.42 1.36
N SER A 623 9.46 44.32 1.52
CA SER A 623 8.92 44.60 2.84
C SER A 623 8.26 43.37 3.45
N ILE A 624 7.38 42.70 2.69
CA ILE A 624 6.67 41.56 3.26
C ILE A 624 7.58 40.35 3.37
N LEU A 625 8.65 40.29 2.59
CA LEU A 625 9.59 39.18 2.73
C LEU A 625 10.45 39.35 3.97
N ARG A 626 10.88 40.57 4.26
CA ARG A 626 11.70 40.78 5.46
C ARG A 626 10.85 40.73 6.72
N THR A 627 9.62 41.26 6.67
CA THR A 627 8.80 41.33 7.87
C THR A 627 8.24 39.95 8.26
N THR A 628 7.75 39.20 7.28
CA THR A 628 7.05 37.95 7.54
C THR A 628 7.95 36.75 7.25
N VAL A 629 7.64 35.63 7.89
CA VAL A 629 8.40 34.40 7.75
C VAL A 629 7.64 33.32 6.98
N HIS A 630 6.45 33.64 6.49
CA HIS A 630 5.66 32.66 5.75
C HIS A 630 6.36 32.30 4.45
N HIS A 631 6.13 31.07 3.99
CA HIS A 631 6.82 30.55 2.81
C HIS A 631 5.95 30.53 1.56
N ALA A 632 4.70 30.96 1.65
CA ALA A 632 3.82 31.05 0.49
C ALA A 632 2.80 32.16 0.71
N PHE A 633 2.50 32.90 -0.36
CA PHE A 633 1.59 34.02 -0.31
C PHE A 633 0.52 33.86 -1.39
N PRO A 634 -0.75 34.08 -1.07
CA PRO A 634 -1.79 33.99 -2.10
C PRO A 634 -1.78 35.21 -2.99
N VAL A 635 -1.60 34.99 -4.28
CA VAL A 635 -1.73 36.04 -5.28
C VAL A 635 -3.22 36.32 -5.46
N VAL A 636 -3.64 37.51 -5.04
CA VAL A 636 -5.05 37.90 -5.02
C VAL A 636 -5.20 39.31 -5.58
N THR A 637 -6.42 39.66 -5.94
CA THR A 637 -6.77 41.00 -6.39
C THR A 637 -7.96 41.51 -5.58
N GLU A 638 -8.00 42.82 -5.35
CA GLU A 638 -9.06 43.40 -4.54
C GLU A 638 -10.40 43.29 -5.26
N ASN A 639 -11.39 42.73 -4.55
CA ASN A 639 -12.70 42.50 -5.15
C ASN A 639 -13.47 43.81 -5.30
N ARG A 640 -13.45 44.65 -4.27
CA ARG A 640 -14.18 45.91 -4.30
C ARG A 640 -13.37 47.02 -4.96
N GLY A 649 0.51 52.53 -8.42
CA GLY A 649 0.10 53.69 -9.18
C GLY A 649 -1.02 53.40 -10.16
N ASN A 650 -1.21 54.31 -11.12
CA ASN A 650 -2.24 54.11 -12.13
C ASN A 650 -1.95 52.89 -12.99
N GLN A 651 -0.69 52.70 -13.37
CA GLN A 651 -0.32 51.55 -14.19
C GLN A 651 -0.54 50.25 -13.45
N LEU A 652 -0.19 50.21 -12.16
CA LEU A 652 -0.38 49.00 -11.36
C LEU A 652 -1.86 48.63 -11.29
N ILE A 653 -2.71 49.60 -10.98
CA ILE A 653 -4.14 49.33 -10.87
C ILE A 653 -4.71 48.90 -12.22
N SER A 654 -4.30 49.57 -13.29
CA SER A 654 -4.79 49.22 -14.61
C SER A 654 -4.39 47.80 -14.99
N ASN A 655 -3.13 47.43 -14.73
CA ASN A 655 -2.67 46.09 -15.06
C ASN A 655 -3.39 45.03 -14.23
N ASN A 656 -3.60 45.31 -12.94
CA ASN A 656 -4.33 44.36 -12.11
C ASN A 656 -5.76 44.18 -12.58
N ILE A 657 -6.42 45.29 -12.96
CA ILE A 657 -7.78 45.20 -13.46
C ILE A 657 -7.83 44.41 -14.76
N LYS A 658 -6.88 44.65 -15.66
CA LYS A 658 -6.85 43.91 -16.92
C LYS A 658 -6.63 42.43 -16.69
N PHE A 659 -5.72 42.08 -15.76
CA PHE A 659 -5.49 40.68 -15.45
C PHE A 659 -6.73 40.03 -14.85
N LYS A 660 -7.42 40.75 -13.96
CA LYS A 660 -8.64 40.20 -13.37
C LYS A 660 -9.71 39.96 -14.42
N LYS A 661 -9.85 40.90 -15.36
CA LYS A 661 -10.84 40.73 -16.43
C LYS A 661 -10.48 39.55 -17.33
N SER A 662 -9.19 39.40 -17.65
CA SER A 662 -8.79 38.35 -18.59
C SER A 662 -8.83 36.97 -17.96
N SER A 663 -8.48 36.87 -16.67
CA SER A 663 -8.31 35.55 -16.06
C SER A 663 -9.63 34.81 -15.91
N ILE A 664 -10.69 35.51 -15.51
CA ILE A 664 -11.94 34.84 -15.18
C ILE A 664 -12.53 34.18 -16.43
N LEU A 665 -13.01 32.95 -16.24
CA LEU A 665 -13.55 32.14 -17.33
C LEU A 665 -15.01 31.84 -17.01
N THR A 666 -15.93 32.50 -17.71
CA THR A 666 -17.35 32.30 -17.47
C THR A 666 -17.85 31.04 -18.18
N ARG A 667 -19.02 30.57 -17.76
CA ARG A 667 -19.61 29.38 -18.36
C ARG A 667 -20.04 29.64 -19.80
N ALA A 668 -20.72 30.76 -20.04
CA ALA A 668 -21.13 31.11 -21.39
C ALA A 668 -19.92 31.34 -22.29
N GLY A 669 -18.90 32.02 -21.76
CA GLY A 669 -17.69 32.23 -22.54
C GLY A 669 -16.99 30.94 -22.89
N GLU A 670 -16.95 29.99 -21.96
CA GLU A 670 -16.32 28.70 -22.24
C GLU A 670 -17.11 27.93 -23.28
N GLN A 671 -18.45 27.95 -23.18
CA GLN A 671 -19.25 27.28 -24.20
C GLN A 671 -19.06 27.92 -25.58
N ARG A 672 -18.97 29.25 -25.62
CA ARG A 672 -18.72 29.93 -26.88
C ARG A 672 -17.36 29.56 -27.45
N LYS A 673 -16.35 29.44 -26.58
CA LYS A 673 -15.03 29.04 -27.02
C LYS A 673 -15.05 27.63 -27.59
N ARG A 674 -15.78 26.72 -26.95
CA ARG A 674 -15.90 25.36 -27.47
C ARG A 674 -16.62 25.35 -28.81
N SER A 675 -17.67 26.15 -28.94
CA SER A 675 -18.41 26.20 -30.20
C SER A 675 -17.56 26.75 -31.33
N GLN A 676 -16.78 27.81 -31.06
CA GLN A 676 -15.95 28.40 -32.10
C GLN A 676 -14.86 27.44 -32.55
N SER A 677 -14.24 26.73 -31.61
CA SER A 677 -13.16 25.78 -31.91
C SER A 677 -12.02 26.44 -32.67
N THR A 731 -8.44 50.53 9.85
CA THR A 731 -9.50 49.94 10.65
C THR A 731 -9.63 48.45 10.40
N MET A 732 -10.55 47.80 11.11
CA MET A 732 -10.74 46.36 10.95
C MET A 732 -11.25 46.02 9.56
N GLU A 733 -12.21 46.81 9.03
CA GLU A 733 -12.75 46.53 7.72
C GLU A 733 -11.69 46.69 6.63
N GLU A 734 -10.85 47.72 6.74
CA GLU A 734 -9.76 47.88 5.78
C GLU A 734 -8.75 46.75 5.92
N ARG A 735 -8.45 46.34 7.16
CA ARG A 735 -7.51 45.26 7.37
C ARG A 735 -8.03 43.95 6.80
N PHE A 736 -9.30 43.64 7.06
CA PHE A 736 -9.94 42.41 6.60
C PHE A 736 -10.85 42.77 5.43
N ARG A 737 -10.28 42.74 4.23
CA ARG A 737 -10.92 43.20 3.01
C ARG A 737 -11.23 42.03 2.09
N PRO A 738 -12.33 42.10 1.33
CA PRO A 738 -12.61 41.06 0.34
C PRO A 738 -11.53 41.02 -0.74
N LEU A 739 -10.94 39.85 -0.92
CA LEU A 739 -9.86 39.65 -1.88
C LEU A 739 -10.14 38.40 -2.69
N THR A 740 -10.15 38.55 -4.02
CA THR A 740 -10.44 37.42 -4.89
C THR A 740 -9.19 36.57 -5.08
N PHE A 741 -9.29 35.28 -4.78
CA PHE A 741 -8.15 34.38 -4.85
C PHE A 741 -7.81 34.05 -6.29
N HIS A 742 -6.53 34.15 -6.64
CA HIS A 742 -6.07 33.83 -7.99
C HIS A 742 -5.02 32.74 -8.02
N GLY A 743 -4.08 32.73 -7.08
CA GLY A 743 -3.08 31.68 -7.09
C GLY A 743 -2.23 31.69 -5.84
N LEU A 744 -1.14 30.94 -5.88
CA LEU A 744 -0.18 30.88 -4.79
C LEU A 744 1.23 31.06 -5.34
N ILE A 745 2.02 31.89 -4.66
CA ILE A 745 3.41 32.13 -5.05
C ILE A 745 4.30 31.84 -3.84
N LEU A 746 5.36 31.08 -4.06
CA LEU A 746 6.23 30.70 -2.95
C LEU A 746 7.23 31.81 -2.65
N ARG A 747 7.79 31.77 -1.45
CA ARG A 747 8.84 32.72 -1.07
C ARG A 747 10.10 32.49 -1.89
N SER A 748 10.42 31.22 -2.17
CA SER A 748 11.61 30.92 -2.95
C SER A 748 11.49 31.48 -4.37
N GLN A 749 10.32 31.35 -4.98
CA GLN A 749 10.13 31.89 -6.32
C GLN A 749 10.22 33.41 -6.32
N LEU A 750 9.65 34.07 -5.31
CA LEU A 750 9.76 35.52 -5.22
C LEU A 750 11.21 35.96 -5.06
N VAL A 751 11.97 35.26 -4.22
CA VAL A 751 13.38 35.59 -4.04
C VAL A 751 14.16 35.39 -5.34
N THR A 752 13.87 34.30 -6.05
CA THR A 752 14.53 34.07 -7.33
C THR A 752 14.22 35.17 -8.33
N LEU A 753 12.96 35.61 -8.37
CA LEU A 753 12.60 36.73 -9.25
C LEU A 753 13.34 38.01 -8.84
N LEU A 754 13.45 38.25 -7.54
CA LEU A 754 14.08 39.48 -7.06
C LEU A 754 15.58 39.49 -7.36
N VAL A 755 16.23 38.34 -7.26
CA VAL A 755 17.68 38.27 -7.50
C VAL A 755 18.00 38.69 -8.93
N ARG A 756 17.25 38.15 -9.90
CA ARG A 756 17.41 38.54 -11.28
C ARG A 756 16.70 39.86 -11.55
N GLY A 757 16.87 40.37 -12.76
CA GLY A 757 16.22 41.60 -13.16
C GLY A 757 14.85 41.38 -13.76
N VAL A 758 14.06 40.51 -13.15
CA VAL A 758 12.72 40.18 -13.66
C VAL A 758 11.79 41.26 -13.13
N CYS A 759 11.65 42.33 -13.90
CA CYS A 759 10.86 43.50 -13.51
C CYS A 759 10.74 44.47 -14.67
N TYR A 760 9.65 45.21 -14.74
CA TYR A 760 9.40 46.15 -15.84
C TYR A 760 9.01 47.50 -15.28
N SER A 761 9.47 48.57 -15.93
CA SER A 761 9.12 49.91 -15.51
C SER A 761 7.66 50.20 -15.83
N GLU A 762 7.07 51.11 -15.05
CA GLU A 762 5.66 51.45 -15.25
C GLU A 762 5.40 52.08 -16.60
N SER A 763 6.39 52.77 -17.17
CA SER A 763 6.20 53.41 -18.47
C SER A 763 5.97 52.39 -19.57
N GLN A 764 6.73 51.29 -19.55
CA GLN A 764 6.61 50.25 -20.55
C GLN A 764 5.57 49.21 -20.13
N SER A 765 5.13 48.42 -21.10
CA SER A 765 4.07 47.46 -20.87
C SER A 765 4.58 46.24 -20.12
N SER A 766 3.66 45.38 -19.70
CA SER A 766 3.98 44.17 -18.96
C SER A 766 4.61 43.09 -19.82
N ALA A 767 4.61 43.26 -21.15
CA ALA A 767 5.20 42.25 -22.02
C ALA A 767 6.71 42.16 -21.81
N SER A 768 7.35 43.27 -21.46
CA SER A 768 8.79 43.30 -21.27
C SER A 768 9.16 42.62 -19.96
N GLN A 769 9.59 41.36 -20.04
CA GLN A 769 10.00 40.56 -18.89
C GLN A 769 11.12 39.64 -19.32
N PRO A 770 12.16 39.45 -18.51
CA PRO A 770 13.22 38.50 -18.88
C PRO A 770 12.70 37.09 -19.09
N ARG A 771 11.61 36.70 -18.44
CA ARG A 771 10.95 35.41 -18.69
C ARG A 771 11.90 34.25 -18.43
N LEU A 772 12.27 34.10 -17.15
CA LEU A 772 13.13 33.01 -16.74
C LEU A 772 12.53 31.67 -17.12
N SER A 773 13.38 30.79 -17.65
CA SER A 773 12.95 29.46 -18.05
C SER A 773 12.89 28.54 -16.83
N TYR A 774 12.51 27.29 -17.07
CA TYR A 774 12.42 26.32 -15.98
C TYR A 774 13.80 25.99 -15.41
N ALA A 775 14.80 25.84 -16.29
CA ALA A 775 16.14 25.52 -15.82
C ALA A 775 16.72 26.65 -14.98
N GLU A 776 16.51 27.89 -15.40
CA GLU A 776 17.06 29.02 -14.64
C GLU A 776 16.36 29.18 -13.29
N MET A 777 15.06 28.88 -13.22
CA MET A 777 14.35 29.01 -11.96
C MET A 777 14.69 27.87 -11.00
N ALA A 778 15.18 26.75 -11.53
CA ALA A 778 15.53 25.59 -10.72
C ALA A 778 16.98 25.62 -10.25
N GLU A 779 17.72 26.66 -10.60
CA GLU A 779 19.08 26.81 -10.11
C GLU A 779 19.08 27.18 -8.63
N ASP A 780 20.18 26.87 -7.97
CA ASP A 780 20.32 27.09 -6.52
C ASP A 780 19.19 26.41 -5.75
N TYR A 781 18.74 25.27 -6.27
CA TYR A 781 17.60 24.56 -5.69
C TYR A 781 17.83 24.10 -4.25
N PRO A 782 18.93 23.40 -3.93
CA PRO A 782 19.05 22.84 -2.57
C PRO A 782 19.00 23.91 -1.49
N ARG A 783 19.58 25.07 -1.76
CA ARG A 783 19.63 26.18 -0.80
C ARG A 783 19.27 27.46 -1.55
N TYR A 784 18.00 27.87 -1.46
CA TYR A 784 17.60 29.11 -2.08
C TYR A 784 18.11 30.29 -1.26
N PRO A 785 18.43 31.41 -1.92
CA PRO A 785 18.93 32.58 -1.19
C PRO A 785 17.88 33.14 -0.25
N ASP A 786 18.35 33.73 0.84
CA ASP A 786 17.48 34.40 1.80
C ASP A 786 17.34 35.88 1.45
N ILE A 787 16.24 36.46 1.89
CA ILE A 787 16.01 37.89 1.64
C ILE A 787 17.04 38.73 2.38
N HIS A 788 17.44 38.31 3.59
CA HIS A 788 18.47 39.04 4.32
C HIS A 788 19.82 38.95 3.61
N ASP A 789 20.10 37.83 2.95
CA ASP A 789 21.37 37.67 2.25
C ASP A 789 21.46 38.61 1.05
N LEU A 790 20.34 38.84 0.37
CA LEU A 790 20.37 39.64 -0.86
C LEU A 790 20.76 41.07 -0.52
N ASP A 791 21.44 41.73 -1.46
CA ASP A 791 22.09 43.00 -1.18
C ASP A 791 21.10 44.10 -0.83
N LEU A 792 19.95 44.12 -1.52
CA LEU A 792 18.89 45.11 -1.33
C LEU A 792 19.30 46.51 -1.77
N THR A 793 20.52 46.65 -2.31
CA THR A 793 20.98 47.95 -2.77
C THR A 793 20.77 48.12 -4.28
N LEU A 794 21.04 47.08 -5.05
CA LEU A 794 20.94 47.18 -6.50
C LEU A 794 19.48 47.28 -6.95
N LEU A 795 18.57 46.63 -6.22
CA LEU A 795 17.16 46.63 -6.59
C LEU A 795 16.60 48.04 -6.53
N ASN A 796 15.89 48.43 -7.58
CA ASN A 796 15.27 49.75 -7.63
C ASN A 796 13.83 49.65 -7.13
N PRO A 797 13.48 50.30 -6.02
CA PRO A 797 12.11 50.23 -5.52
C PRO A 797 11.15 51.00 -6.41
N ARG A 798 9.86 50.82 -6.14
CA ARG A 798 8.79 51.45 -6.89
C ARG A 798 8.85 51.11 -8.38
N MET A 799 9.18 49.86 -8.70
CA MET A 799 9.19 49.40 -10.08
C MET A 799 8.48 48.05 -10.14
N ILE A 800 7.50 47.94 -11.03
CA ILE A 800 6.54 46.85 -10.98
C ILE A 800 7.18 45.54 -11.39
N VAL A 801 6.73 44.45 -10.78
CA VAL A 801 7.17 43.10 -11.10
C VAL A 801 5.94 42.21 -11.26
N ASP A 802 5.97 41.37 -12.30
CA ASP A 802 4.84 40.49 -12.63
C ASP A 802 5.11 39.10 -12.08
N VAL A 803 4.18 38.60 -11.27
CA VAL A 803 4.28 37.27 -10.69
C VAL A 803 3.28 36.30 -11.26
N THR A 804 2.47 36.73 -12.24
CA THR A 804 1.48 35.83 -12.83
C THR A 804 2.09 34.64 -13.55
N PRO A 805 3.09 34.80 -14.43
CA PRO A 805 3.59 33.62 -15.17
C PRO A 805 4.17 32.53 -14.29
N TYR A 806 4.66 32.86 -13.10
CA TYR A 806 5.41 31.91 -12.29
C TYR A 806 4.62 31.33 -11.12
N MET A 807 3.44 31.87 -10.82
CA MET A 807 2.66 31.35 -9.70
C MET A 807 2.04 30.00 -10.06
N ASN A 808 1.45 29.37 -9.06
CA ASN A 808 0.69 28.14 -9.27
C ASN A 808 -0.78 28.50 -9.45
N PRO A 809 -1.26 28.61 -10.69
CA PRO A 809 -2.60 29.16 -10.91
C PRO A 809 -3.73 28.29 -10.39
N SER A 810 -3.47 27.01 -10.13
CA SER A 810 -4.52 26.06 -9.76
C SER A 810 -4.09 25.21 -8.58
N PRO A 811 -4.02 25.79 -7.39
CA PRO A 811 -3.76 25.00 -6.19
C PRO A 811 -5.03 24.37 -5.66
N PHE A 812 -4.85 23.36 -4.82
CA PHE A 812 -6.00 22.71 -4.19
C PHE A 812 -6.65 23.64 -3.18
N THR A 813 -7.97 23.77 -3.27
CA THR A 813 -8.72 24.69 -2.44
C THR A 813 -9.85 23.95 -1.74
N VAL A 814 -10.27 24.48 -0.59
CA VAL A 814 -11.38 23.92 0.17
C VAL A 814 -12.35 25.03 0.53
N SER A 815 -13.60 24.65 0.73
CA SER A 815 -14.63 25.59 1.15
C SER A 815 -14.58 25.77 2.66
N PRO A 816 -15.04 26.92 3.17
CA PRO A 816 -15.10 27.10 4.63
C PRO A 816 -16.06 26.16 5.31
N ASN A 817 -16.96 25.50 4.57
CA ASN A 817 -17.90 24.56 5.15
C ASN A 817 -17.35 23.14 5.21
N THR A 818 -16.18 22.88 4.64
CA THR A 818 -15.61 21.53 4.71
C THR A 818 -15.27 21.18 6.15
N HIS A 819 -15.41 19.91 6.49
CA HIS A 819 -15.09 19.45 7.83
C HIS A 819 -13.62 19.05 7.90
N VAL A 820 -13.12 18.92 9.13
CA VAL A 820 -11.69 18.69 9.34
C VAL A 820 -11.25 17.36 8.74
N SER A 821 -12.15 16.40 8.63
CA SER A 821 -11.77 15.11 8.06
C SER A 821 -11.32 15.25 6.62
N GLN A 822 -12.10 15.96 5.79
CA GLN A 822 -11.74 16.13 4.39
C GLN A 822 -10.48 16.98 4.23
N VAL A 823 -10.37 18.05 5.03
CA VAL A 823 -9.20 18.91 4.95
C VAL A 823 -7.94 18.13 5.31
N PHE A 824 -8.01 17.34 6.38
CA PHE A 824 -6.89 16.51 6.78
C PHE A 824 -6.57 15.47 5.71
N ASN A 825 -7.59 14.89 5.10
CA ASN A 825 -7.37 13.90 4.06
C ASN A 825 -6.61 14.50 2.87
N LEU A 826 -7.05 15.66 2.41
CA LEU A 826 -6.32 16.33 1.33
C LEU A 826 -4.91 16.69 1.73
N PHE A 827 -4.75 17.29 2.92
CA PHE A 827 -3.44 17.77 3.32
C PHE A 827 -2.46 16.63 3.55
N ARG A 828 -2.97 15.45 3.91
CA ARG A 828 -2.11 14.31 4.20
C ARG A 828 -1.80 13.50 2.94
N THR A 829 -2.85 13.04 2.25
CA THR A 829 -2.64 12.10 1.14
C THR A 829 -2.03 12.80 -0.06
N MET A 830 -2.54 13.98 -0.43
CA MET A 830 -1.93 14.72 -1.52
C MET A 830 -0.52 15.21 -1.20
N GLY A 831 -0.14 15.19 0.08
CA GLY A 831 1.16 15.74 0.46
C GLY A 831 1.28 17.22 0.23
N LEU A 832 0.15 17.92 0.10
CA LEU A 832 0.19 19.32 -0.29
C LEU A 832 0.56 20.20 0.89
N ARG A 833 0.78 21.47 0.60
CA ARG A 833 1.20 22.47 1.56
C ARG A 833 0.49 23.77 1.24
N HIS A 834 0.17 24.55 2.27
CA HIS A 834 -0.46 25.86 2.11
C HIS A 834 -1.80 25.73 1.38
N LEU A 835 -2.73 25.05 2.03
CA LEU A 835 -4.08 24.88 1.50
C LEU A 835 -4.90 26.13 1.74
N PRO A 836 -5.38 26.82 0.70
CA PRO A 836 -6.21 28.01 0.91
C PRO A 836 -7.69 27.70 0.98
N VAL A 837 -8.37 28.39 1.89
CA VAL A 837 -9.81 28.24 2.10
C VAL A 837 -10.50 29.41 1.42
N VAL A 838 -11.37 29.11 0.46
CA VAL A 838 -12.04 30.10 -0.39
C VAL A 838 -13.54 29.86 -0.31
N ASN A 839 -14.31 30.92 -0.09
CA ASN A 839 -15.75 30.81 0.10
C ASN A 839 -16.46 30.70 -1.26
N ALA A 840 -17.79 30.79 -1.24
CA ALA A 840 -18.60 30.58 -2.44
C ALA A 840 -18.63 31.79 -3.36
N VAL A 841 -18.06 32.93 -2.96
CA VAL A 841 -18.00 34.10 -3.81
C VAL A 841 -16.67 34.16 -4.56
N GLY A 842 -15.75 33.24 -4.29
CA GLY A 842 -14.44 33.24 -4.90
C GLY A 842 -13.39 34.00 -4.14
N GLU A 843 -13.76 34.65 -3.04
CA GLU A 843 -12.81 35.38 -2.20
C GLU A 843 -12.08 34.42 -1.29
N ILE A 844 -10.77 34.59 -1.17
CA ILE A 844 -10.01 33.78 -0.22
C ILE A 844 -10.36 34.22 1.20
N VAL A 845 -10.73 33.26 2.03
CA VAL A 845 -11.15 33.57 3.39
C VAL A 845 -10.14 33.06 4.43
N GLY A 846 -9.22 32.18 4.06
CA GLY A 846 -8.23 31.77 5.03
C GLY A 846 -7.12 30.95 4.39
N ILE A 847 -6.15 30.58 5.22
CA ILE A 847 -5.03 29.75 4.81
C ILE A 847 -4.79 28.71 5.90
N ILE A 848 -4.39 27.50 5.49
CA ILE A 848 -4.18 26.38 6.40
C ILE A 848 -2.85 25.73 6.06
N THR A 849 -2.03 25.48 7.07
CA THR A 849 -0.78 24.75 6.89
C THR A 849 -0.73 23.56 7.83
N ARG A 850 0.43 22.91 7.93
CA ARG A 850 0.57 21.78 8.83
C ARG A 850 0.35 22.20 10.28
N HIS A 851 0.81 23.39 10.64
CA HIS A 851 0.67 23.86 12.03
C HIS A 851 -0.79 24.01 12.42
N ASN A 852 -1.69 24.14 11.45
CA ASN A 852 -3.11 24.23 11.75
C ASN A 852 -3.78 22.86 11.88
N LEU A 853 -3.07 21.79 11.53
CA LEU A 853 -3.65 20.44 11.56
C LEU A 853 -2.93 19.51 12.53
N THR A 854 -2.08 20.04 13.39
CA THR A 854 -1.44 19.20 14.41
C THR A 854 -2.45 18.79 15.46
N TYR A 855 -2.15 17.69 16.15
CA TYR A 855 -3.09 17.13 17.12
C TYR A 855 -3.37 18.11 18.25
N GLU A 856 -2.35 18.79 18.75
CA GLU A 856 -2.55 19.75 19.83
C GLU A 856 -3.45 20.90 19.39
N PHE A 857 -3.25 21.40 18.16
CA PHE A 857 -4.09 22.47 17.66
C PHE A 857 -5.55 22.04 17.54
N LEU A 858 -5.78 20.84 17.03
CA LEU A 858 -7.15 20.33 16.92
C LEU A 858 -7.78 20.15 18.29
N GLN A 859 -7.03 19.64 19.26
CA GLN A 859 -7.57 19.48 20.61
C GLN A 859 -7.93 20.82 21.22
N ALA A 860 -7.05 21.81 21.08
CA ALA A 860 -7.33 23.13 21.63
C ALA A 860 -8.55 23.76 20.97
N ARG A 861 -8.65 23.65 19.64
CA ARG A 861 -9.78 24.25 18.94
C ARG A 861 -11.08 23.53 19.29
N LEU A 862 -11.04 22.21 19.46
CA LEU A 862 -12.24 21.47 19.86
C LEU A 862 -12.67 21.85 21.26
N ARG A 863 -11.71 22.03 22.18
CA ARG A 863 -12.04 22.47 23.53
C ARG A 863 -12.67 23.87 23.50
N GLN A 864 -12.12 24.76 22.69
CA GLN A 864 -12.71 26.09 22.56
C GLN A 864 -14.12 26.03 21.97
N HIS A 865 -14.32 25.16 20.98
CA HIS A 865 -15.65 25.00 20.40
C HIS A 865 -16.65 24.49 21.42
N TYR A 866 -16.24 23.53 22.25
CA TYR A 866 -17.10 23.05 23.32
C TYR A 866 -17.41 24.15 24.31
N GLN A 867 -16.39 24.94 24.69
CA GLN A 867 -16.58 26.00 25.68
C GLN A 867 -17.53 27.09 25.17
N THR A 868 -17.39 27.47 23.89
CA THR A 868 -18.21 28.56 23.37
C THR A 868 -19.69 28.19 23.34
N ILE A 869 -20.01 26.98 22.93
CA ILE A 869 -21.40 26.55 22.86
C ILE A 869 -21.84 25.94 24.18
N LYS B 46 -23.91 0.25 -23.49
CA LYS B 46 -24.22 -0.17 -22.14
C LYS B 46 -23.82 0.90 -21.13
N ASP B 47 -24.68 1.14 -20.14
CA ASP B 47 -24.48 2.17 -19.15
C ASP B 47 -24.25 1.56 -17.78
N TYR B 48 -23.32 2.14 -17.03
CA TYR B 48 -23.00 1.70 -15.68
C TYR B 48 -22.99 2.89 -14.73
N GLU B 49 -23.32 2.63 -13.47
CA GLU B 49 -23.43 3.67 -12.45
C GLU B 49 -22.34 3.45 -11.40
N SER B 50 -21.54 4.50 -11.16
CA SER B 50 -20.43 4.39 -10.23
C SER B 50 -20.93 4.30 -8.79
N LEU B 51 -20.00 4.05 -7.88
CA LEU B 51 -20.32 3.97 -6.46
C LEU B 51 -20.36 5.36 -5.83
N ASP B 52 -21.18 5.50 -4.80
CA ASP B 52 -21.25 6.73 -4.00
C ASP B 52 -20.27 6.66 -2.83
N TYR B 53 -18.99 6.49 -3.17
CA TYR B 53 -17.97 6.31 -2.13
C TYR B 53 -17.78 7.56 -1.30
N ASP B 54 -17.84 8.73 -1.91
CA ASP B 54 -17.58 9.98 -1.19
C ASP B 54 -18.62 10.17 -0.09
N ARG B 55 -18.15 10.52 1.10
CA ARG B 55 -19.04 10.69 2.24
C ARG B 55 -19.82 11.99 2.12
N CYS B 56 -21.13 11.92 2.31
CA CYS B 56 -22.00 13.08 2.28
C CYS B 56 -22.33 13.47 3.72
N ILE B 57 -21.83 14.63 4.14
CA ILE B 57 -22.04 15.12 5.50
C ILE B 57 -23.07 16.24 5.43
N ASN B 58 -24.25 15.99 6.01
CA ASN B 58 -25.35 16.95 5.96
C ASN B 58 -25.96 17.02 7.36
N ASP B 59 -27.12 17.67 7.47
CA ASP B 59 -27.71 17.95 8.78
C ASP B 59 -28.05 16.68 9.56
N PRO B 60 -28.74 15.68 9.00
CA PRO B 60 -28.96 14.44 9.78
C PRO B 60 -27.66 13.77 10.21
N TYR B 61 -26.65 13.78 9.34
CA TYR B 61 -25.36 13.22 9.71
C TYR B 61 -24.73 14.00 10.85
N LEU B 62 -24.86 15.33 10.82
CA LEU B 62 -24.34 16.15 11.91
C LEU B 62 -25.07 15.87 13.22
N GLU B 63 -26.39 15.66 13.16
CA GLU B 63 -27.12 15.32 14.38
C GLU B 63 -26.66 13.98 14.94
N VAL B 64 -26.47 12.98 14.07
CA VAL B 64 -25.97 11.68 14.52
C VAL B 64 -24.58 11.83 15.12
N LEU B 65 -23.72 12.65 14.50
CA LEU B 65 -22.39 12.88 15.04
C LEU B 65 -22.45 13.53 16.42
N GLU B 66 -23.37 14.48 16.59
CA GLU B 66 -23.54 15.11 17.90
C GLU B 66 -23.99 14.10 18.94
N THR B 67 -24.89 13.18 18.56
CA THR B 67 -25.31 12.14 19.49
C THR B 67 -24.16 11.21 19.85
N MET B 68 -23.33 10.87 18.88
CA MET B 68 -22.25 9.90 19.07
C MET B 68 -21.10 10.44 19.91
N ASP B 69 -20.66 9.67 20.90
CA ASP B 69 -19.53 10.00 21.76
C ASP B 69 -18.39 9.01 21.52
N ASN B 70 -17.33 9.13 22.33
CA ASN B 70 -16.15 8.31 22.13
C ASN B 70 -16.44 6.82 22.38
N LYS B 71 -17.19 6.52 23.44
CA LYS B 71 -17.47 5.12 23.77
C LYS B 71 -18.24 4.43 22.66
N LYS B 72 -19.22 5.12 22.08
CA LYS B 72 -19.97 4.56 20.97
C LYS B 72 -19.06 4.33 19.77
N GLY B 73 -18.10 5.23 19.54
CA GLY B 73 -17.15 5.02 18.46
C GLY B 73 -16.29 3.80 18.68
N ARG B 74 -15.82 3.59 19.91
CA ARG B 74 -15.03 2.41 20.21
C ARG B 74 -15.84 1.13 20.01
N ARG B 75 -17.11 1.14 20.45
CA ARG B 75 -17.98 -0.01 20.23
C ARG B 75 -18.18 -0.26 18.75
N TYR B 76 -18.37 0.80 17.96
CA TYR B 76 -18.53 0.67 16.52
C TYR B 76 -17.29 0.05 15.89
N GLU B 77 -16.11 0.47 16.32
CA GLU B 77 -14.88 -0.08 15.76
C GLU B 77 -14.71 -1.54 16.13
N ALA B 78 -15.09 -1.92 17.36
CA ALA B 78 -15.06 -3.32 17.75
C ALA B 78 -16.01 -4.17 16.90
N VAL B 79 -17.22 -3.66 16.66
CA VAL B 79 -18.16 -4.38 15.81
C VAL B 79 -17.62 -4.51 14.40
N LYS B 80 -16.92 -3.49 13.91
CA LYS B 80 -16.28 -3.58 12.60
C LYS B 80 -15.25 -4.70 12.57
N TRP B 81 -14.44 -4.81 13.63
CA TRP B 81 -13.47 -5.90 13.70
C TRP B 81 -14.17 -7.26 13.68
N MET B 82 -15.26 -7.39 14.44
CA MET B 82 -16.00 -8.65 14.45
C MET B 82 -16.53 -9.00 13.06
N VAL B 83 -17.06 -8.00 12.35
CA VAL B 83 -17.57 -8.24 11.01
C VAL B 83 -16.46 -8.68 10.07
N VAL B 84 -15.29 -8.06 10.18
CA VAL B 84 -14.16 -8.45 9.33
C VAL B 84 -13.76 -9.90 9.60
N PHE B 85 -13.69 -10.28 10.88
CA PHE B 85 -13.35 -11.66 11.21
C PHE B 85 -14.38 -12.64 10.68
N ALA B 86 -15.66 -12.30 10.78
CA ALA B 86 -16.71 -13.17 10.26
C ALA B 86 -16.60 -13.33 8.76
N ILE B 87 -16.29 -12.23 8.05
CA ILE B 87 -16.11 -12.31 6.60
C ILE B 87 -14.97 -13.25 6.25
N GLY B 88 -13.85 -13.12 6.95
CA GLY B 88 -12.73 -14.02 6.69
C GLY B 88 -13.07 -15.48 6.93
N VAL B 89 -13.75 -15.77 8.04
CA VAL B 89 -14.12 -17.15 8.35
C VAL B 89 -15.07 -17.71 7.29
N CYS B 90 -16.04 -16.90 6.86
CA CYS B 90 -16.98 -17.37 5.85
C CYS B 90 -16.28 -17.64 4.52
N THR B 91 -15.33 -16.79 4.13
CA THR B 91 -14.58 -17.06 2.91
C THR B 91 -13.78 -18.35 3.02
N GLY B 92 -13.15 -18.57 4.17
CA GLY B 92 -12.43 -19.82 4.37
C GLY B 92 -13.34 -21.04 4.27
N LEU B 93 -14.53 -20.95 4.86
CA LEU B 93 -15.47 -22.06 4.79
C LEU B 93 -15.97 -22.31 3.37
N VAL B 94 -16.18 -21.25 2.59
CA VAL B 94 -16.56 -21.43 1.19
C VAL B 94 -15.44 -22.13 0.42
N GLY B 95 -14.19 -21.73 0.66
CA GLY B 95 -13.07 -22.41 0.02
C GLY B 95 -12.99 -23.88 0.40
N LEU B 96 -13.24 -24.20 1.67
CA LEU B 96 -13.26 -25.58 2.11
C LEU B 96 -14.36 -26.37 1.39
N PHE B 97 -15.55 -25.78 1.29
CA PHE B 97 -16.66 -26.41 0.57
C PHE B 97 -16.24 -26.77 -0.85
N VAL B 98 -15.71 -25.78 -1.57
CA VAL B 98 -15.35 -25.98 -2.97
C VAL B 98 -14.28 -27.07 -3.10
N ASP B 99 -13.23 -26.99 -2.28
CA ASP B 99 -12.16 -27.97 -2.37
C ASP B 99 -12.65 -29.38 -2.07
N PHE B 100 -13.45 -29.53 -1.00
CA PHE B 100 -13.89 -30.86 -0.60
C PHE B 100 -14.77 -31.50 -1.67
N PHE B 101 -15.77 -30.80 -2.20
CA PHE B 101 -16.57 -31.43 -3.23
C PHE B 101 -15.85 -31.60 -4.56
N VAL B 102 -14.93 -30.70 -4.92
CA VAL B 102 -14.15 -30.91 -6.14
C VAL B 102 -13.35 -32.20 -6.02
N ARG B 103 -12.65 -32.37 -4.90
CA ARG B 103 -11.89 -33.60 -4.69
C ARG B 103 -12.77 -34.84 -4.68
N LEU B 104 -13.91 -34.80 -3.99
CA LEU B 104 -14.79 -35.96 -3.95
C LEU B 104 -15.25 -36.36 -5.34
N PHE B 105 -15.79 -35.40 -6.12
CA PHE B 105 -16.30 -35.74 -7.45
C PHE B 105 -15.18 -36.21 -8.37
N THR B 106 -14.03 -35.54 -8.34
CA THR B 106 -12.93 -35.92 -9.22
C THR B 106 -12.44 -37.33 -8.88
N GLN B 107 -12.27 -37.63 -7.59
CA GLN B 107 -11.81 -38.96 -7.20
C GLN B 107 -12.82 -40.03 -7.57
N LEU B 108 -14.11 -39.75 -7.40
CA LEU B 108 -15.13 -40.73 -7.76
C LEU B 108 -15.08 -41.04 -9.26
N LYS B 109 -15.12 -40.00 -10.09
CA LYS B 109 -15.14 -40.24 -11.53
C LYS B 109 -13.85 -40.90 -12.01
N PHE B 110 -12.71 -40.51 -11.46
CA PHE B 110 -11.46 -41.14 -11.87
C PHE B 110 -11.31 -42.56 -11.37
N GLY B 111 -11.87 -42.90 -10.21
CA GLY B 111 -11.89 -44.30 -9.80
C GLY B 111 -12.74 -45.16 -10.72
N VAL B 112 -13.91 -44.64 -11.11
CA VAL B 112 -14.76 -45.38 -12.05
C VAL B 112 -14.03 -45.56 -13.38
N VAL B 113 -13.40 -44.49 -13.87
CA VAL B 113 -12.65 -44.59 -15.13
C VAL B 113 -11.49 -45.57 -14.99
N GLN B 114 -10.83 -45.58 -13.84
CA GLN B 114 -9.72 -46.50 -13.62
C GLN B 114 -10.17 -47.95 -13.70
N THR B 115 -11.26 -48.28 -13.01
CA THR B 115 -11.77 -49.65 -13.07
C THR B 115 -12.21 -50.01 -14.49
N SER B 116 -12.89 -49.10 -15.18
CA SER B 116 -13.33 -49.37 -16.54
C SER B 116 -12.15 -49.60 -17.46
N VAL B 117 -11.10 -48.79 -17.33
CA VAL B 117 -9.91 -48.97 -18.15
C VAL B 117 -9.25 -50.31 -17.86
N GLU B 118 -9.13 -50.65 -16.57
CA GLU B 118 -8.49 -51.90 -16.21
C GLU B 118 -9.21 -53.11 -16.82
N GLU B 119 -10.54 -53.10 -16.77
CA GLU B 119 -11.30 -54.20 -17.38
C GLU B 119 -11.23 -54.18 -18.90
N CYS B 120 -11.44 -53.00 -19.50
CA CYS B 120 -11.58 -52.90 -20.95
C CYS B 120 -10.26 -53.10 -21.68
N SER B 121 -9.14 -52.72 -21.09
CA SER B 121 -7.85 -52.98 -21.72
C SER B 121 -7.56 -54.48 -21.79
N GLN B 122 -7.89 -55.21 -20.72
CA GLN B 122 -7.80 -56.67 -20.79
C GLN B 122 -8.74 -57.24 -21.83
N LYS B 123 -9.97 -56.71 -21.89
CA LYS B 123 -10.86 -57.12 -22.97
C LYS B 123 -10.39 -56.57 -24.31
N GLY B 124 -9.72 -55.42 -24.32
CA GLY B 124 -9.28 -54.79 -25.54
C GLY B 124 -10.27 -53.83 -26.16
N CYS B 125 -11.43 -53.61 -25.54
CA CYS B 125 -12.44 -52.74 -26.12
C CYS B 125 -11.99 -51.28 -26.19
N LEU B 126 -11.35 -50.80 -25.11
CA LEU B 126 -10.76 -49.45 -25.08
C LEU B 126 -11.78 -48.37 -25.46
N ALA B 127 -13.06 -48.67 -25.27
CA ALA B 127 -14.11 -47.74 -25.67
C ALA B 127 -15.13 -47.41 -24.59
N LEU B 128 -15.51 -48.34 -23.72
CA LEU B 128 -16.53 -48.04 -22.72
C LEU B 128 -16.03 -47.04 -21.69
N SER B 129 -14.73 -47.08 -21.39
CA SER B 129 -14.16 -46.09 -20.49
C SER B 129 -14.30 -44.68 -21.05
N LEU B 130 -14.09 -44.53 -22.36
CA LEU B 130 -14.30 -43.24 -22.99
C LEU B 130 -15.75 -42.79 -22.85
N LEU B 131 -16.69 -43.72 -23.03
CA LEU B 131 -18.11 -43.38 -22.90
C LEU B 131 -18.44 -42.92 -21.48
N GLU B 132 -17.91 -43.62 -20.47
CA GLU B 132 -18.19 -43.22 -19.09
C GLU B 132 -17.56 -41.87 -18.76
N LEU B 133 -16.32 -41.66 -19.21
CA LEU B 133 -15.67 -40.37 -18.97
C LEU B 133 -16.43 -39.24 -19.65
N LEU B 134 -16.91 -39.49 -20.88
CA LEU B 134 -17.71 -38.49 -21.59
C LEU B 134 -19.01 -38.21 -20.85
N GLY B 135 -19.66 -39.26 -20.33
CA GLY B 135 -20.88 -39.05 -19.58
C GLY B 135 -20.66 -38.17 -18.36
N PHE B 136 -19.64 -38.50 -17.57
CA PHE B 136 -19.31 -37.66 -16.41
C PHE B 136 -18.99 -36.23 -16.79
N ASN B 137 -18.10 -36.02 -17.76
CA ASN B 137 -17.68 -34.69 -18.16
C ASN B 137 -18.84 -33.86 -18.70
N LEU B 138 -19.63 -34.44 -19.62
CA LEU B 138 -20.75 -33.71 -20.20
C LEU B 138 -21.82 -33.39 -19.15
N THR B 139 -22.12 -34.32 -18.26
CA THR B 139 -23.11 -34.04 -17.22
C THR B 139 -22.62 -32.89 -16.33
N PHE B 140 -21.35 -32.93 -15.92
CA PHE B 140 -20.84 -31.88 -15.04
C PHE B 140 -20.83 -30.52 -15.76
N VAL B 141 -20.42 -30.50 -17.03
CA VAL B 141 -20.37 -29.24 -17.75
C VAL B 141 -21.76 -28.69 -18.01
N PHE B 142 -22.73 -29.57 -18.29
CA PHE B 142 -24.11 -29.12 -18.48
C PHE B 142 -24.67 -28.52 -17.20
N LEU B 143 -24.42 -29.18 -16.05
CA LEU B 143 -24.88 -28.63 -14.78
C LEU B 143 -24.18 -27.32 -14.44
N ALA B 144 -22.92 -27.17 -14.86
CA ALA B 144 -22.21 -25.91 -14.63
C ALA B 144 -22.69 -24.79 -15.53
N SER B 145 -23.10 -25.11 -16.76
CA SER B 145 -23.56 -24.08 -17.70
C SER B 145 -25.00 -23.65 -17.45
N LEU B 146 -25.85 -24.55 -16.94
CA LEU B 146 -27.20 -24.12 -16.59
C LEU B 146 -27.18 -23.05 -15.51
N LEU B 147 -26.30 -23.22 -14.52
CA LEU B 147 -26.20 -22.25 -13.44
C LEU B 147 -25.67 -20.89 -13.90
N VAL B 148 -25.01 -20.84 -15.06
CA VAL B 148 -24.51 -19.58 -15.58
C VAL B 148 -25.58 -18.96 -16.48
N LEU B 149 -26.37 -19.82 -17.13
CA LEU B 149 -27.55 -19.31 -17.80
C LEU B 149 -28.54 -18.70 -16.82
N ILE B 150 -28.58 -19.20 -15.59
CA ILE B 150 -29.41 -18.60 -14.56
C ILE B 150 -28.88 -17.21 -14.20
N GLU B 151 -27.57 -17.11 -13.95
CA GLU B 151 -26.92 -15.85 -13.58
C GLU B 151 -25.81 -15.54 -14.57
N PRO B 152 -26.03 -14.68 -15.55
CA PRO B 152 -25.02 -14.47 -16.61
C PRO B 152 -23.68 -13.96 -16.10
N VAL B 153 -23.66 -13.15 -15.03
CA VAL B 153 -22.42 -12.56 -14.57
C VAL B 153 -21.47 -13.56 -13.92
N ALA B 154 -21.92 -14.80 -13.71
CA ALA B 154 -21.05 -15.81 -13.14
C ALA B 154 -20.06 -16.38 -14.15
N ALA B 155 -20.24 -16.07 -15.43
CA ALA B 155 -19.37 -16.62 -16.46
C ALA B 155 -17.95 -16.08 -16.33
N GLY B 156 -16.97 -16.97 -16.48
CA GLY B 156 -15.58 -16.58 -16.47
C GLY B 156 -15.06 -16.29 -15.08
N SER B 157 -13.79 -15.88 -15.04
CA SER B 157 -13.16 -15.50 -13.79
C SER B 157 -13.79 -14.25 -13.22
N GLY B 158 -13.78 -14.14 -11.89
CA GLY B 158 -14.39 -12.99 -11.24
C GLY B 158 -13.53 -11.74 -11.23
N ILE B 159 -12.24 -11.87 -11.55
CA ILE B 159 -11.35 -10.70 -11.49
C ILE B 159 -11.79 -9.58 -12.42
N PRO B 160 -12.20 -9.84 -13.68
CA PRO B 160 -12.71 -8.73 -14.50
C PRO B 160 -13.89 -8.02 -13.87
N GLU B 161 -14.73 -8.72 -13.12
CA GLU B 161 -15.88 -8.10 -12.45
C GLU B 161 -15.54 -7.58 -11.05
N VAL B 162 -14.34 -7.85 -10.55
CA VAL B 162 -13.89 -7.29 -9.29
C VAL B 162 -12.99 -6.08 -9.49
N LYS B 163 -12.17 -6.06 -10.54
CA LYS B 163 -11.40 -4.87 -10.85
C LYS B 163 -12.30 -3.67 -11.12
N CYS B 164 -13.51 -3.91 -11.63
CA CYS B 164 -14.45 -2.83 -11.89
C CYS B 164 -15.16 -2.37 -10.62
N TYR B 165 -15.59 -3.30 -9.76
CA TYR B 165 -16.26 -2.90 -8.53
C TYR B 165 -15.31 -2.17 -7.60
N LEU B 166 -14.07 -2.64 -7.47
CA LEU B 166 -13.09 -1.91 -6.69
C LEU B 166 -12.78 -0.55 -7.30
N ASN B 167 -12.89 -0.45 -8.63
CA ASN B 167 -12.86 0.84 -9.30
C ASN B 167 -14.14 1.64 -9.09
N GLY B 168 -15.20 0.99 -8.60
CA GLY B 168 -16.47 1.66 -8.39
C GLY B 168 -17.25 1.84 -9.67
N VAL B 169 -17.59 0.75 -10.36
CA VAL B 169 -18.35 0.83 -11.59
C VAL B 169 -19.71 0.19 -11.39
N LYS B 170 -19.80 -0.74 -10.44
CA LYS B 170 -21.04 -1.43 -10.10
C LYS B 170 -21.63 -2.14 -11.32
N VAL B 171 -20.90 -3.11 -11.83
CA VAL B 171 -21.47 -3.98 -12.87
C VAL B 171 -22.68 -4.69 -12.29
N PRO B 172 -23.84 -4.67 -12.94
CA PRO B 172 -25.05 -5.24 -12.33
C PRO B 172 -24.89 -6.73 -12.06
N GLY B 173 -25.07 -7.11 -10.80
CA GLY B 173 -25.05 -8.50 -10.40
C GLY B 173 -23.75 -9.01 -9.82
N ILE B 174 -22.78 -8.14 -9.54
CA ILE B 174 -21.52 -8.60 -8.93
C ILE B 174 -21.80 -9.22 -7.57
N VAL B 175 -22.35 -8.44 -6.65
CA VAL B 175 -22.49 -8.84 -5.26
C VAL B 175 -23.97 -9.17 -5.04
N ARG B 176 -24.26 -10.47 -5.03
CA ARG B 176 -25.62 -10.95 -4.84
C ARG B 176 -25.55 -12.40 -4.38
N LEU B 177 -26.55 -12.80 -3.59
CA LEU B 177 -26.58 -14.16 -3.07
C LEU B 177 -26.68 -15.18 -4.19
N ARG B 178 -27.54 -14.93 -5.18
CA ARG B 178 -27.70 -15.87 -6.28
C ARG B 178 -26.43 -16.01 -7.09
N THR B 179 -25.71 -14.90 -7.31
CA THR B 179 -24.43 -14.97 -8.01
C THR B 179 -23.43 -15.83 -7.24
N LEU B 180 -23.36 -15.66 -5.92
CA LEU B 180 -22.47 -16.48 -5.11
C LEU B 180 -22.83 -17.96 -5.21
N LEU B 181 -24.12 -18.29 -5.07
CA LEU B 181 -24.53 -19.69 -5.14
C LEU B 181 -24.20 -20.28 -6.51
N CYS B 182 -24.55 -19.55 -7.58
CA CYS B 182 -24.29 -20.03 -8.93
C CYS B 182 -22.81 -20.23 -9.19
N LYS B 183 -21.95 -19.28 -8.83
CA LYS B 183 -20.52 -19.43 -9.05
C LYS B 183 -19.91 -20.56 -8.21
N VAL B 184 -20.28 -20.65 -6.93
CA VAL B 184 -19.71 -21.69 -6.07
C VAL B 184 -20.12 -23.08 -6.57
N LEU B 185 -21.40 -23.25 -6.90
CA LEU B 185 -21.85 -24.55 -7.36
C LEU B 185 -21.50 -24.82 -8.82
N GLY B 186 -21.06 -23.80 -9.57
CA GLY B 186 -20.62 -24.03 -10.92
C GLY B 186 -19.14 -24.32 -11.02
N VAL B 187 -18.34 -23.83 -10.08
CA VAL B 187 -16.91 -24.12 -10.09
C VAL B 187 -16.67 -25.61 -9.86
N LEU B 188 -17.35 -26.20 -8.88
CA LEU B 188 -17.13 -27.61 -8.58
C LEU B 188 -17.77 -28.53 -9.61
N PHE B 189 -18.59 -28.01 -10.51
CA PHE B 189 -19.13 -28.79 -11.62
C PHE B 189 -18.40 -28.52 -12.93
N SER B 190 -17.60 -27.45 -12.98
CA SER B 190 -16.79 -27.14 -14.16
C SER B 190 -15.38 -27.73 -14.06
N VAL B 191 -14.68 -27.50 -12.95
CA VAL B 191 -13.33 -28.03 -12.83
C VAL B 191 -13.37 -29.55 -12.67
N ALA B 192 -14.47 -30.09 -12.15
CA ALA B 192 -14.61 -31.54 -12.05
C ALA B 192 -14.90 -32.19 -13.40
N GLY B 193 -15.23 -31.41 -14.41
CA GLY B 193 -15.49 -31.92 -15.74
C GLY B 193 -14.29 -31.95 -16.66
N GLY B 194 -13.09 -31.70 -16.15
CA GLY B 194 -11.89 -31.72 -16.96
C GLY B 194 -11.88 -30.65 -18.04
N LEU B 195 -12.23 -29.41 -17.67
CA LEU B 195 -12.34 -28.31 -18.60
C LEU B 195 -11.08 -27.46 -18.67
N PHE B 196 -9.99 -27.89 -18.03
CA PHE B 196 -8.74 -27.11 -17.99
C PHE B 196 -8.98 -25.73 -17.41
N VAL B 197 -9.72 -25.67 -16.31
CA VAL B 197 -10.01 -24.42 -15.63
C VAL B 197 -9.50 -24.53 -14.20
N GLU B 198 -9.70 -23.47 -13.41
CA GLU B 198 -9.15 -23.39 -12.07
C GLU B 198 -10.25 -23.06 -11.06
N LYS B 199 -9.85 -23.05 -9.79
CA LYS B 199 -10.74 -22.69 -8.70
C LYS B 199 -10.32 -21.42 -7.97
N GLU B 200 -9.06 -21.01 -8.09
CA GLU B 200 -8.56 -19.86 -7.34
C GLU B 200 -8.99 -18.53 -7.94
N GLY B 201 -9.45 -18.51 -9.18
CA GLY B 201 -9.98 -17.32 -9.78
C GLY B 201 -11.31 -16.90 -9.19
N PRO B 202 -12.32 -17.79 -9.30
CA PRO B 202 -13.63 -17.46 -8.73
C PRO B 202 -13.64 -17.29 -7.22
N MET B 203 -12.61 -17.74 -6.52
CA MET B 203 -12.56 -17.53 -5.07
C MET B 203 -12.51 -16.05 -4.72
N ILE B 204 -11.87 -15.23 -5.56
CA ILE B 204 -11.83 -13.79 -5.30
C ILE B 204 -13.22 -13.20 -5.38
N HIS B 205 -13.98 -13.57 -6.41
CA HIS B 205 -15.34 -13.08 -6.55
C HIS B 205 -16.23 -13.58 -5.41
N SER B 206 -16.06 -14.84 -5.00
CA SER B 206 -16.84 -15.37 -3.89
C SER B 206 -16.54 -14.62 -2.59
N GLY B 207 -15.26 -14.36 -2.32
CA GLY B 207 -14.90 -13.55 -1.17
C GLY B 207 -15.46 -12.14 -1.23
N SER B 208 -15.44 -11.53 -2.41
CA SER B 208 -16.02 -10.19 -2.56
C SER B 208 -17.51 -10.21 -2.26
N VAL B 209 -18.23 -11.21 -2.77
CA VAL B 209 -19.67 -11.30 -2.51
C VAL B 209 -19.93 -11.50 -1.02
N VAL B 210 -19.15 -12.36 -0.37
CA VAL B 210 -19.33 -12.59 1.06
C VAL B 210 -19.06 -11.31 1.85
N GLY B 211 -18.01 -10.59 1.47
CA GLY B 211 -17.67 -9.36 2.18
C GLY B 211 -18.68 -8.25 1.96
N ALA B 212 -19.35 -8.26 0.81
CA ALA B 212 -20.43 -7.29 0.60
C ALA B 212 -21.69 -7.69 1.34
N GLY B 213 -21.95 -8.98 1.49
CA GLY B 213 -23.18 -9.45 2.09
C GLY B 213 -23.21 -9.48 3.60
N LEU B 214 -22.11 -9.90 4.23
CA LEU B 214 -22.12 -10.09 5.68
C LEU B 214 -22.38 -8.81 6.48
N PRO B 215 -21.71 -7.68 6.21
CA PRO B 215 -21.97 -6.49 7.03
C PRO B 215 -23.42 -6.02 7.00
N GLN B 216 -24.12 -6.19 5.88
CA GLN B 216 -25.53 -5.81 5.83
C GLN B 216 -26.37 -6.86 6.53
N PHE B 217 -26.98 -6.48 7.65
CA PHE B 217 -27.77 -7.41 8.43
C PHE B 217 -29.17 -7.58 7.84
N TYR B 231 -26.22 0.04 10.97
CA TYR B 231 -25.06 0.76 10.45
C TYR B 231 -24.44 0.01 9.27
N PHE B 232 -23.29 0.50 8.80
CA PHE B 232 -22.53 -0.06 7.69
C PHE B 232 -23.31 -0.02 6.38
N ARG B 233 -24.33 0.82 6.28
CA ARG B 233 -25.15 0.83 5.07
C ARG B 233 -24.43 1.47 3.88
N SER B 234 -23.77 2.61 4.11
CA SER B 234 -23.26 3.41 3.01
C SER B 234 -22.20 2.66 2.21
N ASP B 235 -22.10 3.00 0.93
CA ASP B 235 -21.09 2.42 0.04
C ASP B 235 -19.67 2.69 0.51
N ARG B 236 -19.46 3.75 1.30
CA ARG B 236 -18.15 4.01 1.88
C ARG B 236 -17.65 2.82 2.69
N ASP B 237 -18.57 2.09 3.33
CA ASP B 237 -18.22 0.88 4.06
C ASP B 237 -18.27 -0.37 3.19
N LYS B 238 -19.20 -0.40 2.22
CA LYS B 238 -19.32 -1.57 1.36
C LYS B 238 -18.07 -1.77 0.52
N ARG B 239 -17.49 -0.69 -0.01
CA ARG B 239 -16.29 -0.82 -0.81
C ARG B 239 -15.13 -1.36 0.03
N ASP B 240 -15.00 -0.86 1.26
CA ASP B 240 -13.96 -1.38 2.15
C ASP B 240 -14.18 -2.85 2.47
N PHE B 241 -15.43 -3.24 2.70
CA PHE B 241 -15.72 -4.63 3.03
C PHE B 241 -15.49 -5.56 1.84
N VAL B 242 -15.79 -5.11 0.62
CA VAL B 242 -15.47 -5.93 -0.54
C VAL B 242 -13.97 -5.97 -0.80
N SER B 243 -13.22 -4.91 -0.45
CA SER B 243 -11.77 -4.99 -0.49
C SER B 243 -11.27 -6.08 0.46
N ALA B 244 -11.80 -6.10 1.67
CA ALA B 244 -11.43 -7.14 2.64
C ALA B 244 -11.82 -8.52 2.13
N GLY B 245 -13.00 -8.64 1.51
CA GLY B 245 -13.43 -9.91 0.98
C GLY B 245 -12.56 -10.41 -0.16
N ALA B 246 -12.16 -9.51 -1.05
CA ALA B 246 -11.25 -9.89 -2.13
C ALA B 246 -9.89 -10.31 -1.59
N ALA B 247 -9.39 -9.60 -0.57
CA ALA B 247 -8.13 -10.00 0.05
C ALA B 247 -8.24 -11.38 0.68
N ALA B 248 -9.36 -11.65 1.37
CA ALA B 248 -9.57 -12.96 1.96
C ALA B 248 -9.68 -14.04 0.89
N GLY B 249 -10.34 -13.73 -0.22
CA GLY B 249 -10.45 -14.69 -1.30
C GLY B 249 -9.09 -15.04 -1.90
N VAL B 250 -8.26 -14.03 -2.14
CA VAL B 250 -6.92 -14.29 -2.66
C VAL B 250 -6.11 -15.11 -1.66
N ALA B 251 -6.20 -14.76 -0.36
CA ALA B 251 -5.45 -15.50 0.65
C ALA B 251 -5.87 -16.95 0.72
N ALA B 252 -7.18 -17.21 0.69
CA ALA B 252 -7.66 -18.59 0.73
C ALA B 252 -7.29 -19.33 -0.54
N ALA B 253 -7.29 -18.63 -1.68
CA ALA B 253 -7.00 -19.27 -2.96
C ALA B 253 -5.54 -19.70 -3.05
N PHE B 254 -4.61 -18.80 -2.73
CA PHE B 254 -3.20 -19.04 -2.98
C PHE B 254 -2.38 -19.24 -1.72
N GLY B 255 -2.95 -19.04 -0.54
CA GLY B 255 -2.19 -19.15 0.68
C GLY B 255 -1.35 -17.94 1.01
N ALA B 256 -1.54 -16.83 0.31
CA ALA B 256 -0.76 -15.61 0.54
C ALA B 256 -1.66 -14.51 1.06
N PRO B 257 -1.66 -14.22 2.36
CA PRO B 257 -2.50 -13.13 2.89
C PRO B 257 -1.98 -11.75 2.50
N ILE B 258 -0.66 -11.58 2.55
CA ILE B 258 -0.05 -10.31 2.17
C ILE B 258 -0.26 -10.05 0.68
N GLY B 259 -0.18 -11.10 -0.14
CA GLY B 259 -0.54 -10.96 -1.54
C GLY B 259 -1.97 -10.49 -1.72
N GLY B 260 -2.88 -11.01 -0.90
CA GLY B 260 -4.28 -10.59 -1.00
C GLY B 260 -4.49 -9.14 -0.62
N THR B 261 -3.87 -8.71 0.49
CA THR B 261 -4.04 -7.31 0.90
C THR B 261 -3.39 -6.37 -0.10
N LEU B 262 -2.26 -6.76 -0.68
CA LEU B 262 -1.65 -5.93 -1.72
C LEU B 262 -2.47 -5.91 -3.00
N PHE B 263 -3.14 -7.02 -3.35
CA PHE B 263 -4.06 -7.01 -4.47
C PHE B 263 -5.21 -6.05 -4.22
N SER B 264 -5.78 -6.08 -3.01
CA SER B 264 -6.87 -5.17 -2.68
C SER B 264 -6.40 -3.72 -2.73
N LEU B 265 -5.21 -3.43 -2.23
CA LEU B 265 -4.68 -2.07 -2.33
C LEU B 265 -4.44 -1.65 -3.77
N GLU B 266 -3.89 -2.55 -4.60
CA GLU B 266 -3.54 -2.20 -5.96
C GLU B 266 -4.75 -1.99 -6.85
N GLU B 267 -5.78 -2.82 -6.71
CA GLU B 267 -6.97 -2.68 -7.55
C GLU B 267 -7.85 -1.52 -7.09
N GLY B 268 -8.24 -1.52 -5.82
CA GLY B 268 -9.00 -0.40 -5.29
C GLY B 268 -8.11 0.75 -4.92
N SER B 269 -7.52 1.40 -5.92
CA SER B 269 -6.58 2.48 -5.68
C SER B 269 -7.27 3.65 -4.99
N SER B 270 -6.73 4.06 -3.85
CA SER B 270 -7.29 5.17 -3.09
C SER B 270 -6.23 5.67 -2.13
N PHE B 271 -6.62 6.66 -1.32
CA PHE B 271 -5.72 7.21 -0.32
C PHE B 271 -5.36 6.15 0.71
N TRP B 272 -4.18 6.29 1.30
CA TRP B 272 -3.71 5.32 2.28
C TRP B 272 -4.61 5.33 3.51
N ASN B 273 -5.08 4.15 3.90
CA ASN B 273 -5.95 3.98 5.05
C ASN B 273 -5.39 2.83 5.90
N GLN B 274 -4.57 3.19 6.90
CA GLN B 274 -3.94 2.17 7.72
C GLN B 274 -4.97 1.38 8.52
N GLY B 275 -5.98 2.07 9.05
CA GLY B 275 -6.99 1.39 9.84
C GLY B 275 -7.78 0.37 9.03
N LEU B 276 -7.78 0.53 7.71
CA LEU B 276 -8.46 -0.43 6.85
C LEU B 276 -7.50 -1.51 6.35
N THR B 277 -6.25 -1.14 6.08
CA THR B 277 -5.27 -2.13 5.64
C THR B 277 -5.01 -3.15 6.74
N TRP B 278 -4.96 -2.71 8.00
CA TRP B 278 -4.82 -3.63 9.11
C TRP B 278 -5.97 -4.62 9.15
N LYS B 279 -7.21 -4.13 8.96
CA LYS B 279 -8.37 -5.00 9.00
C LYS B 279 -8.38 -6.00 7.84
N VAL B 280 -8.01 -5.55 6.64
CA VAL B 280 -8.02 -6.46 5.49
C VAL B 280 -6.91 -7.50 5.62
N LEU B 281 -5.77 -7.11 6.20
CA LEU B 281 -4.73 -8.10 6.49
C LEU B 281 -5.22 -9.12 7.50
N PHE B 282 -5.94 -8.67 8.54
CA PHE B 282 -6.50 -9.61 9.50
C PHE B 282 -7.50 -10.55 8.82
N CYS B 283 -8.33 -10.01 7.93
CA CYS B 283 -9.30 -10.85 7.23
C CYS B 283 -8.60 -11.91 6.39
N SER B 284 -7.55 -11.52 5.66
CA SER B 284 -6.83 -12.48 4.84
C SER B 284 -6.18 -13.56 5.70
N MET B 285 -5.54 -13.16 6.80
CA MET B 285 -4.90 -14.15 7.67
C MET B 285 -5.93 -15.09 8.29
N SER B 286 -7.06 -14.57 8.75
CA SER B 286 -8.09 -15.43 9.32
C SER B 286 -8.65 -16.40 8.29
N ALA B 287 -8.89 -15.95 7.06
CA ALA B 287 -9.39 -16.85 6.02
C ALA B 287 -8.37 -17.94 5.71
N THR B 288 -7.11 -17.57 5.47
CA THR B 288 -6.12 -18.56 5.09
C THR B 288 -5.70 -19.46 6.25
N PHE B 289 -6.03 -19.10 7.49
CA PHE B 289 -5.72 -19.97 8.62
C PHE B 289 -6.93 -20.71 9.17
N THR B 290 -8.15 -20.40 8.71
CA THR B 290 -9.25 -21.31 8.95
C THR B 290 -9.39 -22.34 7.84
N LEU B 291 -9.12 -21.95 6.58
CA LEU B 291 -9.08 -22.92 5.51
C LEU B 291 -7.97 -23.95 5.74
N ASN B 292 -6.79 -23.48 6.16
CA ASN B 292 -5.70 -24.38 6.51
C ASN B 292 -6.11 -25.32 7.64
N PHE B 293 -6.73 -24.77 8.69
CA PHE B 293 -7.10 -25.58 9.85
C PHE B 293 -8.07 -26.69 9.47
N PHE B 294 -9.06 -26.37 8.62
CA PHE B 294 -10.02 -27.39 8.24
C PHE B 294 -9.43 -28.39 7.25
N ARG B 295 -8.68 -27.93 6.25
CA ARG B 295 -8.19 -28.83 5.21
C ARG B 295 -7.04 -29.72 5.69
N SER B 296 -6.28 -29.28 6.69
CA SER B 296 -5.26 -30.12 7.28
C SER B 296 -5.79 -30.99 8.40
N GLY B 297 -7.04 -30.77 8.82
CA GLY B 297 -7.66 -31.60 9.82
C GLY B 297 -8.60 -32.62 9.20
N ILE B 298 -8.95 -32.42 7.93
CA ILE B 298 -9.78 -33.38 7.22
C ILE B 298 -8.94 -34.40 6.47
N GLN B 299 -7.97 -33.94 5.68
CA GLN B 299 -7.12 -34.88 4.93
C GLN B 299 -6.28 -35.75 5.87
N PHE B 300 -5.70 -35.14 6.90
CA PHE B 300 -4.89 -35.86 7.87
C PHE B 300 -5.75 -36.22 9.08
N GLY B 301 -5.11 -36.72 10.13
CA GLY B 301 -5.80 -37.04 11.35
C GLY B 301 -5.66 -35.97 12.41
N SER B 302 -4.52 -35.28 12.41
CA SER B 302 -4.29 -34.21 13.36
C SER B 302 -5.19 -33.03 13.06
N TRP B 303 -5.86 -32.52 14.09
CA TRP B 303 -6.80 -31.41 13.91
C TRP B 303 -6.16 -30.06 14.19
N GLY B 304 -5.45 -29.92 15.31
CA GLY B 304 -4.88 -28.64 15.67
C GLY B 304 -3.74 -28.19 14.77
N SER B 305 -3.16 -29.11 14.02
CA SER B 305 -2.00 -28.78 13.19
C SER B 305 -2.42 -27.96 11.97
N PHE B 306 -1.47 -27.18 11.46
CA PHE B 306 -1.64 -26.38 10.25
C PHE B 306 -0.56 -26.86 9.28
N GLN B 307 -0.88 -27.91 8.51
CA GLN B 307 0.13 -28.60 7.71
C GLN B 307 0.19 -28.13 6.27
N LEU B 308 -0.91 -27.64 5.70
CA LEU B 308 -0.92 -27.27 4.29
C LEU B 308 -1.64 -25.95 4.06
N PRO B 309 -1.06 -25.05 3.28
CA PRO B 309 -1.72 -23.77 2.98
C PRO B 309 -2.91 -23.94 2.05
N GLY B 310 -3.44 -22.82 1.54
CA GLY B 310 -4.66 -22.83 0.76
C GLY B 310 -4.63 -23.66 -0.51
N LEU B 311 -5.67 -23.51 -1.33
CA LEU B 311 -5.95 -24.49 -2.39
C LEU B 311 -4.76 -24.74 -3.31
N LEU B 312 -3.95 -23.71 -3.57
CA LEU B 312 -2.81 -23.83 -4.46
C LEU B 312 -1.53 -23.68 -3.65
N ASN B 313 -0.78 -24.78 -3.49
CA ASN B 313 0.49 -24.77 -2.80
C ASN B 313 1.55 -25.39 -3.71
N PHE B 314 2.78 -24.88 -3.60
CA PHE B 314 3.86 -25.35 -4.46
C PHE B 314 4.66 -26.47 -3.83
N GLY B 315 4.77 -26.48 -2.50
CA GLY B 315 5.49 -27.51 -1.79
C GLY B 315 6.68 -26.94 -1.02
N GLU B 316 7.70 -27.77 -0.85
CA GLU B 316 8.92 -27.39 -0.16
C GLU B 316 10.05 -27.33 -1.18
N PHE B 317 10.54 -26.12 -1.46
CA PHE B 317 11.62 -25.92 -2.42
C PHE B 317 12.96 -26.10 -1.71
N LYS B 318 13.35 -27.36 -1.55
CA LYS B 318 14.63 -27.71 -0.96
C LYS B 318 15.38 -28.64 -1.92
N CYS B 319 16.69 -28.52 -1.95
CA CYS B 319 17.51 -29.41 -2.76
C CYS B 319 17.96 -30.60 -1.93
N SER B 320 18.40 -31.65 -2.64
CA SER B 320 18.84 -32.87 -1.96
C SER B 320 20.08 -32.60 -1.13
N ASP B 321 20.11 -33.19 0.07
CA ASP B 321 21.26 -33.00 0.96
C ASP B 321 22.48 -33.79 0.50
N SER B 322 22.30 -34.73 -0.43
CA SER B 322 23.44 -35.50 -0.92
C SER B 322 24.43 -34.60 -1.66
N ASP B 323 23.93 -33.67 -2.46
CA ASP B 323 24.78 -32.76 -3.23
C ASP B 323 24.93 -31.45 -2.47
N LYS B 324 26.10 -31.24 -1.88
CA LYS B 324 26.36 -29.98 -1.18
C LYS B 324 26.50 -28.82 -2.17
N LYS B 325 27.06 -29.07 -3.35
CA LYS B 325 27.25 -28.02 -4.33
C LYS B 325 25.93 -27.46 -4.84
N CYS B 326 24.84 -28.21 -4.73
CA CYS B 326 23.56 -27.79 -5.27
C CYS B 326 23.04 -26.54 -4.57
N HIS B 327 22.42 -25.66 -5.34
CA HIS B 327 21.79 -24.45 -4.82
C HIS B 327 20.43 -24.29 -5.48
N LEU B 328 19.55 -23.52 -4.83
CA LEU B 328 18.26 -23.21 -5.44
C LEU B 328 18.45 -22.46 -6.75
N TRP B 329 19.31 -21.45 -6.75
CA TRP B 329 19.65 -20.72 -7.97
C TRP B 329 20.95 -19.98 -7.72
N THR B 330 21.68 -19.72 -8.80
CA THR B 330 22.96 -19.03 -8.75
C THR B 330 22.91 -17.82 -9.65
N ALA B 331 23.91 -16.95 -9.50
CA ALA B 331 23.95 -15.71 -10.28
C ALA B 331 24.09 -16.01 -11.77
N MET B 332 24.91 -17.00 -12.12
CA MET B 332 25.12 -17.37 -13.52
C MET B 332 23.82 -17.78 -14.21
N ASP B 333 22.91 -18.45 -13.50
CA ASP B 333 21.63 -18.83 -14.06
C ASP B 333 20.69 -17.64 -14.27
N LEU B 334 20.97 -16.51 -13.62
CA LEU B 334 20.07 -15.36 -13.71
C LEU B 334 19.85 -14.93 -15.15
N GLY B 335 20.85 -15.10 -16.02
CA GLY B 335 20.67 -14.77 -17.42
C GLY B 335 19.51 -15.53 -18.04
N PHE B 336 19.45 -16.85 -17.80
CA PHE B 336 18.33 -17.62 -18.31
C PHE B 336 17.01 -17.05 -17.80
N PHE B 337 17.00 -16.53 -16.58
CA PHE B 337 15.75 -16.07 -15.98
C PHE B 337 15.21 -14.85 -16.70
N VAL B 338 16.01 -14.19 -17.55
CA VAL B 338 15.44 -13.14 -18.37
C VAL B 338 15.04 -13.68 -19.73
N VAL B 339 15.79 -14.67 -20.24
CA VAL B 339 15.45 -15.25 -21.53
C VAL B 339 14.15 -16.04 -21.42
N MET B 340 13.93 -16.73 -20.30
CA MET B 340 12.63 -17.34 -20.04
C MET B 340 11.58 -16.27 -19.80
N GLY B 341 12.00 -15.08 -19.35
CA GLY B 341 11.06 -13.99 -19.20
C GLY B 341 10.54 -13.47 -20.52
N VAL B 342 11.41 -13.40 -21.53
CA VAL B 342 10.99 -12.92 -22.85
C VAL B 342 10.21 -14.01 -23.58
N ILE B 343 10.81 -15.19 -23.74
CA ILE B 343 10.19 -16.25 -24.51
C ILE B 343 8.82 -16.61 -23.94
N GLY B 344 8.73 -16.68 -22.61
CA GLY B 344 7.42 -16.87 -21.99
C GLY B 344 6.49 -15.70 -22.24
N GLY B 345 6.99 -14.48 -22.04
CA GLY B 345 6.13 -13.32 -22.21
C GLY B 345 5.54 -13.22 -23.59
N LEU B 346 6.37 -13.41 -24.62
CA LEU B 346 5.87 -13.45 -25.99
C LEU B 346 4.73 -14.45 -26.11
N LEU B 347 4.90 -15.66 -25.56
CA LEU B 347 3.85 -16.65 -25.62
C LEU B 347 2.58 -16.12 -24.96
N GLY B 348 2.72 -15.46 -23.81
CA GLY B 348 1.56 -14.85 -23.19
C GLY B 348 0.84 -13.90 -24.14
N ALA B 349 1.61 -13.06 -24.83
CA ALA B 349 1.01 -12.17 -25.83
C ALA B 349 0.24 -12.98 -26.86
N THR B 350 0.85 -14.05 -27.37
CA THR B 350 0.14 -14.90 -28.32
C THR B 350 -1.17 -15.40 -27.73
N PHE B 351 -1.13 -15.85 -26.47
CA PHE B 351 -2.35 -16.22 -25.78
C PHE B 351 -3.41 -15.14 -25.94
N ASN B 352 -3.06 -13.90 -25.56
CA ASN B 352 -4.00 -12.80 -25.72
C ASN B 352 -4.46 -12.69 -27.17
N CYS B 353 -3.50 -12.70 -28.10
CA CYS B 353 -3.83 -12.51 -29.52
C CYS B 353 -4.83 -13.55 -30.00
N LEU B 354 -4.87 -14.72 -29.37
CA LEU B 354 -5.90 -15.68 -29.73
C LEU B 354 -7.19 -15.42 -28.97
N ASN B 355 -7.09 -15.28 -27.65
CA ASN B 355 -8.29 -15.30 -26.83
C ASN B 355 -9.22 -14.15 -27.18
N LYS B 356 -8.67 -12.94 -27.31
CA LYS B 356 -9.48 -11.80 -27.72
C LYS B 356 -10.18 -12.08 -29.04
N ARG B 357 -9.44 -12.65 -30.01
CA ARG B 357 -10.04 -12.92 -31.32
C ARG B 357 -11.20 -13.89 -31.20
N LEU B 358 -11.17 -14.77 -30.19
CA LEU B 358 -12.31 -15.63 -29.95
C LEU B 358 -13.47 -14.85 -29.35
N ALA B 359 -13.19 -14.01 -28.35
CA ALA B 359 -14.25 -13.33 -27.64
C ALA B 359 -15.05 -12.43 -28.57
N LYS B 360 -14.36 -11.59 -29.34
CA LYS B 360 -15.05 -10.73 -30.30
C LYS B 360 -15.83 -11.55 -31.32
N TYR B 361 -15.42 -12.80 -31.56
CA TYR B 361 -16.22 -13.68 -32.39
C TYR B 361 -17.53 -14.04 -31.69
N ARG B 362 -17.45 -14.50 -30.44
CA ARG B 362 -18.64 -14.96 -29.74
C ARG B 362 -19.65 -13.84 -29.56
N MET B 363 -19.19 -12.68 -29.08
CA MET B 363 -20.06 -11.52 -28.91
C MET B 363 -20.76 -11.11 -30.20
N ARG B 364 -20.32 -11.62 -31.35
CA ARG B 364 -20.96 -11.31 -32.61
C ARG B 364 -21.69 -12.49 -33.23
N ASN B 365 -21.40 -13.72 -32.79
CA ASN B 365 -21.98 -14.90 -33.42
C ASN B 365 -22.54 -15.92 -32.44
N VAL B 366 -22.27 -15.80 -31.15
CA VAL B 366 -22.73 -16.76 -30.15
C VAL B 366 -23.64 -16.10 -29.12
N HIS B 367 -23.24 -14.94 -28.59
CA HIS B 367 -24.08 -14.25 -27.61
C HIS B 367 -25.45 -13.86 -28.16
N PRO B 368 -25.58 -13.25 -29.35
CA PRO B 368 -26.94 -12.92 -29.83
C PRO B 368 -27.62 -14.12 -30.46
N LYS B 369 -27.75 -15.19 -29.69
CA LYS B 369 -28.40 -16.42 -30.12
C LYS B 369 -29.28 -16.91 -28.98
N PRO B 370 -30.25 -17.77 -29.26
CA PRO B 370 -31.08 -18.32 -28.20
C PRO B 370 -30.25 -19.01 -27.12
N LYS B 371 -30.83 -19.09 -25.92
CA LYS B 371 -30.11 -19.63 -24.78
C LYS B 371 -29.78 -21.10 -24.92
N LEU B 372 -30.37 -21.81 -25.89
CA LEU B 372 -29.93 -23.16 -26.18
C LEU B 372 -28.47 -23.18 -26.60
N VAL B 373 -28.09 -22.24 -27.47
CA VAL B 373 -26.68 -21.99 -27.72
C VAL B 373 -26.05 -21.41 -26.46
N ARG B 374 -24.72 -21.49 -26.38
CA ARG B 374 -23.87 -21.21 -25.21
C ARG B 374 -23.95 -22.37 -24.22
N VAL B 375 -24.80 -23.36 -24.46
CA VAL B 375 -24.76 -24.63 -23.76
C VAL B 375 -24.22 -25.73 -24.66
N LEU B 376 -24.58 -25.70 -25.95
CA LEU B 376 -23.99 -26.63 -26.90
C LEU B 376 -22.51 -26.36 -27.10
N GLU B 377 -22.09 -25.10 -27.04
CA GLU B 377 -20.66 -24.78 -27.16
C GLU B 377 -19.87 -25.36 -25.99
N SER B 378 -20.41 -25.25 -24.77
CA SER B 378 -19.73 -25.82 -23.61
C SER B 378 -19.61 -27.33 -23.72
N LEU B 379 -20.68 -27.99 -24.17
CA LEU B 379 -20.63 -29.43 -24.38
C LEU B 379 -19.62 -29.80 -25.47
N LEU B 380 -19.54 -29.01 -26.53
CA LEU B 380 -18.56 -29.27 -27.58
C LEU B 380 -17.14 -29.14 -27.04
N VAL B 381 -16.88 -28.10 -26.24
CA VAL B 381 -15.55 -27.93 -25.66
C VAL B 381 -15.22 -29.09 -24.74
N SER B 382 -16.18 -29.52 -23.93
CA SER B 382 -15.94 -30.65 -23.03
C SER B 382 -15.66 -31.92 -23.82
N LEU B 383 -16.43 -32.17 -24.88
CA LEU B 383 -16.21 -33.35 -25.71
C LEU B 383 -14.81 -33.33 -26.33
N VAL B 384 -14.42 -32.18 -26.90
CA VAL B 384 -13.13 -32.09 -27.55
C VAL B 384 -12.00 -32.28 -26.54
N THR B 385 -12.10 -31.64 -25.38
CA THR B 385 -11.01 -31.76 -24.40
C THR B 385 -10.92 -33.17 -23.84
N THR B 386 -12.07 -33.83 -23.62
CA THR B 386 -12.03 -35.20 -23.13
C THR B 386 -11.41 -36.13 -24.16
N VAL B 387 -11.82 -35.99 -25.43
CA VAL B 387 -11.25 -36.84 -26.49
C VAL B 387 -9.76 -36.59 -26.62
N VAL B 388 -9.34 -35.33 -26.58
CA VAL B 388 -7.92 -35.01 -26.69
C VAL B 388 -7.13 -35.61 -25.55
N VAL B 389 -7.63 -35.48 -24.32
CA VAL B 389 -6.94 -36.04 -23.17
C VAL B 389 -6.81 -37.55 -23.30
N PHE B 390 -7.91 -38.22 -23.64
CA PHE B 390 -7.89 -39.68 -23.70
C PHE B 390 -6.97 -40.17 -24.80
N VAL B 391 -7.02 -39.54 -25.97
CA VAL B 391 -6.18 -39.98 -27.09
C VAL B 391 -4.72 -39.69 -26.81
N ALA B 392 -4.41 -38.51 -26.26
CA ALA B 392 -3.02 -38.17 -25.95
C ALA B 392 -2.43 -39.12 -24.92
N SER B 393 -3.20 -39.45 -23.87
CA SER B 393 -2.70 -40.38 -22.87
C SER B 393 -2.58 -41.79 -23.44
N MET B 394 -3.49 -42.16 -24.34
CA MET B 394 -3.48 -43.52 -24.87
C MET B 394 -2.32 -43.76 -25.84
N VAL B 395 -2.08 -42.82 -26.75
CA VAL B 395 -1.15 -43.05 -27.84
C VAL B 395 0.15 -42.32 -27.61
N LEU B 396 0.09 -40.99 -27.47
CA LEU B 396 1.31 -40.19 -27.41
C LEU B 396 2.08 -40.44 -26.11
N GLY B 397 1.42 -40.97 -25.09
CA GLY B 397 2.09 -41.23 -23.84
C GLY B 397 3.18 -42.28 -23.98
N GLU B 398 4.37 -41.93 -23.51
CA GLU B 398 5.53 -42.84 -23.51
C GLU B 398 5.74 -43.30 -22.07
N CYS B 399 5.13 -44.43 -21.71
CA CYS B 399 5.21 -44.90 -20.34
C CYS B 399 6.60 -45.46 -20.04
N ARG B 400 7.12 -45.09 -18.88
CA ARG B 400 8.46 -45.48 -18.44
C ARG B 400 8.38 -46.38 -17.22
N GLN B 401 9.50 -47.02 -16.91
CA GLN B 401 9.57 -47.88 -15.74
C GLN B 401 9.53 -47.04 -14.46
N MET B 402 8.83 -47.56 -13.46
CA MET B 402 8.68 -46.86 -12.18
C MET B 402 10.03 -46.71 -11.47
N SER B 423 2.16 -41.36 -4.78
CA SER B 423 0.94 -42.15 -4.98
C SER B 423 0.22 -41.71 -6.24
N SER B 424 0.55 -40.53 -6.75
CA SER B 424 -0.06 -39.99 -7.95
C SER B 424 0.69 -40.50 -9.18
N ILE B 425 0.63 -41.81 -9.37
CA ILE B 425 1.27 -42.48 -10.49
C ILE B 425 0.21 -43.30 -11.21
N LYS B 426 0.00 -43.04 -12.50
CA LYS B 426 -1.07 -43.65 -13.27
C LYS B 426 -0.48 -44.63 -14.28
N THR B 427 -1.05 -45.83 -14.32
CA THR B 427 -0.63 -46.89 -15.24
C THR B 427 -1.78 -47.18 -16.21
N PHE B 428 -1.59 -46.83 -17.48
CA PHE B 428 -2.64 -47.00 -18.47
C PHE B 428 -2.07 -47.61 -19.75
N PHE B 429 -2.79 -48.58 -20.30
CA PHE B 429 -2.65 -49.05 -21.67
C PHE B 429 -1.29 -49.66 -21.99
N CYS B 430 -0.43 -49.87 -21.00
CA CYS B 430 0.83 -50.57 -21.22
C CYS B 430 1.13 -51.41 -19.99
N PRO B 431 1.96 -52.46 -20.13
CA PRO B 431 2.01 -53.51 -19.11
C PRO B 431 2.64 -53.10 -17.79
N ASN B 432 2.82 -54.08 -16.90
CA ASN B 432 3.20 -53.82 -15.51
C ASN B 432 4.55 -53.12 -15.43
N ASP B 433 4.75 -52.42 -14.30
CA ASP B 433 5.97 -51.67 -14.02
C ASP B 433 6.22 -50.58 -15.05
N THR B 434 5.16 -50.08 -15.67
CA THR B 434 5.24 -48.96 -16.59
C THR B 434 4.12 -47.98 -16.27
N TYR B 435 4.47 -46.69 -16.23
CA TYR B 435 3.52 -45.63 -15.97
C TYR B 435 3.62 -44.59 -17.07
N ASN B 436 2.46 -44.14 -17.55
CA ASN B 436 2.38 -43.10 -18.57
C ASN B 436 2.57 -41.74 -17.93
N ASP B 437 3.60 -41.02 -18.35
CA ASP B 437 3.79 -39.65 -17.87
C ASP B 437 2.64 -38.75 -18.34
N MET B 438 2.15 -38.96 -19.56
CA MET B 438 1.01 -38.19 -20.04
C MET B 438 -0.22 -38.42 -19.16
N ALA B 439 -0.47 -39.67 -18.77
CA ALA B 439 -1.61 -39.96 -17.90
C ALA B 439 -1.43 -39.29 -16.54
N THR B 440 -0.22 -39.32 -15.98
CA THR B 440 0.02 -38.65 -14.72
C THR B 440 -0.14 -37.14 -14.82
N LEU B 441 0.09 -36.56 -16.01
CA LEU B 441 -0.15 -35.14 -16.19
C LEU B 441 -1.64 -34.82 -16.32
N PHE B 442 -2.37 -35.59 -17.13
CA PHE B 442 -3.75 -35.23 -17.43
C PHE B 442 -4.72 -35.79 -16.39
N PHE B 443 -4.58 -37.06 -16.02
CA PHE B 443 -5.58 -37.69 -15.16
C PHE B 443 -5.43 -37.29 -13.70
N ASN B 444 -4.32 -36.69 -13.32
CA ASN B 444 -4.19 -36.12 -11.99
C ASN B 444 -4.89 -34.77 -11.93
N PRO B 445 -5.26 -34.32 -10.73
CA PRO B 445 -5.77 -32.96 -10.59
C PRO B 445 -4.73 -31.94 -11.02
N GLN B 446 -5.20 -30.83 -11.58
CA GLN B 446 -4.29 -29.82 -12.13
C GLN B 446 -3.37 -29.27 -11.06
N GLU B 447 -3.89 -29.00 -9.87
CA GLU B 447 -3.06 -28.54 -8.77
C GLU B 447 -2.14 -29.64 -8.23
N SER B 448 -2.35 -30.89 -8.62
CA SER B 448 -1.45 -31.98 -8.28
C SER B 448 -0.53 -32.34 -9.43
N ALA B 449 -0.73 -31.76 -10.61
CA ALA B 449 0.18 -31.89 -11.74
C ALA B 449 1.20 -30.76 -11.78
N ILE B 450 1.15 -29.85 -10.81
CA ILE B 450 2.16 -28.81 -10.67
C ILE B 450 3.24 -29.22 -9.68
N LEU B 451 2.86 -29.98 -8.65
CA LEU B 451 3.84 -30.49 -7.70
C LEU B 451 4.82 -31.43 -8.37
N GLN B 452 4.33 -32.29 -9.26
CA GLN B 452 5.22 -33.19 -10.00
C GLN B 452 6.18 -32.42 -10.90
N LEU B 453 5.68 -31.38 -11.57
CA LEU B 453 6.52 -30.59 -12.45
C LEU B 453 7.55 -29.79 -11.66
N PHE B 454 7.32 -29.60 -10.36
CA PHE B 454 8.24 -28.81 -9.55
C PHE B 454 9.26 -29.67 -8.83
N HIS B 455 8.88 -30.88 -8.40
CA HIS B 455 9.70 -31.65 -7.48
C HIS B 455 10.01 -33.05 -7.98
N GLN B 456 9.85 -33.33 -9.28
CA GLN B 456 10.22 -34.62 -9.84
C GLN B 456 11.12 -34.41 -11.05
N ASP B 457 12.24 -35.11 -11.08
CA ASP B 457 13.21 -35.03 -12.16
C ASP B 457 13.37 -36.39 -12.82
N GLY B 458 13.44 -36.38 -14.15
CA GLY B 458 13.53 -37.61 -14.91
C GLY B 458 12.22 -38.33 -15.13
N THR B 459 11.12 -37.80 -14.60
CA THR B 459 9.81 -38.41 -14.77
C THR B 459 9.23 -38.16 -16.16
N PHE B 460 9.67 -37.10 -16.82
CA PHE B 460 9.02 -36.60 -18.04
C PHE B 460 10.02 -36.51 -19.17
N SER B 461 9.63 -37.04 -20.34
CA SER B 461 10.44 -36.92 -21.54
C SER B 461 10.18 -35.59 -22.23
N PRO B 462 11.15 -35.07 -22.99
CA PRO B 462 10.94 -33.79 -23.67
C PRO B 462 9.76 -33.79 -24.64
N VAL B 463 9.53 -34.88 -25.35
CA VAL B 463 8.41 -34.95 -26.29
C VAL B 463 7.09 -34.83 -25.54
N THR B 464 6.97 -35.52 -24.41
CA THR B 464 5.75 -35.43 -23.61
C THR B 464 5.52 -34.01 -23.12
N LEU B 465 6.57 -33.35 -22.64
CA LEU B 465 6.41 -31.97 -22.16
C LEU B 465 6.00 -31.03 -23.28
N ALA B 466 6.62 -31.19 -24.46
CA ALA B 466 6.27 -30.33 -25.59
C ALA B 466 4.82 -30.53 -26.01
N LEU B 467 4.39 -31.79 -26.15
CA LEU B 467 3.01 -32.05 -26.54
C LEU B 467 2.02 -31.60 -25.48
N PHE B 468 2.38 -31.75 -24.19
CA PHE B 468 1.51 -31.27 -23.13
C PHE B 468 1.38 -29.76 -23.17
N PHE B 469 2.47 -29.04 -23.43
CA PHE B 469 2.39 -27.59 -23.54
C PHE B 469 1.54 -27.18 -24.73
N VAL B 470 1.68 -27.88 -25.86
CA VAL B 470 0.89 -27.52 -27.04
C VAL B 470 -0.59 -27.80 -26.80
N LEU B 471 -0.92 -28.95 -26.21
CA LEU B 471 -2.31 -29.34 -26.03
C LEU B 471 -2.95 -28.74 -24.78
N TYR B 472 -2.18 -28.05 -23.95
CA TYR B 472 -2.74 -27.35 -22.81
C TYR B 472 -2.75 -25.83 -23.03
N PHE B 473 -2.26 -25.35 -24.17
CA PHE B 473 -2.24 -23.94 -24.51
C PHE B 473 -3.36 -23.58 -25.47
N LEU B 474 -3.59 -24.41 -26.50
CA LEU B 474 -4.70 -24.17 -27.42
C LEU B 474 -6.04 -24.37 -26.72
N LEU B 475 -6.16 -25.45 -25.94
CA LEU B 475 -7.43 -25.74 -25.28
C LEU B 475 -7.70 -24.74 -24.16
N ALA B 476 -6.65 -24.21 -23.53
CA ALA B 476 -6.85 -23.17 -22.53
C ALA B 476 -7.39 -21.90 -23.18
N CYS B 477 -6.86 -21.53 -24.36
CA CYS B 477 -7.41 -20.39 -25.08
C CYS B 477 -8.85 -20.63 -25.50
N TRP B 478 -9.16 -21.83 -26.01
CA TRP B 478 -10.50 -22.10 -26.50
C TRP B 478 -11.51 -22.16 -25.36
N THR B 479 -11.09 -22.64 -24.19
CA THR B 479 -12.04 -22.85 -23.10
C THR B 479 -12.47 -21.53 -22.47
N TYR B 480 -11.53 -20.62 -22.23
CA TYR B 480 -11.85 -19.39 -21.52
C TYR B 480 -12.81 -18.53 -22.33
N GLY B 481 -13.88 -18.07 -21.68
CA GLY B 481 -14.91 -17.27 -22.31
C GLY B 481 -16.24 -17.97 -22.43
N ILE B 482 -16.27 -19.30 -22.40
CA ILE B 482 -17.55 -20.01 -22.50
C ILE B 482 -18.34 -19.85 -21.21
N SER B 483 -19.61 -20.24 -21.28
CA SER B 483 -20.58 -19.94 -20.22
C SER B 483 -20.46 -20.93 -19.06
N VAL B 484 -19.25 -21.00 -18.51
CA VAL B 484 -19.00 -21.74 -17.28
C VAL B 484 -18.04 -20.95 -16.40
N PRO B 485 -18.16 -21.11 -15.08
CA PRO B 485 -17.16 -20.51 -14.19
C PRO B 485 -15.80 -21.10 -14.47
N SER B 486 -14.76 -20.25 -14.40
CA SER B 486 -13.43 -20.68 -14.80
C SER B 486 -12.40 -19.82 -14.09
N GLY B 487 -11.14 -20.21 -14.23
CA GLY B 487 -10.03 -19.44 -13.74
C GLY B 487 -8.91 -19.43 -14.76
N LEU B 488 -7.92 -18.56 -14.52
CA LEU B 488 -6.79 -18.47 -15.44
C LEU B 488 -5.46 -18.43 -14.70
N PHE B 489 -5.41 -18.90 -13.46
CA PHE B 489 -4.15 -18.98 -12.73
C PHE B 489 -3.54 -20.37 -12.70
N VAL B 490 -4.34 -21.42 -12.69
CA VAL B 490 -3.80 -22.78 -12.80
C VAL B 490 -3.50 -23.14 -14.25
N PRO B 491 -4.39 -22.91 -15.22
CA PRO B 491 -4.03 -23.23 -16.61
C PRO B 491 -2.88 -22.40 -17.14
N SER B 492 -2.57 -21.26 -16.52
CA SER B 492 -1.40 -20.49 -16.86
C SER B 492 -0.17 -20.87 -16.04
N LEU B 493 -0.36 -21.37 -14.83
CA LEU B 493 0.74 -21.85 -14.00
C LEU B 493 1.19 -23.25 -14.39
N LEU B 494 0.42 -23.97 -15.19
CA LEU B 494 0.77 -25.31 -15.62
C LEU B 494 1.49 -25.34 -16.96
N CYS B 495 1.04 -24.53 -17.92
CA CYS B 495 1.78 -24.39 -19.16
C CYS B 495 3.17 -23.81 -18.92
N GLY B 496 3.26 -22.80 -18.06
CA GLY B 496 4.56 -22.24 -17.73
C GLY B 496 5.47 -23.23 -17.03
N ALA B 497 4.91 -24.04 -16.12
CA ALA B 497 5.70 -25.06 -15.46
C ALA B 497 6.19 -26.11 -16.45
N ALA B 498 5.33 -26.51 -17.38
CA ALA B 498 5.75 -27.47 -18.40
C ALA B 498 6.85 -26.90 -19.28
N PHE B 499 6.73 -25.64 -19.67
CA PHE B 499 7.78 -25.00 -20.47
C PHE B 499 9.09 -24.92 -19.71
N GLY B 500 9.02 -24.57 -18.42
CA GLY B 500 10.23 -24.52 -17.62
C GLY B 500 10.89 -25.87 -17.47
N ARG B 501 10.09 -26.92 -17.25
CA ARG B 501 10.65 -28.25 -17.16
C ARG B 501 11.28 -28.67 -18.48
N LEU B 502 10.64 -28.34 -19.60
CA LEU B 502 11.20 -28.68 -20.91
C LEU B 502 12.53 -27.98 -21.14
N VAL B 503 12.59 -26.68 -20.83
CA VAL B 503 13.83 -25.94 -21.07
C VAL B 503 14.92 -26.42 -20.12
N ALA B 504 14.57 -26.79 -18.88
CA ALA B 504 15.56 -27.35 -17.97
C ALA B 504 16.11 -28.67 -18.49
N ASN B 505 15.23 -29.53 -18.99
CA ASN B 505 15.70 -30.81 -19.54
C ASN B 505 16.59 -30.59 -20.76
N VAL B 506 16.22 -29.67 -21.64
CA VAL B 506 17.01 -29.40 -22.83
C VAL B 506 18.38 -28.85 -22.44
N LEU B 507 18.41 -27.90 -21.50
CA LEU B 507 19.67 -27.33 -21.07
C LEU B 507 20.57 -28.37 -20.42
N LYS B 508 19.98 -29.24 -19.59
CA LYS B 508 20.77 -30.28 -18.92
C LYS B 508 21.32 -31.28 -19.93
N SER B 509 20.53 -31.63 -20.95
CA SER B 509 20.93 -32.67 -21.88
C SER B 509 21.98 -32.15 -22.87
N TYR B 510 21.60 -31.16 -23.67
CA TYR B 510 22.47 -30.71 -24.76
C TYR B 510 23.61 -29.82 -24.26
N ILE B 511 23.26 -28.72 -23.59
CA ILE B 511 24.29 -27.79 -23.12
C ILE B 511 25.16 -28.45 -22.07
N GLY B 512 24.58 -29.31 -21.24
CA GLY B 512 25.34 -30.00 -20.22
C GLY B 512 25.67 -29.20 -18.99
N LEU B 513 25.02 -28.05 -18.80
CA LEU B 513 25.26 -27.21 -17.63
C LEU B 513 24.68 -27.93 -16.42
N GLY B 514 25.57 -28.47 -15.59
CA GLY B 514 25.18 -29.23 -14.43
C GLY B 514 24.74 -28.34 -13.28
N HIS B 515 24.35 -28.99 -12.18
CA HIS B 515 23.93 -28.33 -10.95
C HIS B 515 22.73 -27.42 -11.20
N ILE B 516 21.89 -27.79 -12.16
CA ILE B 516 20.67 -27.05 -12.46
C ILE B 516 19.52 -27.70 -11.70
N TYR B 517 18.96 -26.97 -10.73
CA TYR B 517 17.80 -27.46 -10.00
C TYR B 517 16.54 -27.19 -10.83
N SER B 518 15.96 -28.26 -11.39
CA SER B 518 14.87 -28.10 -12.35
C SER B 518 13.62 -27.49 -11.72
N GLY B 519 13.45 -27.60 -10.40
CA GLY B 519 12.32 -26.97 -9.76
C GLY B 519 12.33 -25.46 -9.92
N THR B 520 13.50 -24.85 -9.79
CA THR B 520 13.62 -23.42 -10.01
C THR B 520 13.27 -23.03 -11.43
N PHE B 521 13.73 -23.81 -12.42
CA PHE B 521 13.41 -23.50 -13.81
C PHE B 521 11.91 -23.63 -14.07
N ALA B 522 11.27 -24.67 -13.53
CA ALA B 522 9.83 -24.82 -13.70
C ALA B 522 9.08 -23.66 -13.06
N LEU B 523 9.50 -23.25 -11.86
CA LEU B 523 8.87 -22.12 -11.20
C LEU B 523 9.03 -20.83 -11.99
N ILE B 524 10.22 -20.61 -12.54
CA ILE B 524 10.47 -19.40 -13.32
C ILE B 524 9.65 -19.42 -14.60
N GLY B 525 9.52 -20.58 -15.24
CA GLY B 525 8.67 -20.67 -16.41
C GLY B 525 7.22 -20.37 -16.10
N ALA B 526 6.71 -20.90 -15.00
CA ALA B 526 5.33 -20.63 -14.60
C ALA B 526 5.14 -19.14 -14.31
N ALA B 527 6.06 -18.53 -13.57
CA ALA B 527 5.99 -17.10 -13.29
C ALA B 527 6.06 -16.24 -14.53
N ALA B 528 6.94 -16.57 -15.48
CA ALA B 528 7.01 -15.86 -16.75
C ALA B 528 5.74 -16.00 -17.57
N PHE B 529 5.14 -17.19 -17.59
CA PHE B 529 3.88 -17.32 -18.32
C PHE B 529 2.75 -16.53 -17.67
N LEU B 530 2.68 -16.51 -16.34
CA LEU B 530 1.70 -15.65 -15.69
C LEU B 530 1.96 -14.18 -16.03
N GLY B 531 3.22 -13.76 -16.01
CA GLY B 531 3.53 -12.38 -16.37
C GLY B 531 3.11 -12.06 -17.78
N GLY B 532 3.33 -12.99 -18.71
CA GLY B 532 2.93 -12.75 -20.09
C GLY B 532 1.42 -12.70 -20.27
N VAL B 533 0.70 -13.56 -19.57
CA VAL B 533 -0.75 -13.64 -19.74
C VAL B 533 -1.46 -12.63 -18.86
N VAL B 534 -1.31 -12.75 -17.55
CA VAL B 534 -2.06 -11.90 -16.63
C VAL B 534 -1.56 -10.47 -16.67
N ARG B 535 -0.24 -10.28 -16.70
CA ARG B 535 0.38 -8.95 -16.73
C ARG B 535 0.00 -8.12 -15.50
N MET B 536 0.24 -8.70 -14.32
CA MET B 536 0.13 -7.97 -13.07
C MET B 536 1.48 -7.87 -12.39
N THR B 537 1.61 -6.87 -11.52
CA THR B 537 2.83 -6.63 -10.76
C THR B 537 2.47 -6.37 -9.31
N ILE B 538 3.51 -6.32 -8.47
CA ILE B 538 3.40 -6.06 -7.04
C ILE B 538 2.61 -7.18 -6.36
N SER B 539 1.31 -7.25 -6.63
CA SER B 539 0.48 -8.27 -6.00
C SER B 539 0.87 -9.67 -6.47
N LEU B 540 1.09 -9.82 -7.79
CA LEU B 540 1.45 -11.14 -8.32
C LEU B 540 2.81 -11.60 -7.79
N THR B 541 3.77 -10.69 -7.72
CA THR B 541 5.09 -11.05 -7.21
C THR B 541 5.01 -11.53 -5.77
N VAL B 542 4.25 -10.82 -4.93
CA VAL B 542 4.12 -11.22 -3.53
C VAL B 542 3.37 -12.55 -3.42
N ILE B 543 2.33 -12.73 -4.23
CA ILE B 543 1.59 -13.99 -4.21
C ILE B 543 2.51 -15.16 -4.54
N LEU B 544 3.30 -15.01 -5.60
CA LEU B 544 4.22 -16.08 -5.99
C LEU B 544 5.28 -16.32 -4.91
N ILE B 545 5.83 -15.24 -4.35
CA ILE B 545 6.89 -15.39 -3.36
C ILE B 545 6.38 -16.12 -2.12
N GLU B 546 5.19 -15.77 -1.65
CA GLU B 546 4.64 -16.46 -0.49
C GLU B 546 4.09 -17.84 -0.81
N SER B 547 3.75 -18.12 -2.07
CA SER B 547 3.37 -19.48 -2.44
C SER B 547 4.59 -20.39 -2.45
N THR B 548 5.73 -19.89 -2.94
CA THR B 548 6.94 -20.71 -2.95
C THR B 548 7.48 -20.98 -1.55
N ASN B 549 7.09 -20.18 -0.56
CA ASN B 549 7.56 -20.32 0.82
C ASN B 549 9.08 -20.19 0.92
N GLU B 550 9.67 -19.41 0.03
CA GLU B 550 11.11 -19.14 0.06
C GLU B 550 11.34 -17.65 -0.17
N ILE B 551 12.26 -17.08 0.62
CA ILE B 551 12.59 -15.66 0.49
C ILE B 551 13.80 -15.43 -0.40
N THR B 552 14.66 -16.44 -0.58
CA THR B 552 15.80 -16.30 -1.48
C THR B 552 15.39 -16.35 -2.94
N CYS B 553 14.20 -16.88 -3.24
CA CYS B 553 13.68 -16.86 -4.60
C CYS B 553 12.77 -15.65 -4.79
N GLY B 554 13.36 -14.48 -4.58
CA GLY B 554 12.61 -13.24 -4.70
C GLY B 554 13.06 -12.39 -5.87
N LEU B 555 14.34 -12.47 -6.21
CA LEU B 555 14.85 -11.77 -7.38
C LEU B 555 14.53 -12.52 -8.67
N PRO B 556 14.79 -13.84 -8.77
CA PRO B 556 14.47 -14.53 -10.03
C PRO B 556 12.99 -14.45 -10.39
N ILE B 557 12.10 -14.49 -9.40
CA ILE B 557 10.68 -14.39 -9.71
C ILE B 557 10.32 -12.99 -10.19
N MET B 558 10.86 -11.95 -9.57
CA MET B 558 10.40 -10.61 -9.90
C MET B 558 11.05 -10.08 -11.19
N VAL B 559 12.31 -10.41 -11.44
CA VAL B 559 13.00 -9.91 -12.63
C VAL B 559 12.56 -10.70 -13.86
N THR B 560 11.71 -11.70 -13.67
CA THR B 560 11.07 -12.34 -14.81
C THR B 560 9.62 -11.89 -15.01
N LEU B 561 8.89 -11.57 -13.94
CA LEU B 561 7.60 -10.90 -14.11
C LEU B 561 7.77 -9.55 -14.79
N MET B 562 8.76 -8.76 -14.38
CA MET B 562 8.94 -7.44 -15.01
C MET B 562 9.34 -7.58 -16.48
N VAL B 563 10.21 -8.54 -16.79
CA VAL B 563 10.65 -8.72 -18.17
C VAL B 563 9.49 -9.23 -19.03
N ALA B 564 8.70 -10.17 -18.50
CA ALA B 564 7.54 -10.66 -19.23
C ALA B 564 6.53 -9.54 -19.48
N LYS B 565 6.28 -8.70 -18.48
CA LYS B 565 5.35 -7.60 -18.66
C LYS B 565 5.87 -6.62 -19.71
N TRP B 566 7.15 -6.29 -19.67
CA TRP B 566 7.69 -5.35 -20.63
C TRP B 566 7.73 -5.93 -22.05
N THR B 567 7.93 -7.24 -22.18
CA THR B 567 7.95 -7.85 -23.50
C THR B 567 6.55 -7.99 -24.08
N GLY B 568 5.57 -8.36 -23.25
CA GLY B 568 4.22 -8.53 -23.71
C GLY B 568 3.41 -7.26 -23.83
N ASP B 569 3.93 -6.13 -23.35
CA ASP B 569 3.20 -4.87 -23.46
C ASP B 569 3.37 -4.25 -24.83
N PHE B 570 4.35 -4.70 -25.61
CA PHE B 570 4.55 -4.15 -26.94
C PHE B 570 3.42 -4.54 -27.89
N PHE B 571 2.74 -5.66 -27.63
CA PHE B 571 1.74 -6.17 -28.56
C PHE B 571 0.32 -5.84 -28.12
N ASN B 572 -0.06 -6.26 -26.92
CA ASN B 572 -1.42 -6.08 -26.45
C ASN B 572 -1.48 -6.24 -24.94
N LYS B 573 -2.62 -5.87 -24.37
CA LYS B 573 -2.80 -5.82 -22.93
C LYS B 573 -3.10 -7.22 -22.37
N GLY B 574 -3.36 -7.28 -21.06
CA GLY B 574 -3.61 -8.55 -20.41
C GLY B 574 -5.03 -9.05 -20.62
N ILE B 575 -5.28 -10.24 -20.08
CA ILE B 575 -6.59 -10.87 -20.22
C ILE B 575 -7.67 -10.02 -19.57
N TYR B 576 -7.43 -9.58 -18.33
CA TYR B 576 -8.48 -8.88 -17.59
C TYR B 576 -8.76 -7.51 -18.18
N ASP B 577 -7.72 -6.79 -18.61
CA ASP B 577 -7.95 -5.51 -19.27
C ASP B 577 -8.70 -5.69 -20.57
N ILE B 578 -8.36 -6.72 -21.35
CA ILE B 578 -9.06 -6.99 -22.60
C ILE B 578 -10.54 -7.29 -22.33
N HIS B 579 -10.82 -8.12 -21.34
CA HIS B 579 -12.19 -8.54 -21.08
C HIS B 579 -13.02 -7.48 -20.38
N VAL B 580 -12.39 -6.49 -19.74
CA VAL B 580 -13.14 -5.35 -19.23
C VAL B 580 -13.28 -4.25 -20.28
N GLY B 581 -12.41 -4.22 -21.29
CA GLY B 581 -12.60 -3.29 -22.39
C GLY B 581 -13.60 -3.77 -23.41
N LEU B 582 -13.76 -5.09 -23.56
CA LEU B 582 -14.75 -5.60 -24.50
C LEU B 582 -16.17 -5.31 -24.03
N ARG B 583 -16.42 -5.41 -22.72
CA ARG B 583 -17.76 -5.17 -22.19
C ARG B 583 -18.15 -3.69 -22.25
N GLY B 584 -17.21 -2.80 -22.54
CA GLY B 584 -17.51 -1.38 -22.56
C GLY B 584 -17.57 -0.73 -21.20
N VAL B 585 -16.97 -1.32 -20.19
CA VAL B 585 -17.01 -0.77 -18.83
C VAL B 585 -16.19 0.52 -18.79
N PRO B 586 -16.76 1.64 -18.32
CA PRO B 586 -15.97 2.86 -18.16
C PRO B 586 -14.97 2.69 -17.02
N LEU B 587 -13.69 2.60 -17.37
CA LEU B 587 -12.65 2.25 -16.43
C LEU B 587 -11.59 3.35 -16.41
N LEU B 588 -11.20 3.77 -15.21
CA LEU B 588 -10.13 4.72 -15.04
C LEU B 588 -8.79 3.98 -14.97
N GLU B 589 -7.86 4.34 -15.84
CA GLU B 589 -6.57 3.68 -15.89
C GLU B 589 -5.74 4.05 -14.66
N TRP B 590 -4.57 3.41 -14.55
CA TRP B 590 -3.72 3.65 -13.38
C TRP B 590 -3.24 5.10 -13.33
N GLU B 591 -2.83 5.66 -14.47
CA GLU B 591 -2.34 7.03 -14.51
C GLU B 591 -2.42 7.54 -15.94
N THR B 592 -2.32 8.86 -16.07
CA THR B 592 -2.32 9.49 -17.38
C THR B 592 -0.92 9.50 -17.98
N GLU B 593 -0.85 9.82 -19.27
CA GLU B 593 0.43 9.90 -19.97
C GLU B 593 1.04 11.27 -19.74
N VAL B 594 2.15 11.55 -20.43
CA VAL B 594 2.82 12.85 -20.29
C VAL B 594 2.00 13.95 -20.95
N GLU B 595 1.42 13.68 -22.12
CA GLU B 595 0.78 14.73 -22.91
C GLU B 595 -0.54 15.19 -22.27
N MET B 596 -1.10 14.40 -21.36
CA MET B 596 -2.41 14.75 -20.81
C MET B 596 -2.36 16.03 -19.99
N ASP B 597 -1.20 16.37 -19.43
CA ASP B 597 -1.08 17.63 -18.71
C ASP B 597 -1.23 18.83 -19.63
N LYS B 598 -1.03 18.66 -20.94
CA LYS B 598 -1.32 19.72 -21.88
C LYS B 598 -2.79 20.09 -21.86
N LEU B 599 -3.66 19.09 -21.72
CA LEU B 599 -5.08 19.32 -21.64
C LEU B 599 -5.45 19.88 -20.27
N ARG B 600 -6.45 20.74 -20.24
CA ARG B 600 -6.89 21.39 -19.01
C ARG B 600 -8.25 20.86 -18.59
N ALA B 601 -8.64 21.15 -17.34
CA ALA B 601 -9.95 20.75 -16.85
C ALA B 601 -11.07 21.52 -17.52
N SER B 602 -10.76 22.61 -18.22
CA SER B 602 -11.80 23.35 -18.92
C SER B 602 -12.27 22.61 -20.17
N ASP B 603 -11.47 21.66 -20.66
CA ASP B 603 -11.78 20.99 -21.91
C ASP B 603 -12.53 19.68 -21.72
N ILE B 604 -12.39 19.03 -20.56
CA ILE B 604 -13.05 17.75 -20.33
C ILE B 604 -14.39 17.89 -19.61
N MET B 605 -14.73 19.08 -19.12
CA MET B 605 -15.99 19.27 -18.43
C MET B 605 -17.11 19.51 -19.42
N GLU B 606 -18.35 19.45 -18.92
CA GLU B 606 -19.53 19.73 -19.72
C GLU B 606 -20.18 21.03 -19.26
N PRO B 607 -20.09 22.11 -20.03
CA PRO B 607 -20.69 23.38 -19.58
C PRO B 607 -22.19 23.32 -19.39
N ASN B 608 -22.89 22.53 -20.19
CA ASN B 608 -24.35 22.43 -20.06
C ASN B 608 -24.70 21.68 -18.78
N LEU B 609 -25.50 22.30 -17.93
CA LEU B 609 -25.76 21.78 -16.59
C LEU B 609 -27.26 21.64 -16.36
N THR B 610 -27.61 20.63 -15.58
CA THR B 610 -28.95 20.47 -15.02
C THR B 610 -28.85 20.74 -13.52
N TYR B 611 -29.46 21.84 -13.07
CA TYR B 611 -29.24 22.35 -11.74
C TYR B 611 -30.55 22.38 -10.95
N VAL B 612 -30.41 22.41 -9.63
CA VAL B 612 -31.54 22.46 -8.72
C VAL B 612 -31.36 23.66 -7.80
N TYR B 613 -32.30 24.60 -7.85
CA TYR B 613 -32.27 25.70 -6.91
C TYR B 613 -32.60 25.20 -5.51
N PRO B 614 -32.03 25.81 -4.48
CA PRO B 614 -32.59 25.63 -3.13
C PRO B 614 -33.98 26.23 -3.08
N HIS B 615 -34.85 25.61 -2.30
CA HIS B 615 -36.27 25.95 -2.27
C HIS B 615 -36.88 25.89 -3.67
N THR B 616 -36.60 24.82 -4.40
CA THR B 616 -37.11 24.66 -5.75
C THR B 616 -38.54 24.12 -5.73
N ARG B 617 -39.23 24.29 -6.86
CA ARG B 617 -40.56 23.73 -7.02
C ARG B 617 -40.48 22.21 -7.20
N ILE B 618 -41.49 21.51 -6.68
CA ILE B 618 -41.52 20.06 -6.84
C ILE B 618 -41.79 19.68 -8.29
N GLN B 619 -42.52 20.53 -9.03
CA GLN B 619 -42.74 20.28 -10.45
C GLN B 619 -41.43 20.30 -11.22
N SER B 620 -40.56 21.25 -10.92
CA SER B 620 -39.25 21.29 -11.57
C SER B 620 -38.45 20.03 -11.26
N LEU B 621 -38.51 19.56 -10.01
CA LEU B 621 -37.77 18.36 -9.66
C LEU B 621 -38.28 17.14 -10.42
N VAL B 622 -39.60 16.94 -10.47
CA VAL B 622 -40.11 15.77 -11.17
C VAL B 622 -39.80 15.87 -12.67
N SER B 623 -39.86 17.09 -13.22
CA SER B 623 -39.56 17.27 -14.63
C SER B 623 -38.11 16.91 -14.94
N ILE B 624 -37.16 17.44 -14.15
CA ILE B 624 -35.76 17.18 -14.45
C ILE B 624 -35.37 15.75 -14.07
N LEU B 625 -36.09 15.13 -13.15
CA LEU B 625 -35.81 13.73 -12.81
C LEU B 625 -36.28 12.79 -13.91
N ARG B 626 -37.46 13.06 -14.48
CA ARG B 626 -37.95 12.20 -15.55
C ARG B 626 -37.20 12.44 -16.85
N THR B 627 -36.85 13.70 -17.14
CA THR B 627 -36.23 14.02 -18.42
C THR B 627 -34.76 13.57 -18.46
N THR B 628 -34.02 13.82 -17.38
CA THR B 628 -32.58 13.58 -17.37
C THR B 628 -32.26 12.30 -16.60
N VAL B 629 -31.10 11.73 -16.93
CA VAL B 629 -30.65 10.48 -16.31
C VAL B 629 -29.45 10.70 -15.39
N HIS B 630 -29.02 11.94 -15.18
CA HIS B 630 -27.90 12.21 -14.31
C HIS B 630 -28.23 11.86 -12.87
N HIS B 631 -27.22 11.47 -12.11
CA HIS B 631 -27.40 11.01 -10.75
C HIS B 631 -27.01 12.03 -9.69
N ALA B 632 -26.59 13.23 -10.10
CA ALA B 632 -26.25 14.30 -9.16
C ALA B 632 -26.45 15.64 -9.84
N PHE B 633 -27.00 16.59 -9.08
CA PHE B 633 -27.30 17.91 -9.60
C PHE B 633 -26.68 18.97 -8.69
N PRO B 634 -26.03 19.99 -9.25
CA PRO B 634 -25.47 21.04 -8.40
C PRO B 634 -26.56 22.00 -7.93
N VAL B 635 -26.69 22.11 -6.61
CA VAL B 635 -27.57 23.10 -6.00
C VAL B 635 -26.88 24.45 -6.15
N VAL B 636 -27.48 25.34 -6.95
CA VAL B 636 -26.91 26.63 -7.29
C VAL B 636 -27.99 27.70 -7.19
N THR B 637 -27.55 28.95 -7.15
CA THR B 637 -28.44 30.12 -7.17
C THR B 637 -27.99 31.07 -8.26
N GLU B 638 -28.95 31.78 -8.86
CA GLU B 638 -28.62 32.68 -9.96
C GLU B 638 -27.81 33.86 -9.46
N ASN B 639 -26.66 34.11 -10.10
CA ASN B 639 -25.78 35.17 -9.65
C ASN B 639 -26.32 36.55 -10.02
N ARG B 640 -26.82 36.69 -11.24
CA ARG B 640 -27.35 37.97 -11.70
C ARG B 640 -28.81 38.15 -11.30
N GLY B 649 -42.16 31.56 -7.62
CA GLY B 649 -42.91 32.76 -7.32
C GLY B 649 -42.13 33.76 -6.47
N ASN B 650 -42.85 34.70 -5.87
CA ASN B 650 -42.21 35.69 -5.01
C ASN B 650 -41.58 35.03 -3.79
N GLN B 651 -42.27 34.06 -3.19
CA GLN B 651 -41.73 33.39 -2.01
C GLN B 651 -40.48 32.59 -2.35
N LEU B 652 -40.48 31.92 -3.52
CA LEU B 652 -39.30 31.15 -3.93
C LEU B 652 -38.10 32.06 -4.10
N ILE B 653 -38.27 33.17 -4.81
CA ILE B 653 -37.17 34.09 -5.04
C ILE B 653 -36.67 34.69 -3.73
N SER B 654 -37.61 35.07 -2.85
CA SER B 654 -37.23 35.65 -1.58
C SER B 654 -36.44 34.65 -0.73
N ASN B 655 -36.89 33.40 -0.69
CA ASN B 655 -36.19 32.39 0.10
C ASN B 655 -34.81 32.10 -0.47
N ASN B 656 -34.70 32.03 -1.81
CA ASN B 656 -33.39 31.81 -2.42
C ASN B 656 -32.45 32.97 -2.12
N ILE B 657 -32.95 34.20 -2.20
CA ILE B 657 -32.11 35.36 -1.90
C ILE B 657 -31.65 35.34 -0.44
N LYS B 658 -32.57 35.01 0.47
CA LYS B 658 -32.20 34.95 1.89
C LYS B 658 -31.16 33.87 2.14
N PHE B 659 -31.31 32.71 1.50
CA PHE B 659 -30.32 31.64 1.67
C PHE B 659 -28.97 32.07 1.10
N LYS B 660 -28.97 32.74 -0.05
CA LYS B 660 -27.71 33.19 -0.63
C LYS B 660 -27.02 34.20 0.28
N LYS B 661 -27.79 35.12 0.87
CA LYS B 661 -27.20 36.10 1.78
C LYS B 661 -26.65 35.43 3.03
N SER B 662 -27.38 34.45 3.58
CA SER B 662 -26.95 33.84 4.83
C SER B 662 -25.77 32.91 4.65
N SER B 663 -25.72 32.19 3.52
CA SER B 663 -24.72 31.14 3.35
C SER B 663 -23.31 31.69 3.24
N ILE B 664 -23.13 32.78 2.50
CA ILE B 664 -21.79 33.28 2.20
C ILE B 664 -21.10 33.73 3.47
N LEU B 665 -19.82 33.36 3.61
CA LEU B 665 -19.02 33.66 4.79
C LEU B 665 -17.84 34.51 4.36
N THR B 666 -17.89 35.80 4.70
CA THR B 666 -16.83 36.71 4.32
C THR B 666 -15.66 36.61 5.29
N ARG B 667 -14.51 37.12 4.85
CA ARG B 667 -13.31 37.09 5.70
C ARG B 667 -13.46 38.00 6.90
N ALA B 668 -13.93 39.23 6.70
CA ALA B 668 -14.15 40.14 7.81
C ALA B 668 -15.21 39.61 8.76
N GLY B 669 -16.28 39.03 8.22
CA GLY B 669 -17.31 38.46 9.06
C GLY B 669 -16.80 37.28 9.89
N GLU B 670 -15.95 36.45 9.29
CA GLU B 670 -15.38 35.33 10.03
C GLU B 670 -14.45 35.82 11.13
N GLN B 671 -13.63 36.83 10.84
CA GLN B 671 -12.76 37.38 11.88
C GLN B 671 -13.58 38.00 13.00
N ARG B 672 -14.67 38.69 12.67
CA ARG B 672 -15.54 39.25 13.69
C ARG B 672 -16.19 38.15 14.53
N LYS B 673 -16.59 37.06 13.89
CA LYS B 673 -17.16 35.94 14.64
C LYS B 673 -16.14 35.34 15.59
N ARG B 674 -14.89 35.20 15.14
CA ARG B 674 -13.84 34.69 16.03
C ARG B 674 -13.59 35.63 17.19
N SER B 675 -13.57 36.94 16.92
CA SER B 675 -13.34 37.91 17.98
C SER B 675 -14.46 37.89 19.01
N GLN B 676 -15.72 37.81 18.55
CA GLN B 676 -16.85 37.82 19.47
C GLN B 676 -16.86 36.56 20.35
N SER B 677 -16.54 35.41 19.77
CA SER B 677 -16.52 34.13 20.49
C SER B 677 -17.86 33.85 21.18
N THR B 731 -32.36 31.95 -25.58
CA THR B 731 -31.14 32.19 -26.32
C THR B 731 -29.95 31.51 -25.65
N MET B 732 -28.77 31.65 -26.27
CA MET B 732 -27.57 31.03 -25.71
C MET B 732 -27.19 31.66 -24.37
N GLU B 733 -27.29 32.99 -24.26
CA GLU B 733 -26.93 33.65 -23.01
C GLU B 733 -27.87 33.25 -21.88
N GLU B 734 -29.16 33.15 -22.17
CA GLU B 734 -30.11 32.68 -21.15
C GLU B 734 -29.84 31.23 -20.79
N ARG B 735 -29.53 30.40 -21.79
CA ARG B 735 -29.25 28.99 -21.54
C ARG B 735 -28.00 28.83 -20.68
N PHE B 736 -26.95 29.55 -21.02
CA PHE B 736 -25.67 29.49 -20.30
C PHE B 736 -25.55 30.74 -19.45
N ARG B 737 -26.05 30.65 -18.21
CA ARG B 737 -26.20 31.77 -17.30
C ARG B 737 -25.24 31.63 -16.13
N PRO B 738 -24.73 32.73 -15.59
CA PRO B 738 -23.89 32.66 -14.39
C PRO B 738 -24.69 32.13 -13.20
N LEU B 739 -24.18 31.06 -12.60
CA LEU B 739 -24.84 30.40 -11.48
C LEU B 739 -23.81 30.17 -10.38
N THR B 740 -24.11 30.65 -9.17
CA THR B 740 -23.20 30.50 -8.05
C THR B 740 -23.34 29.11 -7.43
N PHE B 741 -22.24 28.38 -7.36
CA PHE B 741 -22.25 27.01 -6.86
C PHE B 741 -22.43 26.99 -5.35
N HIS B 742 -23.34 26.17 -4.86
CA HIS B 742 -23.59 26.04 -3.43
C HIS B 742 -23.39 24.61 -2.92
N GLY B 743 -23.81 23.61 -3.67
CA GLY B 743 -23.61 22.24 -3.19
C GLY B 743 -23.97 21.23 -4.25
N LEU B 744 -24.05 19.97 -3.83
CA LEU B 744 -24.45 18.87 -4.69
C LEU B 744 -25.54 18.05 -4.02
N ILE B 745 -26.57 17.69 -4.78
CA ILE B 745 -27.66 16.87 -4.29
C ILE B 745 -27.81 15.66 -5.21
N LEU B 746 -27.91 14.47 -4.62
CA LEU B 746 -28.01 13.27 -5.43
C LEU B 746 -29.44 13.03 -5.89
N ARG B 747 -29.56 12.22 -6.94
CA ARG B 747 -30.89 11.83 -7.42
C ARG B 747 -31.62 10.97 -6.39
N SER B 748 -30.89 10.09 -5.71
CA SER B 748 -31.49 9.23 -4.69
C SER B 748 -32.07 10.06 -3.56
N GLN B 749 -31.33 11.08 -3.10
CA GLN B 749 -31.84 11.94 -2.04
C GLN B 749 -33.07 12.71 -2.47
N LEU B 750 -33.07 13.22 -3.70
CA LEU B 750 -34.24 13.92 -4.21
C LEU B 750 -35.45 13.00 -4.28
N VAL B 751 -35.25 11.77 -4.74
CA VAL B 751 -36.36 10.82 -4.82
C VAL B 751 -36.88 10.49 -3.42
N THR B 752 -35.96 10.31 -2.46
CA THR B 752 -36.37 10.04 -1.08
C THR B 752 -37.18 11.20 -0.51
N LEU B 753 -36.76 12.43 -0.79
CA LEU B 753 -37.53 13.59 -0.35
C LEU B 753 -38.90 13.63 -1.01
N LEU B 754 -38.98 13.29 -2.29
CA LEU B 754 -40.24 13.35 -3.01
C LEU B 754 -41.22 12.28 -2.50
N VAL B 755 -40.71 11.10 -2.15
CA VAL B 755 -41.58 10.02 -1.68
C VAL B 755 -42.32 10.45 -0.42
N ARG B 756 -41.59 11.01 0.54
CA ARG B 756 -42.20 11.52 1.75
C ARG B 756 -42.81 12.90 1.51
N GLY B 757 -43.52 13.39 2.51
CA GLY B 757 -44.13 14.70 2.42
C GLY B 757 -43.21 15.82 2.86
N VAL B 758 -41.95 15.76 2.43
CA VAL B 758 -40.95 16.75 2.79
C VAL B 758 -41.13 17.93 1.83
N CYS B 759 -41.98 18.88 2.23
CA CYS B 759 -42.32 20.03 1.41
C CYS B 759 -43.16 21.01 2.20
N TYR B 760 -43.08 22.29 1.87
CA TYR B 760 -43.82 23.33 2.58
C TYR B 760 -44.52 24.24 1.58
N SER B 761 -45.73 24.67 1.96
CA SER B 761 -46.48 25.58 1.10
C SER B 761 -45.85 26.96 1.10
N GLU B 762 -46.07 27.70 0.02
CA GLU B 762 -45.49 29.03 -0.11
C GLU B 762 -46.03 29.99 0.95
N SER B 763 -47.26 29.77 1.42
CA SER B 763 -47.84 30.65 2.41
C SER B 763 -47.08 30.58 3.73
N GLN B 764 -46.68 29.38 4.14
CA GLN B 764 -45.95 29.20 5.39
C GLN B 764 -44.44 29.29 5.15
N SER B 765 -43.71 29.46 6.24
CA SER B 765 -42.27 29.68 6.16
C SER B 765 -41.54 28.37 5.90
N SER B 766 -40.24 28.49 5.61
CA SER B 766 -39.40 27.33 5.32
C SER B 766 -39.08 26.50 6.55
N ALA B 767 -39.40 26.99 7.75
CA ALA B 767 -39.12 26.23 8.96
C ALA B 767 -39.95 24.95 9.02
N SER B 768 -41.15 24.97 8.45
CA SER B 768 -42.03 23.81 8.47
C SER B 768 -41.54 22.76 7.49
N GLN B 769 -40.85 21.74 8.01
CA GLN B 769 -40.32 20.64 7.22
C GLN B 769 -40.36 19.39 8.06
N PRO B 770 -40.73 18.23 7.50
CA PRO B 770 -40.71 17.00 8.29
C PRO B 770 -39.34 16.66 8.84
N ARG B 771 -38.25 17.09 8.19
CA ARG B 771 -36.89 16.96 8.70
C ARG B 771 -36.54 15.48 8.95
N LEU B 772 -36.48 14.75 7.83
CA LEU B 772 -36.09 13.34 7.90
C LEU B 772 -34.75 13.16 8.58
N SER B 773 -34.67 12.17 9.45
CA SER B 773 -33.44 11.87 10.16
C SER B 773 -32.51 11.04 9.28
N TYR B 774 -31.34 10.71 9.82
CA TYR B 774 -30.37 9.91 9.07
C TYR B 774 -30.89 8.50 8.84
N ALA B 775 -31.52 7.91 9.85
CA ALA B 775 -32.03 6.54 9.72
C ALA B 775 -33.14 6.47 8.67
N GLU B 776 -34.04 7.46 8.66
CA GLU B 776 -35.13 7.44 7.69
C GLU B 776 -34.63 7.66 6.27
N MET B 777 -33.57 8.47 6.10
CA MET B 777 -33.05 8.73 4.77
C MET B 777 -32.25 7.53 4.25
N ALA B 778 -31.73 6.70 5.15
CA ALA B 778 -30.93 5.54 4.78
C ALA B 778 -31.79 4.29 4.54
N GLU B 779 -33.11 4.41 4.68
CA GLU B 779 -33.99 3.30 4.38
C GLU B 779 -34.05 3.07 2.87
N ASP B 780 -34.39 1.84 2.49
CA ASP B 780 -34.44 1.43 1.09
C ASP B 780 -33.10 1.69 0.40
N TYR B 781 -32.01 1.55 1.15
CA TYR B 781 -30.68 1.86 0.66
C TYR B 781 -30.25 1.01 -0.54
N PRO B 782 -30.35 -0.34 -0.47
CA PRO B 782 -29.80 -1.15 -1.57
C PRO B 782 -30.43 -0.83 -2.91
N ARG B 783 -31.73 -0.55 -2.92
CA ARG B 783 -32.47 -0.25 -4.13
C ARG B 783 -33.35 0.96 -3.87
N TYR B 784 -32.88 2.14 -4.27
CA TYR B 784 -33.68 3.35 -4.12
C TYR B 784 -34.79 3.37 -5.17
N PRO B 785 -35.95 3.94 -4.84
CA PRO B 785 -37.04 3.98 -5.81
C PRO B 785 -36.69 4.85 -7.01
N ASP B 786 -37.28 4.50 -8.14
CA ASP B 786 -37.12 5.25 -9.37
C ASP B 786 -38.22 6.30 -9.50
N ILE B 787 -37.92 7.36 -10.25
CA ILE B 787 -38.92 8.40 -10.47
C ILE B 787 -40.09 7.86 -11.29
N HIS B 788 -39.84 6.96 -12.23
CA HIS B 788 -40.93 6.35 -12.99
C HIS B 788 -41.79 5.48 -12.11
N ASP B 789 -41.20 4.81 -11.12
CA ASP B 789 -41.96 3.94 -10.23
C ASP B 789 -42.94 4.75 -9.37
N LEU B 790 -42.51 5.93 -8.91
CA LEU B 790 -43.34 6.72 -8.01
C LEU B 790 -44.61 7.15 -8.72
N ASP B 791 -45.70 7.26 -7.93
CA ASP B 791 -47.04 7.40 -8.51
C ASP B 791 -47.19 8.71 -9.29
N LEU B 792 -46.59 9.79 -8.80
CA LEU B 792 -46.66 11.12 -9.41
C LEU B 792 -48.06 11.71 -9.32
N THR B 793 -49.00 11.01 -8.69
CA THR B 793 -50.36 11.53 -8.59
C THR B 793 -50.61 12.22 -7.25
N LEU B 794 -50.11 11.64 -6.16
CA LEU B 794 -50.34 12.22 -4.84
C LEU B 794 -49.59 13.52 -4.66
N LEU B 795 -48.42 13.65 -5.28
CA LEU B 795 -47.60 14.85 -5.13
C LEU B 795 -48.33 16.06 -5.69
N ASN B 796 -48.36 17.14 -4.92
CA ASN B 796 -48.99 18.37 -5.37
C ASN B 796 -47.96 19.28 -6.02
N PRO B 797 -48.08 19.57 -7.31
CA PRO B 797 -47.11 20.45 -7.97
C PRO B 797 -47.23 21.87 -7.48
N ARG B 798 -46.26 22.69 -7.87
CA ARG B 798 -46.18 24.11 -7.50
C ARG B 798 -46.17 24.29 -5.99
N MET B 799 -45.46 23.42 -5.27
CA MET B 799 -45.30 23.52 -3.83
C MET B 799 -43.83 23.38 -3.49
N ILE B 800 -43.30 24.35 -2.76
CA ILE B 800 -41.85 24.49 -2.62
C ILE B 800 -41.29 23.38 -1.73
N VAL B 801 -40.08 22.93 -2.06
CA VAL B 801 -39.36 21.93 -1.29
C VAL B 801 -37.94 22.42 -1.05
N ASP B 802 -37.45 22.25 0.18
CA ASP B 802 -36.13 22.72 0.58
C ASP B 802 -35.14 21.57 0.52
N VAL B 803 -34.06 21.75 -0.24
CA VAL B 803 -33.00 20.76 -0.37
C VAL B 803 -31.73 21.17 0.31
N THR B 804 -31.70 22.33 0.97
CA THR B 804 -30.49 22.76 1.66
C THR B 804 -30.06 21.83 2.79
N PRO B 805 -30.92 21.41 3.71
CA PRO B 805 -30.44 20.59 4.84
C PRO B 805 -29.82 19.26 4.42
N TYR B 806 -30.21 18.71 3.28
CA TYR B 806 -29.81 17.36 2.91
C TYR B 806 -28.70 17.30 1.86
N MET B 807 -28.35 18.42 1.23
CA MET B 807 -27.31 18.40 0.21
C MET B 807 -25.93 18.23 0.86
N ASN B 808 -24.93 18.04 0.03
CA ASN B 808 -23.55 17.99 0.47
C ASN B 808 -22.94 19.38 0.31
N PRO B 809 -22.90 20.19 1.38
CA PRO B 809 -22.54 21.60 1.21
C PRO B 809 -21.09 21.83 0.83
N SER B 810 -20.22 20.84 1.01
CA SER B 810 -18.78 21.01 0.80
C SER B 810 -18.21 19.84 -0.01
N PRO B 811 -18.54 19.76 -1.30
CA PRO B 811 -17.90 18.75 -2.15
C PRO B 811 -16.55 19.22 -2.65
N PHE B 812 -15.75 18.27 -3.11
CA PHE B 812 -14.45 18.60 -3.68
C PHE B 812 -14.62 19.33 -5.00
N THR B 813 -13.92 20.45 -5.15
CA THR B 813 -14.05 21.30 -6.33
C THR B 813 -12.68 21.55 -6.93
N VAL B 814 -12.66 21.84 -8.23
CA VAL B 814 -11.43 22.16 -8.95
C VAL B 814 -11.64 23.42 -9.75
N SER B 815 -10.55 24.12 -10.03
CA SER B 815 -10.57 25.31 -10.85
C SER B 815 -10.52 24.93 -12.33
N PRO B 816 -11.05 25.77 -13.21
CA PRO B 816 -10.95 25.49 -14.65
C PRO B 816 -9.52 25.51 -15.16
N ASN B 817 -8.58 26.05 -14.40
CA ASN B 817 -7.18 26.06 -14.81
C ASN B 817 -6.40 24.83 -14.36
N THR B 818 -7.01 23.95 -13.56
CA THR B 818 -6.31 22.74 -13.14
C THR B 818 -6.04 21.86 -14.35
N HIS B 819 -4.92 21.14 -14.31
CA HIS B 819 -4.56 20.24 -15.39
C HIS B 819 -5.16 18.85 -15.13
N VAL B 820 -5.18 18.03 -16.18
CA VAL B 820 -5.85 16.74 -16.10
C VAL B 820 -5.18 15.83 -15.07
N SER B 821 -3.89 16.02 -14.81
CA SER B 821 -3.21 15.17 -13.83
C SER B 821 -3.83 15.33 -12.44
N GLN B 822 -4.01 16.58 -11.99
CA GLN B 822 -4.58 16.81 -10.66
C GLN B 822 -6.03 16.37 -10.59
N VAL B 823 -6.81 16.64 -11.64
CA VAL B 823 -8.20 16.24 -11.66
C VAL B 823 -8.32 14.72 -11.58
N PHE B 824 -7.51 14.01 -12.37
CA PHE B 824 -7.51 12.56 -12.32
C PHE B 824 -7.07 12.05 -10.96
N ASN B 825 -6.07 12.70 -10.36
CA ASN B 825 -5.59 12.27 -9.05
C ASN B 825 -6.70 12.38 -8.00
N LEU B 826 -7.40 13.51 -7.97
CA LEU B 826 -8.52 13.65 -7.03
C LEU B 826 -9.61 12.63 -7.33
N PHE B 827 -10.00 12.50 -8.60
CA PHE B 827 -11.12 11.63 -8.93
C PHE B 827 -10.81 10.16 -8.66
N ARG B 828 -9.53 9.79 -8.73
CA ARG B 828 -9.14 8.40 -8.54
C ARG B 828 -8.89 8.09 -7.08
N THR B 829 -8.00 8.84 -6.43
CA THR B 829 -7.59 8.48 -5.07
C THR B 829 -8.69 8.76 -4.05
N MET B 830 -9.35 9.92 -4.14
CA MET B 830 -10.46 10.19 -3.24
C MET B 830 -11.65 9.29 -3.49
N GLY B 831 -11.71 8.61 -4.64
CA GLY B 831 -12.87 7.81 -4.97
C GLY B 831 -14.12 8.62 -5.17
N LEU B 832 -13.98 9.92 -5.42
CA LEU B 832 -15.14 10.79 -5.47
C LEU B 832 -15.88 10.65 -6.79
N ARG B 833 -17.03 11.31 -6.86
CA ARG B 833 -17.93 11.25 -7.99
C ARG B 833 -18.56 12.62 -8.18
N HIS B 834 -18.77 13.00 -9.44
CA HIS B 834 -19.37 14.29 -9.80
C HIS B 834 -18.54 15.45 -9.23
N LEU B 835 -17.34 15.56 -9.76
CA LEU B 835 -16.45 16.66 -9.40
C LEU B 835 -16.88 17.94 -10.14
N PRO B 836 -17.27 19.00 -9.43
CA PRO B 836 -17.66 20.23 -10.12
C PRO B 836 -16.50 21.20 -10.31
N VAL B 837 -16.47 21.82 -11.47
CA VAL B 837 -15.44 22.80 -11.84
C VAL B 837 -16.03 24.19 -11.65
N VAL B 838 -15.40 24.98 -10.78
CA VAL B 838 -15.88 26.30 -10.38
C VAL B 838 -14.75 27.30 -10.60
N ASN B 839 -15.07 28.43 -11.23
CA ASN B 839 -14.06 29.42 -11.58
C ASN B 839 -13.75 30.31 -10.36
N ALA B 840 -13.00 31.38 -10.60
CA ALA B 840 -12.52 32.25 -9.53
C ALA B 840 -13.57 33.23 -9.02
N VAL B 841 -14.73 33.30 -9.67
CA VAL B 841 -15.81 34.17 -9.19
C VAL B 841 -16.78 33.39 -8.31
N GLY B 842 -16.59 32.09 -8.16
CA GLY B 842 -17.50 31.26 -7.39
C GLY B 842 -18.62 30.63 -8.19
N GLU B 843 -18.73 30.96 -9.47
CA GLU B 843 -19.76 30.39 -10.34
C GLU B 843 -19.33 29.02 -10.80
N ILE B 844 -20.25 28.06 -10.78
CA ILE B 844 -19.96 26.75 -11.32
C ILE B 844 -19.87 26.84 -12.84
N VAL B 845 -18.77 26.34 -13.40
CA VAL B 845 -18.55 26.43 -14.84
C VAL B 845 -18.64 25.06 -15.51
N GLY B 846 -18.58 23.97 -14.76
CA GLY B 846 -18.76 22.67 -15.40
C GLY B 846 -18.88 21.55 -14.39
N ILE B 847 -19.07 20.35 -14.92
CA ILE B 847 -19.18 19.13 -14.12
C ILE B 847 -18.37 18.04 -14.80
N ILE B 848 -17.74 17.18 -13.99
CA ILE B 848 -16.87 16.11 -14.50
C ILE B 848 -17.24 14.82 -13.78
N THR B 849 -17.42 13.75 -14.54
CA THR B 849 -17.65 12.43 -13.95
C THR B 849 -16.62 11.45 -14.50
N ARG B 850 -16.82 10.17 -14.22
CA ARG B 850 -15.90 9.15 -14.72
C ARG B 850 -15.87 9.12 -16.23
N HIS B 851 -17.02 9.33 -16.88
CA HIS B 851 -17.09 9.29 -18.34
C HIS B 851 -16.25 10.37 -18.98
N ASN B 852 -15.93 11.43 -18.23
CA ASN B 852 -15.07 12.49 -18.74
C ASN B 852 -13.59 12.21 -18.57
N LEU B 853 -13.25 11.16 -17.82
CA LEU B 853 -11.85 10.85 -17.52
C LEU B 853 -11.43 9.48 -18.06
N THR B 854 -12.23 8.85 -18.91
CA THR B 854 -11.84 7.60 -19.51
C THR B 854 -10.73 7.83 -20.54
N TYR B 855 -9.97 6.77 -20.81
CA TYR B 855 -8.81 6.89 -21.70
C TYR B 855 -9.21 7.33 -23.10
N GLU B 856 -10.31 6.78 -23.62
CA GLU B 856 -10.76 7.15 -24.96
C GLU B 856 -11.16 8.62 -25.02
N PHE B 857 -11.85 9.11 -23.98
CA PHE B 857 -12.24 10.51 -23.95
C PHE B 857 -11.02 11.43 -23.93
N LEU B 858 -10.02 11.08 -23.11
CA LEU B 858 -8.80 11.89 -23.06
C LEU B 858 -8.07 11.87 -24.39
N GLN B 859 -8.00 10.71 -25.04
CA GLN B 859 -7.34 10.64 -26.34
C GLN B 859 -8.07 11.49 -27.37
N ALA B 860 -9.39 11.41 -27.42
CA ALA B 860 -10.16 12.20 -28.37
C ALA B 860 -9.98 13.69 -28.11
N ARG B 861 -10.04 14.10 -26.84
CA ARG B 861 -9.90 15.52 -26.52
C ARG B 861 -8.50 16.02 -26.82
N LEU B 862 -7.47 15.19 -26.59
CA LEU B 862 -6.11 15.59 -26.92
C LEU B 862 -5.93 15.71 -28.42
N ARG B 863 -6.52 14.79 -29.19
CA ARG B 863 -6.46 14.91 -30.65
C ARG B 863 -7.14 16.18 -31.12
N GLN B 864 -8.31 16.50 -30.55
CA GLN B 864 -8.98 17.74 -30.91
C GLN B 864 -8.14 18.96 -30.54
N HIS B 865 -7.50 18.92 -29.38
CA HIS B 865 -6.64 20.04 -28.97
C HIS B 865 -5.47 20.22 -29.93
N TYR B 866 -4.86 19.12 -30.37
CA TYR B 866 -3.80 19.20 -31.37
C TYR B 866 -4.32 19.76 -32.67
N GLN B 867 -5.50 19.31 -33.11
CA GLN B 867 -6.04 19.75 -34.39
C GLN B 867 -6.37 21.24 -34.37
N THR B 868 -6.95 21.73 -33.26
CA THR B 868 -7.36 23.13 -33.21
C THR B 868 -6.17 24.08 -33.30
N ILE B 869 -5.08 23.77 -32.60
CA ILE B 869 -3.90 24.62 -32.61
C ILE B 869 -2.97 24.23 -33.75
CL CL C . 15.72 1.48 15.50
CL CL D . 18.04 -1.95 14.68
MG MG E . 8.26 27.87 9.06
PG ATP F . 5.18 25.18 6.82
O1G ATP F . 6.30 25.02 5.86
O2G ATP F . 3.96 24.30 6.49
O3G ATP F . 5.58 24.94 8.28
PB ATP F . 5.14 28.15 6.94
O1B ATP F . 5.04 28.90 5.67
O2B ATP F . 6.53 28.08 7.57
O3B ATP F . 4.62 26.66 6.79
PA ATP F . 4.28 29.64 9.33
O1A ATP F . 5.13 30.83 9.09
O2A ATP F . 4.75 28.73 10.47
O3A ATP F . 4.15 28.74 8.04
O5' ATP F . 2.79 30.04 9.63
C5' ATP F . 2.22 29.93 10.95
C4' ATP F . 0.74 30.21 10.87
O4' ATP F . 0.48 31.17 9.81
C3' ATP F . -0.13 28.99 10.57
O3' ATP F . -1.38 29.09 11.23
C2' ATP F . -0.29 29.08 9.04
O2' ATP F . -1.48 28.45 8.61
C1' ATP F . -0.38 30.59 8.84
N9 ATP F . 0.05 31.05 7.52
C8 ATP F . 0.79 30.36 6.61
N7 ATP F . 1.02 31.01 5.50
C5 ATP F . 0.38 32.22 5.69
C6 ATP F . 0.24 33.37 4.89
N6 ATP F . 0.77 33.49 3.67
N1 ATP F . -0.45 34.41 5.39
C2 ATP F . -0.98 34.30 6.61
N3 ATP F . -0.92 33.27 7.46
C4 ATP F . -0.22 32.26 6.94
MG MG G . -25.31 6.55 -15.62
CL CL H . -8.56 -15.93 -12.75
CL CL I . -7.46 -19.40 -10.61
PG ATP J . -21.65 8.09 -13.16
O1G ATP J . -22.38 7.42 -12.04
O2G ATP J . -20.28 8.64 -12.77
O3G ATP J . -21.50 7.20 -14.41
PB ATP J . -23.91 9.74 -14.20
O1B ATP J . -24.62 10.62 -13.25
O2B ATP J . -24.61 8.44 -14.57
O3B ATP J . -22.46 9.36 -13.68
PA ATP J . -24.18 10.53 -17.03
O1A ATP J . -25.65 10.62 -17.00
O2A ATP J . -23.60 9.33 -17.78
O3A ATP J . -23.58 10.50 -15.56
O5' ATP J . -23.53 11.84 -17.63
C5' ATP J . -22.89 11.84 -18.92
C4' ATP J . -22.19 13.15 -19.11
O4' ATP J . -22.92 14.20 -18.43
C3' ATP J . -20.76 13.22 -18.56
O3' ATP J . -19.94 14.05 -19.39
C2' ATP J . -20.96 13.84 -17.18
O2' ATP J . -19.80 14.51 -16.72
C1' ATP J . -22.10 14.82 -17.45
N9 ATP J . -22.92 15.14 -16.30
C8 ATP J . -22.99 14.45 -15.11
N7 ATP J . -23.81 14.97 -14.23
C5 ATP J . -24.32 16.09 -14.88
C6 ATP J . -25.25 17.07 -14.49
N6 ATP J . -25.85 17.09 -13.30
N1 ATP J . -25.54 18.05 -15.38
C2 ATP J . -24.93 18.03 -16.57
N3 ATP J . -24.04 17.16 -17.05
C4 ATP J . -23.78 16.20 -16.15
#